data_6MAM
#
_entry.id   6MAM
#
_cell.length_a   182.273
_cell.length_b   182.273
_cell.length_c   262.012
_cell.angle_alpha   90.00
_cell.angle_beta   90.00
_cell.angle_gamma   90.00
#
_symmetry.space_group_name_H-M   'P 43 2 2'
#
loop_
_entity.id
_entity.type
_entity.pdbx_description
1 polymer 'ADI-15946 Fab Heavy Chain'
2 polymer 'ADI-15946 Fab Light Chain'
3 polymer 'Envelope glycoprotein'
4 polymer 'Envelope glycoprotein'
5 branched alpha-D-mannopyranose-(1-3)-[alpha-D-mannopyranose-(1-6)]beta-D-mannopyranose-(1-4)-2-acetamido-2-deoxy-beta-D-glucopyranose-(1-4)-2-acetamido-2-deoxy-beta-D-glucopyranose
6 branched alpha-D-mannopyranose-(1-3)-beta-D-mannopyranose-(1-4)-2-acetamido-2-deoxy-beta-D-glucopyranose-(1-4)-2-acetamido-2-deoxy-beta-D-glucopyranose
#
loop_
_entity_poly.entity_id
_entity_poly.type
_entity_poly.pdbx_seq_one_letter_code
_entity_poly.pdbx_strand_id
1 'polypeptide(L)'
;EVQLVESGGGLVKPGGSLRLSCAASGFTFSNAWMSWVRQAPGKGLEWVGRIKSKTDGGTIDYAAPVKGRFTISRDDSKNT
VYLQMTSLKTEDTAVYYCTTYTEDMRYFDWLLRGGETFDYWGQGTLVTVSSASTKGPSVFPLAPSSKSTSGGTAALGCLV
KDYFPEPVTVSWNSGALTSGVHTFPAVLQSSGLYSLSSVVTVPSSSLGTQTYICNVNHKPSNTKVDKKVEPKSCDLEVDD
DD
;
A,C,E
2 'polypeptide(L)'
;DIRLTQSPSSLSASVGDRVTITCRASHYISTYLNWYQQKPGKAPKLLIYAASNLQSGVPSRFSGSGFGTDFSLTISSLQP
EDFATYHCQQSYSTPGRYTFGQGTKVEIKRTVAAPSVFIFPPSDEQLKSGTASVVCLLNNFYPREAKVQWKVDNALQSGN
SQESVTEQDSKDSTYSLSSTLTLSKADYEKHKVYACEVTHQGLRSPVTKSFNRGEC
;
B,D,F
3 'polypeptide(L)'
;SIPLGVIHNSTLQVSDVDKLVCRDKLSSTNQLRSVGLNLEGNGVATDVPSATKRWGFRSGVPPKVVNYEAGEWAENCYNL
EIKKPDGSECLPAAPDGIRGFPRCRYVHKVSGTGPCAGDFAFHKEGAFFLYDRLASTVIYRGTTFAEGVVAFLILPQAKK
DFFSSHPLREPVNATEDPSSGYYSTTIRYQATGFGNTHHQDTGEESASSGKLGLITNTIAGVAGLITGGRRTRR
;
G,I,K
4 'polypeptide(L)'
;EAIVNAQPKCNPNLHYWTTQDEGAAIGLAWIPYFGPAAEGIYIEGLMHNQDGLICGLRQLANETTQALQLFLRATTELRT
FSILNRKAIDFLLQRWGGTCHILGPDCCIE
;
H,J,L
#
# COMPACT_ATOMS: atom_id res chain seq x y z
N GLU A 1 53.77 2.59 -6.71
CA GLU A 1 53.61 4.01 -6.37
C GLU A 1 54.31 4.35 -5.06
N VAL A 2 54.14 3.47 -4.06
CA VAL A 2 54.72 3.64 -2.73
C VAL A 2 55.92 2.71 -2.61
N GLN A 3 57.01 3.22 -2.07
CA GLN A 3 58.21 2.40 -1.88
C GLN A 3 58.85 2.70 -0.54
N LEU A 4 59.34 1.63 0.10
CA LEU A 4 60.07 1.68 1.35
C LEU A 4 61.39 0.97 1.16
N VAL A 5 62.47 1.54 1.71
CA VAL A 5 63.82 1.01 1.54
C VAL A 5 64.45 0.86 2.91
N GLU A 6 64.90 -0.36 3.22
CA GLU A 6 65.64 -0.62 4.44
C GLU A 6 67.14 -0.59 4.15
N SER A 7 67.91 -0.12 5.14
CA SER A 7 69.35 -0.05 4.98
C SER A 7 70.01 -0.07 6.35
N GLY A 8 71.29 -0.43 6.36
CA GLY A 8 72.08 -0.48 7.58
C GLY A 8 72.40 -1.87 8.08
N GLY A 9 71.91 -2.92 7.42
CA GLY A 9 72.20 -4.27 7.88
C GLY A 9 73.64 -4.67 7.60
N GLY A 10 74.15 -5.56 8.43
CA GLY A 10 75.51 -6.01 8.28
C GLY A 10 75.90 -6.94 9.41
N LEU A 11 77.18 -7.32 9.42
CA LEU A 11 77.71 -8.18 10.47
C LEU A 11 78.10 -7.32 11.68
N VAL A 12 77.65 -7.74 12.86
CA VAL A 12 77.97 -7.06 14.11
C VAL A 12 78.30 -8.12 15.15
N LYS A 13 79.29 -7.84 15.99
CA LYS A 13 79.69 -8.79 17.02
C LYS A 13 78.69 -8.79 18.17
N PRO A 14 78.57 -9.91 18.89
CA PRO A 14 77.59 -9.96 19.98
C PRO A 14 77.90 -8.93 21.06
N GLY A 15 76.88 -8.15 21.41
CA GLY A 15 77.04 -7.06 22.35
C GLY A 15 77.23 -5.70 21.72
N GLY A 16 77.32 -5.62 20.39
CA GLY A 16 77.55 -4.36 19.72
C GLY A 16 76.26 -3.66 19.33
N SER A 17 76.42 -2.46 18.77
CA SER A 17 75.31 -1.63 18.35
C SER A 17 75.24 -1.56 16.83
N LEU A 18 74.06 -1.20 16.33
CA LEU A 18 73.84 -1.04 14.90
C LEU A 18 72.57 -0.22 14.69
N ARG A 19 72.58 0.60 13.65
CA ARG A 19 71.50 1.54 13.37
C ARG A 19 70.89 1.24 12.01
N LEU A 20 69.59 1.04 11.98
CA LEU A 20 68.85 0.72 10.75
C LEU A 20 67.98 1.90 10.33
N SER A 21 67.91 2.13 9.02
CA SER A 21 67.15 3.24 8.45
C SER A 21 66.11 2.73 7.47
N CYS A 22 64.94 3.38 7.48
CA CYS A 22 63.78 3.04 6.66
C CYS A 22 63.33 4.31 5.95
N ALA A 23 63.47 4.35 4.63
CA ALA A 23 63.04 5.48 3.84
C ALA A 23 61.71 5.18 3.16
N ALA A 24 60.80 6.15 3.16
CA ALA A 24 59.46 5.95 2.63
C ALA A 24 59.13 7.05 1.63
N SER A 25 58.39 6.69 0.59
CA SER A 25 57.91 7.70 -0.35
C SER A 25 56.66 7.18 -1.05
N GLY A 26 55.76 8.10 -1.38
CA GLY A 26 54.55 7.78 -2.12
C GLY A 26 53.26 7.86 -1.35
N PHE A 27 53.27 8.37 -0.11
CA PHE A 27 52.06 8.41 0.69
C PHE A 27 52.22 9.50 1.75
N THR A 28 51.22 9.63 2.60
CA THR A 28 51.25 10.58 3.71
C THR A 28 51.95 9.89 4.88
N PHE A 29 53.22 10.26 5.11
CA PHE A 29 54.02 9.57 6.11
C PHE A 29 53.64 9.97 7.53
N SER A 30 53.28 11.24 7.74
CA SER A 30 53.03 11.75 9.07
C SER A 30 51.76 11.19 9.71
N ASN A 31 50.89 10.54 8.93
CA ASN A 31 49.63 10.03 9.45
C ASN A 31 49.59 8.51 9.58
N ALA A 32 50.67 7.82 9.22
CA ALA A 32 50.69 6.37 9.24
C ALA A 32 51.52 5.85 10.41
N TRP A 33 51.11 4.71 10.95
CA TRP A 33 51.85 4.04 12.01
C TRP A 33 52.92 3.15 11.40
N MET A 34 54.08 3.10 12.06
CA MET A 34 55.21 2.34 11.56
C MET A 34 55.47 1.13 12.47
N SER A 35 56.09 0.10 11.89
CA SER A 35 56.37 -1.11 12.65
C SER A 35 57.59 -1.81 12.08
N TRP A 36 58.34 -2.45 12.97
CA TRP A 36 59.49 -3.28 12.61
C TRP A 36 59.19 -4.73 12.93
N VAL A 37 59.42 -5.61 11.96
CA VAL A 37 59.14 -7.05 12.10
C VAL A 37 60.38 -7.84 11.68
N ARG A 38 60.82 -8.76 12.54
CA ARG A 38 62.00 -9.58 12.26
C ARG A 38 61.57 -11.01 11.94
N GLN A 39 62.39 -11.68 11.12
CA GLN A 39 62.16 -13.07 10.75
C GLN A 39 63.42 -13.89 11.02
N ALA A 40 63.31 -14.87 11.91
CA ALA A 40 64.43 -15.75 12.19
C ALA A 40 64.68 -16.68 10.99
N PRO A 41 65.90 -17.21 10.86
CA PRO A 41 66.19 -18.11 9.73
C PRO A 41 65.34 -19.36 9.70
N GLY A 42 65.07 -19.97 10.85
CA GLY A 42 64.34 -21.22 10.90
C GLY A 42 63.06 -21.16 11.69
N LYS A 43 62.61 -19.95 12.00
CA LYS A 43 61.38 -19.72 12.75
C LYS A 43 60.44 -18.85 11.92
N GLY A 44 59.21 -18.72 12.38
CA GLY A 44 58.23 -17.90 11.69
C GLY A 44 58.46 -16.42 11.90
N LEU A 45 57.43 -15.64 11.60
CA LEU A 45 57.50 -14.20 11.75
C LEU A 45 57.27 -13.78 13.20
N GLU A 46 57.97 -12.74 13.63
CA GLU A 46 57.82 -12.22 14.99
C GLU A 46 57.87 -10.70 14.94
N TRP A 47 56.82 -10.07 15.46
CA TRP A 47 56.75 -8.61 15.49
C TRP A 47 57.74 -8.06 16.50
N VAL A 48 58.43 -6.98 16.12
CA VAL A 48 59.44 -6.38 16.99
C VAL A 48 58.89 -5.13 17.66
N GLY A 49 58.47 -4.15 16.84
CA GLY A 49 58.09 -2.89 17.46
C GLY A 49 57.09 -2.12 16.62
N ARG A 50 56.52 -1.10 17.25
CA ARG A 50 55.54 -0.24 16.60
C ARG A 50 55.64 1.15 17.18
N ILE A 51 55.50 2.16 16.31
CA ILE A 51 55.49 3.56 16.73
C ILE A 51 54.30 4.22 16.04
N LYS A 52 53.53 5.00 16.82
CA LYS A 52 52.34 5.65 16.31
C LYS A 52 52.72 6.89 15.51
N SER A 53 51.71 7.48 14.88
CA SER A 53 51.90 8.66 14.05
C SER A 53 52.00 9.92 14.89
N LYS A 54 52.37 11.02 14.22
CA LYS A 54 52.47 12.31 14.88
C LYS A 54 51.10 12.81 15.33
N THR A 55 50.06 12.56 14.54
CA THR A 55 48.72 12.99 14.90
C THR A 55 48.24 12.32 16.17
N ASP A 56 48.70 11.10 16.45
CA ASP A 56 48.36 10.40 17.67
C ASP A 56 49.43 10.69 18.72
N GLY A 57 49.36 10.01 19.87
CA GLY A 57 50.32 10.21 20.92
C GLY A 57 51.74 9.79 20.55
N GLY A 58 51.89 8.98 19.51
CA GLY A 58 53.20 8.55 19.06
C GLY A 58 53.92 7.67 20.06
N THR A 59 53.20 6.93 20.87
CA THR A 59 53.82 6.01 21.81
C THR A 59 54.34 4.78 21.09
N ILE A 60 55.44 4.23 21.61
CA ILE A 60 56.13 3.10 20.99
C ILE A 60 55.92 1.87 21.86
N ASP A 61 55.76 0.72 21.22
CA ASP A 61 55.59 -0.55 21.92
C ASP A 61 56.54 -1.57 21.33
N TYR A 62 57.08 -2.42 22.20
CA TYR A 62 58.08 -3.41 21.84
C TYR A 62 57.61 -4.81 22.23
N ALA A 63 58.32 -5.81 21.71
CA ALA A 63 58.04 -7.21 22.01
C ALA A 63 58.75 -7.65 23.29
N ALA A 64 58.33 -8.78 23.82
CA ALA A 64 58.87 -9.27 25.09
C ALA A 64 60.35 -9.60 25.01
N PRO A 65 60.84 -10.42 24.07
CA PRO A 65 62.29 -10.65 23.98
C PRO A 65 63.08 -9.45 23.51
N VAL A 66 62.42 -8.32 23.24
CA VAL A 66 63.05 -7.17 22.63
C VAL A 66 63.15 -5.97 23.57
N LYS A 67 62.28 -5.88 24.57
CA LYS A 67 62.24 -4.71 25.44
C LYS A 67 63.58 -4.47 26.11
N GLY A 68 63.97 -3.20 26.21
CA GLY A 68 65.17 -2.80 26.90
C GLY A 68 66.45 -2.80 26.08
N ARG A 69 66.41 -3.33 24.85
CA ARG A 69 67.60 -3.40 24.02
C ARG A 69 67.50 -2.63 22.72
N PHE A 70 66.31 -2.25 22.27
CA PHE A 70 66.11 -1.56 21.01
C PHE A 70 65.38 -0.24 21.25
N THR A 71 65.50 0.67 20.29
CA THR A 71 64.84 1.97 20.42
C THR A 71 64.47 2.51 19.05
N ILE A 72 63.19 2.83 18.85
CA ILE A 72 62.67 3.29 17.57
C ILE A 72 62.50 4.80 17.60
N SER A 73 62.73 5.44 16.46
CA SER A 73 62.50 6.87 16.31
C SER A 73 62.04 7.15 14.88
N ARG A 74 61.51 8.36 14.67
CA ARG A 74 61.02 8.72 13.35
C ARG A 74 61.28 10.20 13.08
N ASP A 75 61.54 10.51 11.83
CA ASP A 75 61.71 11.88 11.33
C ASP A 75 60.67 12.09 10.23
N ASP A 76 59.73 13.00 10.49
CA ASP A 76 58.67 13.28 9.52
C ASP A 76 59.11 14.25 8.45
N SER A 77 60.08 15.13 8.75
CA SER A 77 60.59 16.04 7.75
C SER A 77 61.40 15.32 6.67
N LYS A 78 61.95 14.15 6.99
CA LYS A 78 62.72 13.36 6.05
C LYS A 78 62.00 12.08 5.63
N ASN A 79 60.83 11.79 6.20
CA ASN A 79 60.07 10.58 5.91
C ASN A 79 60.93 9.34 6.15
N THR A 80 61.49 9.25 7.35
CA THR A 80 62.43 8.19 7.68
C THR A 80 62.11 7.64 9.07
N VAL A 81 62.40 6.35 9.27
CA VAL A 81 62.24 5.70 10.56
C VAL A 81 63.54 4.99 10.90
N TYR A 82 64.01 5.15 12.14
CA TYR A 82 65.28 4.60 12.56
C TYR A 82 65.08 3.60 13.68
N LEU A 83 65.90 2.55 13.69
CA LEU A 83 65.89 1.54 14.73
C LEU A 83 67.30 1.40 15.27
N GLN A 84 67.48 1.70 16.55
CA GLN A 84 68.78 1.64 17.20
C GLN A 84 68.87 0.36 18.02
N MET A 85 69.99 -0.35 17.90
CA MET A 85 70.17 -1.67 18.50
C MET A 85 71.45 -1.66 19.34
N THR A 86 71.30 -1.75 20.65
CA THR A 86 72.43 -1.77 21.57
C THR A 86 72.38 -3.05 22.41
N SER A 87 73.55 -3.55 22.80
CA SER A 87 73.69 -4.78 23.57
C SER A 87 73.00 -5.95 22.86
N LEU A 88 73.27 -6.07 21.57
CA LEU A 88 72.57 -7.03 20.74
C LEU A 88 73.04 -8.45 21.05
N LYS A 89 72.09 -9.37 21.13
CA LYS A 89 72.37 -10.76 21.47
C LYS A 89 72.35 -11.64 20.22
N THR A 90 73.01 -12.80 20.33
CA THR A 90 73.16 -13.70 19.19
C THR A 90 71.82 -14.18 18.63
N GLU A 91 70.75 -14.14 19.42
CA GLU A 91 69.46 -14.61 18.96
C GLU A 91 68.79 -13.66 17.97
N ASP A 92 69.35 -12.47 17.76
CA ASP A 92 68.74 -11.46 16.90
C ASP A 92 69.17 -11.58 15.44
N THR A 93 69.89 -12.63 15.07
CA THR A 93 70.19 -12.85 13.65
C THR A 93 68.87 -13.04 12.91
N ALA A 94 68.52 -12.10 12.04
CA ALA A 94 67.19 -12.14 11.44
C ALA A 94 67.15 -11.26 10.20
N VAL A 95 66.02 -11.36 9.50
CA VAL A 95 65.68 -10.50 8.38
C VAL A 95 64.75 -9.43 8.91
N TYR A 96 65.20 -8.18 8.89
CA TYR A 96 64.45 -7.06 9.42
C TYR A 96 63.65 -6.40 8.30
N TYR A 97 62.34 -6.26 8.52
CA TYR A 97 61.41 -5.64 7.59
C TYR A 97 60.79 -4.41 8.22
N CYS A 98 60.68 -3.35 7.41
CA CYS A 98 60.05 -2.09 7.82
C CYS A 98 58.67 -2.04 7.18
N THR A 99 57.64 -1.90 8.01
CA THR A 99 56.25 -1.97 7.55
C THR A 99 55.49 -0.72 7.99
N THR A 100 54.41 -0.44 7.26
CA THR A 100 53.60 0.75 7.44
C THR A 100 52.15 0.36 7.67
N TYR A 101 51.48 1.09 8.56
CA TYR A 101 50.04 0.96 8.81
C TYR A 101 49.42 2.29 8.38
N THR A 102 49.06 2.36 7.10
CA THR A 102 48.62 3.63 6.51
C THR A 102 47.31 4.09 7.14
N GLU A 103 47.02 5.39 6.97
CA GLU A 103 45.78 5.95 7.50
C GLU A 103 44.57 5.34 6.83
N ASP A 104 44.71 4.91 5.56
CA ASP A 104 43.60 4.29 4.86
C ASP A 104 43.24 2.95 5.48
N MET A 105 44.22 2.21 5.99
CA MET A 105 43.96 0.94 6.64
C MET A 105 43.51 1.11 8.08
N ARG A 106 44.00 2.15 8.78
CA ARG A 106 43.52 2.44 10.12
C ARG A 106 42.02 2.71 10.13
N TYR A 107 41.51 3.29 9.05
CA TYR A 107 40.10 3.66 8.96
C TYR A 107 39.17 2.46 9.02
N PHE A 108 39.67 1.26 8.76
CA PHE A 108 38.85 0.06 8.79
C PHE A 108 38.69 -0.55 10.18
N ASP A 109 39.54 -0.16 11.12
CA ASP A 109 39.41 -0.64 12.50
C ASP A 109 38.21 0.01 13.17
N TRP A 110 37.20 -0.78 13.50
CA TRP A 110 35.97 -0.27 14.10
C TRP A 110 35.84 -0.56 15.59
N LEU A 111 36.51 -1.59 16.11
CA LEU A 111 36.53 -1.82 17.55
C LEU A 111 37.56 -0.96 18.27
N LEU A 112 38.27 -0.09 17.55
CA LEU A 112 39.28 0.79 18.13
C LEU A 112 40.40 -0.02 18.77
N ARG A 113 40.79 -1.11 18.13
CA ARG A 113 41.83 -1.98 18.65
C ARG A 113 43.23 -1.48 18.28
N GLY A 114 44.17 -1.69 19.19
CA GLY A 114 45.53 -1.21 19.00
C GLY A 114 46.30 -1.95 17.93
N GLY A 115 45.99 -3.23 17.72
CA GLY A 115 46.70 -4.01 16.73
C GLY A 115 46.56 -3.44 15.34
N GLU A 116 47.53 -3.76 14.49
CA GLU A 116 47.60 -3.15 13.17
C GLU A 116 47.70 -4.22 12.08
N THR A 117 47.29 -3.82 10.88
CA THR A 117 47.42 -4.62 9.68
C THR A 117 48.52 -4.01 8.83
N PHE A 118 49.57 -4.76 8.56
CA PHE A 118 50.73 -4.21 7.87
C PHE A 118 50.36 -3.98 6.40
N ASP A 119 50.32 -2.70 6.00
CA ASP A 119 49.82 -2.36 4.68
C ASP A 119 50.85 -2.65 3.60
N TYR A 120 52.02 -2.02 3.72
CA TYR A 120 53.09 -2.17 2.75
C TYR A 120 54.35 -2.64 3.45
N TRP A 121 55.12 -3.46 2.75
CA TRP A 121 56.33 -4.07 3.29
C TRP A 121 57.52 -3.70 2.43
N GLY A 122 58.66 -3.48 3.09
CA GLY A 122 59.89 -3.24 2.38
C GLY A 122 60.65 -4.53 2.14
N GLN A 123 61.65 -4.45 1.25
CA GLN A 123 62.37 -5.66 0.88
C GLN A 123 63.15 -6.24 2.06
N GLY A 124 63.50 -5.42 3.03
CA GLY A 124 64.14 -5.91 4.23
C GLY A 124 65.64 -6.05 4.08
N THR A 125 66.33 -6.07 5.22
CA THR A 125 67.77 -6.22 5.26
C THR A 125 68.14 -7.36 6.19
N LEU A 126 69.35 -7.88 6.02
CA LEU A 126 69.83 -9.02 6.78
C LEU A 126 70.76 -8.54 7.89
N VAL A 127 70.48 -8.97 9.12
CA VAL A 127 71.31 -8.63 10.27
C VAL A 127 71.81 -9.93 10.88
N THR A 128 73.12 -10.17 10.79
CA THR A 128 73.76 -11.37 11.30
C THR A 128 74.76 -11.00 12.39
N VAL A 129 74.79 -11.82 13.45
CA VAL A 129 75.68 -11.62 14.59
C VAL A 129 76.50 -12.89 14.77
N SER A 130 77.81 -12.77 14.65
CA SER A 130 78.69 -13.91 14.78
C SER A 130 80.07 -13.43 15.16
N SER A 131 80.82 -14.33 15.81
CA SER A 131 82.16 -14.04 16.26
C SER A 131 83.21 -14.29 15.19
N ALA A 132 82.81 -14.28 13.93
CA ALA A 132 83.73 -14.47 12.80
C ALA A 132 83.90 -13.15 12.06
N SER A 133 85.04 -13.04 11.38
CA SER A 133 85.35 -11.82 10.65
C SER A 133 84.85 -11.90 9.21
N THR A 134 84.82 -10.74 8.56
CA THR A 134 84.39 -10.64 7.18
C THR A 134 85.50 -11.07 6.24
N LYS A 135 85.15 -11.81 5.19
CA LYS A 135 86.09 -12.22 4.16
C LYS A 135 85.48 -12.00 2.78
N GLY A 136 86.28 -11.45 1.88
CA GLY A 136 85.83 -11.19 0.53
C GLY A 136 85.60 -12.47 -0.25
N PRO A 137 84.65 -12.45 -1.18
CA PRO A 137 84.35 -13.63 -1.97
C PRO A 137 85.38 -13.88 -3.06
N SER A 138 85.56 -15.15 -3.40
CA SER A 138 86.41 -15.57 -4.50
C SER A 138 85.52 -16.03 -5.66
N VAL A 139 85.74 -15.45 -6.83
CA VAL A 139 84.91 -15.71 -8.01
C VAL A 139 85.74 -16.46 -9.02
N PHE A 140 85.27 -17.65 -9.41
CA PHE A 140 85.93 -18.49 -10.39
C PHE A 140 84.89 -18.87 -11.44
N PRO A 141 85.22 -18.77 -12.73
CA PRO A 141 84.23 -19.04 -13.78
C PRO A 141 83.98 -20.53 -13.96
N LEU A 142 82.79 -20.83 -14.47
CA LEU A 142 82.38 -22.19 -14.82
C LEU A 142 82.07 -22.17 -16.31
N ALA A 143 83.04 -22.60 -17.12
CA ALA A 143 83.02 -22.52 -18.57
C ALA A 143 82.11 -23.58 -19.17
N PRO A 144 81.51 -23.31 -20.32
CA PRO A 144 80.61 -24.30 -20.95
C PRO A 144 81.37 -25.22 -21.88
N SER A 145 80.74 -26.35 -22.18
CA SER A 145 81.33 -27.37 -23.03
C SER A 145 81.13 -27.04 -24.51
N GLY A 151 73.42 -26.28 -33.20
CA GLY A 151 72.33 -25.53 -32.61
C GLY A 151 71.59 -26.29 -31.52
N GLY A 152 72.20 -26.36 -30.34
CA GLY A 152 71.61 -27.06 -29.22
C GLY A 152 71.49 -26.19 -27.99
N THR A 153 71.36 -26.82 -26.82
CA THR A 153 71.28 -26.11 -25.55
C THR A 153 72.57 -26.29 -24.75
N ALA A 154 73.05 -25.20 -24.17
CA ALA A 154 74.26 -25.21 -23.35
C ALA A 154 74.00 -24.46 -22.05
N ALA A 155 74.82 -24.73 -21.05
CA ALA A 155 74.74 -24.09 -19.76
C ALA A 155 76.10 -23.55 -19.35
N LEU A 156 76.12 -22.36 -18.77
CA LEU A 156 77.36 -21.76 -18.28
C LEU A 156 77.11 -21.15 -16.91
N GLY A 157 78.18 -21.01 -16.13
CA GLY A 157 78.00 -20.58 -14.75
C GLY A 157 79.16 -19.78 -14.20
N CYS A 158 78.95 -19.29 -12.98
CA CYS A 158 79.95 -18.60 -12.18
C CYS A 158 79.89 -19.14 -10.76
N LEU A 159 81.06 -19.25 -10.14
CA LEU A 159 81.21 -19.83 -8.80
C LEU A 159 81.73 -18.78 -7.84
N VAL A 160 81.07 -18.66 -6.69
CA VAL A 160 81.49 -17.78 -5.61
C VAL A 160 81.77 -18.65 -4.39
N LYS A 161 82.95 -18.49 -3.80
CA LYS A 161 83.38 -19.37 -2.72
C LYS A 161 84.08 -18.55 -1.64
N ASP A 162 83.95 -19.03 -0.40
CA ASP A 162 84.68 -18.49 0.75
C ASP A 162 84.34 -17.03 1.00
N TYR A 163 83.05 -16.78 1.21
CA TYR A 163 82.55 -15.45 1.52
C TYR A 163 81.73 -15.49 2.79
N PHE A 164 81.86 -14.44 3.59
CA PHE A 164 81.12 -14.31 4.84
C PHE A 164 80.98 -12.83 5.19
N PRO A 165 79.78 -12.41 5.62
CA PRO A 165 78.57 -13.23 5.80
C PRO A 165 77.85 -13.62 4.50
N GLU A 166 76.61 -14.06 4.65
CA GLU A 166 75.79 -14.63 3.58
C GLU A 166 75.40 -13.63 2.48
N PRO A 167 74.98 -12.38 2.82
CA PRO A 167 74.47 -11.49 1.76
C PRO A 167 75.38 -11.31 0.56
N VAL A 168 75.01 -11.92 -0.56
CA VAL A 168 75.71 -11.77 -1.83
C VAL A 168 74.67 -11.76 -2.95
N THR A 169 74.93 -10.97 -3.99
CA THR A 169 74.03 -10.88 -5.13
C THR A 169 74.78 -11.08 -6.42
N VAL A 170 74.10 -11.72 -7.38
CA VAL A 170 74.66 -12.02 -8.69
C VAL A 170 73.69 -11.56 -9.76
N SER A 171 74.20 -10.79 -10.73
CA SER A 171 73.40 -10.30 -11.84
C SER A 171 74.19 -10.49 -13.13
N TRP A 172 73.58 -11.19 -14.09
CA TRP A 172 74.24 -11.51 -15.36
C TRP A 172 74.02 -10.40 -16.37
N ASN A 173 75.10 -9.92 -16.99
CA ASN A 173 75.05 -8.85 -17.99
C ASN A 173 74.37 -7.61 -17.45
N SER A 174 74.68 -7.27 -16.19
CA SER A 174 74.09 -6.11 -15.51
C SER A 174 72.56 -6.19 -15.51
N GLY A 175 72.05 -7.41 -15.36
CA GLY A 175 70.61 -7.63 -15.33
C GLY A 175 69.94 -7.73 -16.67
N ALA A 176 70.71 -7.71 -17.77
CA ALA A 176 70.11 -7.81 -19.11
C ALA A 176 69.63 -9.21 -19.45
N LEU A 177 70.16 -10.25 -18.80
CA LEU A 177 69.78 -11.63 -19.05
C LEU A 177 69.05 -12.16 -17.82
N THR A 178 67.72 -12.16 -17.87
CA THR A 178 66.91 -12.61 -16.75
C THR A 178 66.23 -13.96 -17.00
N SER A 179 66.15 -14.41 -18.23
CA SER A 179 65.48 -15.66 -18.55
C SER A 179 66.44 -16.84 -18.47
N GLY A 180 65.94 -17.97 -17.96
CA GLY A 180 66.75 -19.16 -17.84
C GLY A 180 67.88 -19.08 -16.83
N VAL A 181 67.87 -18.09 -15.95
CA VAL A 181 68.92 -17.90 -14.96
C VAL A 181 68.48 -18.52 -13.64
N HIS A 182 69.34 -19.36 -13.06
CA HIS A 182 69.08 -19.99 -11.77
C HIS A 182 70.27 -19.71 -10.84
N THR A 183 70.01 -18.96 -9.78
CA THR A 183 71.01 -18.68 -8.76
C THR A 183 70.68 -19.47 -7.50
N PHE A 184 71.58 -20.37 -7.12
CA PHE A 184 71.33 -21.28 -6.01
C PHE A 184 71.57 -20.58 -4.66
N PRO A 185 70.87 -21.01 -3.61
CA PRO A 185 71.09 -20.40 -2.29
C PRO A 185 72.45 -20.77 -1.71
N ALA A 186 72.86 -20.00 -0.71
CA ALA A 186 74.13 -20.22 -0.04
C ALA A 186 74.10 -21.51 0.77
N VAL A 187 75.27 -22.15 0.86
CA VAL A 187 75.45 -23.36 1.66
C VAL A 187 76.65 -23.16 2.56
N LEU A 188 76.47 -23.39 3.86
CA LEU A 188 77.53 -23.20 4.83
C LEU A 188 78.47 -24.40 4.79
N GLN A 189 79.76 -24.15 4.53
CA GLN A 189 80.74 -25.21 4.50
C GLN A 189 81.20 -25.57 5.90
N SER A 190 81.92 -26.69 6.02
CA SER A 190 82.43 -27.13 7.31
C SER A 190 83.47 -26.17 7.87
N SER A 191 84.11 -25.36 7.03
CA SER A 191 85.11 -24.41 7.49
C SER A 191 84.50 -23.15 8.08
N GLY A 192 83.20 -22.94 7.93
CA GLY A 192 82.54 -21.75 8.41
C GLY A 192 82.28 -20.68 7.38
N LEU A 193 82.69 -20.90 6.13
CA LEU A 193 82.46 -19.95 5.05
C LEU A 193 81.44 -20.51 4.07
N TYR A 194 80.81 -19.61 3.31
CA TYR A 194 79.72 -19.99 2.43
C TYR A 194 80.21 -20.23 1.00
N SER A 195 79.37 -20.89 0.22
CA SER A 195 79.65 -21.21 -1.17
C SER A 195 78.36 -21.12 -1.97
N LEU A 196 78.37 -20.33 -3.03
CA LEU A 196 77.21 -20.10 -3.88
C LEU A 196 77.60 -20.31 -5.33
N SER A 197 76.62 -20.76 -6.13
CA SER A 197 76.83 -21.00 -7.54
C SER A 197 75.68 -20.42 -8.35
N SER A 198 75.99 -19.81 -9.48
CA SER A 198 75.00 -19.22 -10.36
C SER A 198 75.14 -19.81 -11.75
N VAL A 199 74.01 -20.25 -12.33
CA VAL A 199 74.02 -20.91 -13.63
C VAL A 199 72.99 -20.24 -14.53
N VAL A 200 73.21 -20.38 -15.84
CA VAL A 200 72.27 -19.87 -16.83
C VAL A 200 72.34 -20.76 -18.05
N THR A 201 71.18 -21.05 -18.63
CA THR A 201 71.05 -21.89 -19.80
C THR A 201 70.74 -21.02 -21.02
N VAL A 202 71.52 -21.20 -22.08
CA VAL A 202 71.39 -20.45 -23.32
C VAL A 202 71.53 -21.40 -24.49
N PRO A 203 71.03 -21.02 -25.67
CA PRO A 203 71.24 -21.87 -26.84
C PRO A 203 72.72 -21.96 -27.19
N SER A 204 73.10 -23.09 -27.79
CA SER A 204 74.51 -23.34 -28.07
C SER A 204 75.06 -22.38 -29.11
N SER A 205 74.28 -22.08 -30.15
CA SER A 205 74.74 -21.19 -31.21
C SER A 205 75.01 -19.78 -30.73
N SER A 206 74.63 -19.43 -29.50
CA SER A 206 74.83 -18.11 -28.95
C SER A 206 76.12 -17.97 -28.15
N LEU A 207 76.89 -19.06 -28.01
CA LEU A 207 78.13 -18.97 -27.25
C LEU A 207 79.22 -18.22 -28.00
N GLY A 208 79.18 -18.24 -29.33
CA GLY A 208 80.18 -17.55 -30.12
C GLY A 208 79.83 -16.11 -30.42
N THR A 209 78.55 -15.75 -30.24
CA THR A 209 78.06 -14.42 -30.54
C THR A 209 77.86 -13.56 -29.30
N GLN A 210 77.30 -14.11 -28.24
CA GLN A 210 76.99 -13.36 -27.02
C GLN A 210 78.10 -13.53 -26.01
N THR A 211 78.54 -12.42 -25.41
CA THR A 211 79.51 -12.44 -24.32
C THR A 211 78.74 -12.40 -23.01
N TYR A 212 78.88 -13.44 -22.21
CA TYR A 212 78.16 -13.57 -20.94
C TYR A 212 79.11 -13.20 -19.80
N ILE A 213 78.70 -12.25 -18.99
CA ILE A 213 79.49 -11.78 -17.85
C ILE A 213 78.61 -11.84 -16.61
N CYS A 214 79.14 -12.42 -15.54
CA CYS A 214 78.47 -12.48 -14.26
C CYS A 214 79.00 -11.38 -13.35
N ASN A 215 78.08 -10.68 -12.69
CA ASN A 215 78.40 -9.56 -11.82
C ASN A 215 78.11 -10.00 -10.38
N VAL A 216 79.17 -10.17 -9.60
CA VAL A 216 79.05 -10.60 -8.21
C VAL A 216 79.30 -9.39 -7.32
N ASN A 217 78.33 -9.06 -6.49
CA ASN A 217 78.41 -7.95 -5.55
C ASN A 217 78.23 -8.47 -4.13
N HIS A 218 79.16 -8.11 -3.25
CA HIS A 218 79.15 -8.53 -1.85
C HIS A 218 79.34 -7.27 -1.00
N LYS A 219 78.26 -6.79 -0.40
CA LYS A 219 78.27 -5.53 0.34
C LYS A 219 79.01 -5.61 1.68
N PRO A 220 78.86 -6.68 2.47
CA PRO A 220 79.61 -6.74 3.75
C PRO A 220 81.10 -6.57 3.59
N SER A 221 81.74 -7.38 2.73
CA SER A 221 83.16 -7.22 2.47
C SER A 221 83.45 -6.11 1.48
N ASN A 222 82.41 -5.47 0.94
CA ASN A 222 82.56 -4.37 -0.02
C ASN A 222 83.39 -4.78 -1.23
N THR A 223 83.12 -5.99 -1.74
CA THR A 223 83.83 -6.55 -2.88
C THR A 223 82.85 -6.72 -4.03
N LYS A 224 83.05 -5.97 -5.11
CA LYS A 224 82.22 -6.05 -6.31
C LYS A 224 83.12 -6.43 -7.48
N VAL A 225 83.03 -7.68 -7.91
CA VAL A 225 83.86 -8.20 -8.98
C VAL A 225 82.98 -8.82 -10.06
N ASP A 226 83.33 -8.58 -11.31
CA ASP A 226 82.64 -9.14 -12.46
C ASP A 226 83.59 -10.01 -13.26
N LYS A 227 83.09 -11.13 -13.78
CA LYS A 227 83.92 -12.05 -14.52
C LYS A 227 83.20 -12.52 -15.78
N LYS A 228 83.94 -12.60 -16.88
CA LYS A 228 83.40 -13.03 -18.16
C LYS A 228 83.60 -14.53 -18.34
N VAL A 229 82.53 -15.23 -18.71
CA VAL A 229 82.58 -16.68 -18.91
C VAL A 229 82.67 -16.96 -20.40
N GLU A 230 83.64 -17.80 -20.78
CA GLU A 230 83.89 -18.16 -22.17
C GLU A 230 84.58 -19.52 -22.19
N PRO A 231 84.27 -20.37 -23.19
CA PRO A 231 84.88 -21.70 -23.26
C PRO A 231 86.37 -21.66 -23.61
N ASP B 1 48.50 -11.70 24.36
CA ASP B 1 48.30 -13.09 24.73
C ASP B 1 47.33 -13.77 23.77
N ILE B 2 47.75 -13.89 22.51
CA ILE B 2 46.94 -14.51 21.46
C ILE B 2 47.81 -15.52 20.72
N ARG B 3 47.28 -16.73 20.55
CA ARG B 3 47.99 -17.81 19.88
C ARG B 3 47.32 -18.10 18.55
N LEU B 4 48.09 -18.09 17.46
CA LEU B 4 47.60 -18.45 16.15
C LEU B 4 48.30 -19.72 15.67
N THR B 5 47.52 -20.63 15.11
CA THR B 5 48.03 -21.92 14.65
C THR B 5 47.47 -22.20 13.26
N GLN B 6 48.37 -22.40 12.29
CA GLN B 6 47.97 -22.67 10.92
C GLN B 6 47.92 -24.17 10.66
N SER B 7 47.15 -24.54 9.64
CA SER B 7 47.04 -25.94 9.23
C SER B 7 46.61 -26.05 7.76
N PRO B 8 47.30 -26.88 6.98
CA PRO B 8 48.46 -27.66 7.43
C PRO B 8 49.77 -26.87 7.34
N SER B 9 50.88 -27.54 7.66
CA SER B 9 52.18 -26.88 7.55
C SER B 9 52.70 -26.91 6.11
N SER B 10 52.47 -28.02 5.40
CA SER B 10 52.86 -28.16 4.01
C SER B 10 51.68 -28.66 3.20
N LEU B 11 51.67 -28.32 1.92
CA LEU B 11 50.56 -28.67 1.03
C LEU B 11 51.09 -28.89 -0.37
N SER B 12 50.57 -29.91 -1.04
CA SER B 12 50.94 -30.23 -2.42
C SER B 12 49.67 -30.44 -3.23
N ALA B 13 49.49 -29.61 -4.25
CA ALA B 13 48.30 -29.68 -5.09
C ALA B 13 48.66 -29.31 -6.53
N SER B 14 47.77 -29.65 -7.45
CA SER B 14 47.99 -29.41 -8.86
C SER B 14 47.46 -28.03 -9.26
N VAL B 15 47.80 -27.63 -10.48
CA VAL B 15 47.35 -26.34 -11.00
C VAL B 15 45.85 -26.41 -11.28
N GLY B 16 45.10 -25.51 -10.66
CA GLY B 16 43.66 -25.44 -10.84
C GLY B 16 42.82 -26.12 -9.78
N ASP B 17 43.44 -26.61 -8.71
CA ASP B 17 42.70 -27.27 -7.65
C ASP B 17 42.27 -26.26 -6.58
N ARG B 18 41.29 -26.68 -5.78
CA ARG B 18 40.78 -25.85 -4.69
C ARG B 18 41.64 -26.05 -3.45
N VAL B 19 42.31 -24.97 -3.02
CA VAL B 19 43.22 -25.01 -1.89
C VAL B 19 42.58 -24.28 -0.72
N THR B 20 42.71 -24.85 0.47
CA THR B 20 42.11 -24.29 1.68
C THR B 20 43.11 -24.41 2.83
N ILE B 21 43.43 -23.27 3.45
CA ILE B 21 44.33 -23.20 4.60
C ILE B 21 43.53 -22.67 5.78
N THR B 22 43.75 -23.25 6.95
CA THR B 22 43.01 -22.88 8.15
C THR B 22 43.92 -22.16 9.13
N CYS B 23 43.41 -21.09 9.73
CA CYS B 23 44.11 -20.34 10.77
C CYS B 23 43.22 -20.29 11.99
N ARG B 24 43.72 -20.80 13.11
CA ARG B 24 42.95 -20.89 14.34
C ARG B 24 43.52 -19.96 15.41
N ALA B 25 42.63 -19.29 16.13
CA ALA B 25 42.98 -18.35 17.18
C ALA B 25 42.57 -18.91 18.54
N SER B 26 43.29 -18.48 19.58
CA SER B 26 42.98 -18.92 20.93
C SER B 26 41.81 -18.14 21.51
N HIS B 27 41.84 -16.83 21.41
CA HIS B 27 40.78 -15.97 21.92
C HIS B 27 39.84 -15.55 20.79
N TYR B 28 38.76 -14.88 21.18
CA TYR B 28 37.77 -14.41 20.21
C TYR B 28 38.28 -13.17 19.48
N ILE B 29 38.06 -13.14 18.17
CA ILE B 29 38.50 -12.06 17.30
C ILE B 29 37.46 -11.85 16.21
N SER B 30 37.03 -10.61 16.03
CA SER B 30 35.98 -10.29 15.07
C SER B 30 36.62 -9.68 13.82
N THR B 31 37.10 -10.57 12.96
CA THR B 31 37.59 -10.22 11.62
C THR B 31 38.76 -9.23 11.68
N TYR B 32 39.74 -9.53 12.54
CA TYR B 32 41.01 -8.80 12.57
C TYR B 32 42.17 -9.62 12.03
N LEU B 33 41.90 -10.81 11.47
CA LEU B 33 42.96 -11.59 10.89
C LEU B 33 43.42 -10.95 9.58
N ASN B 34 44.65 -11.24 9.19
CA ASN B 34 45.20 -10.73 7.94
C ASN B 34 46.07 -11.80 7.30
N TRP B 35 45.90 -12.00 6.00
CA TRP B 35 46.66 -12.98 5.24
C TRP B 35 47.75 -12.30 4.42
N TYR B 36 48.99 -12.75 4.59
CA TYR B 36 50.15 -12.24 3.86
C TYR B 36 50.78 -13.36 3.06
N GLN B 37 51.16 -13.04 1.82
CA GLN B 37 51.86 -13.97 0.93
C GLN B 37 53.32 -13.56 0.82
N GLN B 38 54.22 -14.52 1.06
CA GLN B 38 55.66 -14.28 0.98
C GLN B 38 56.27 -15.26 -0.02
N LYS B 39 56.78 -14.72 -1.15
CA LYS B 39 57.53 -15.57 -2.06
C LYS B 39 58.99 -15.66 -1.64
N PRO B 40 59.63 -16.80 -1.87
CA PRO B 40 61.03 -16.97 -1.44
C PRO B 40 61.95 -15.93 -2.07
N GLY B 41 62.80 -15.34 -1.23
CA GLY B 41 63.74 -14.33 -1.67
C GLY B 41 63.19 -12.93 -1.77
N LYS B 42 61.88 -12.75 -1.71
CA LYS B 42 61.24 -11.44 -1.78
C LYS B 42 60.57 -11.12 -0.45
N ALA B 43 60.03 -9.91 -0.37
CA ALA B 43 59.36 -9.47 0.85
C ALA B 43 57.94 -10.02 0.90
N PRO B 44 57.39 -10.20 2.11
CA PRO B 44 55.99 -10.63 2.22
C PRO B 44 55.06 -9.60 1.60
N LYS B 45 54.09 -10.10 0.83
CA LYS B 45 53.13 -9.26 0.12
C LYS B 45 51.74 -9.47 0.71
N LEU B 46 51.10 -8.37 1.10
CA LEU B 46 49.79 -8.44 1.74
C LEU B 46 48.72 -8.88 0.75
N LEU B 47 47.97 -9.92 1.11
CA LEU B 47 46.86 -10.39 0.28
C LEU B 47 45.50 -9.96 0.82
N ILE B 48 45.21 -10.24 2.09
CA ILE B 48 43.87 -10.02 2.64
C ILE B 48 43.96 -9.24 3.94
N TYR B 49 43.13 -8.21 4.04
CA TYR B 49 42.99 -7.41 5.25
C TYR B 49 41.61 -7.69 5.85
N ALA B 50 41.55 -7.77 7.17
CA ALA B 50 40.33 -8.13 7.91
C ALA B 50 39.87 -9.49 7.37
N ALA B 51 38.58 -9.70 7.13
CA ALA B 51 38.08 -10.98 6.66
C ALA B 51 37.50 -10.83 5.26
N SER B 52 37.88 -11.73 4.36
CA SER B 52 37.32 -11.86 3.02
C SER B 52 37.51 -10.60 2.17
N ASN B 53 38.42 -9.71 2.56
CA ASN B 53 38.62 -8.44 1.87
C ASN B 53 39.93 -8.49 1.11
N LEU B 54 39.87 -8.24 -0.20
CA LEU B 54 41.04 -8.31 -1.06
C LEU B 54 41.66 -6.93 -1.23
N GLN B 55 42.99 -6.86 -1.09
CA GLN B 55 43.71 -5.64 -1.36
C GLN B 55 43.72 -5.33 -2.85
N SER B 56 43.69 -4.03 -3.17
CA SER B 56 43.68 -3.61 -4.57
C SER B 56 44.90 -4.15 -5.31
N GLY B 57 44.65 -4.83 -6.42
CA GLY B 57 45.68 -5.45 -7.22
C GLY B 57 45.78 -6.96 -7.06
N VAL B 58 45.27 -7.50 -5.96
CA VAL B 58 45.28 -8.95 -5.76
C VAL B 58 44.23 -9.59 -6.68
N PRO B 59 44.55 -10.66 -7.40
CA PRO B 59 43.56 -11.28 -8.29
C PRO B 59 42.38 -11.85 -7.49
N SER B 60 41.27 -12.08 -8.21
CA SER B 60 40.03 -12.50 -7.58
C SER B 60 40.03 -13.96 -7.14
N ARG B 61 41.02 -14.75 -7.58
CA ARG B 61 41.02 -16.17 -7.23
C ARG B 61 41.30 -16.37 -5.73
N PHE B 62 41.98 -15.43 -5.09
CA PHE B 62 42.18 -15.49 -3.66
C PHE B 62 40.89 -15.09 -2.94
N SER B 63 40.58 -15.76 -1.85
CA SER B 63 39.39 -15.43 -1.09
C SER B 63 39.58 -15.80 0.37
N GLY B 64 39.03 -14.98 1.26
CA GLY B 64 39.03 -15.24 2.68
C GLY B 64 37.63 -15.54 3.17
N SER B 65 37.56 -16.09 4.37
CA SER B 65 36.28 -16.44 4.97
C SER B 65 36.49 -16.73 6.44
N GLY B 66 35.40 -16.63 7.20
CA GLY B 66 35.41 -17.02 8.59
C GLY B 66 35.44 -15.83 9.53
N PHE B 67 35.06 -16.10 10.79
CA PHE B 67 35.12 -15.11 11.85
C PHE B 67 35.34 -15.85 13.17
N GLY B 68 35.47 -15.08 14.25
CA GLY B 68 35.67 -15.67 15.56
C GLY B 68 37.04 -16.28 15.76
N THR B 69 37.08 -17.58 16.03
CA THR B 69 38.33 -18.28 16.31
C THR B 69 38.91 -18.98 15.09
N ASP B 70 38.08 -19.34 14.11
CA ASP B 70 38.53 -20.08 12.94
C ASP B 70 38.44 -19.20 11.71
N PHE B 71 39.42 -19.32 10.82
CA PHE B 71 39.46 -18.56 9.59
C PHE B 71 39.98 -19.46 8.46
N SER B 72 39.47 -19.20 7.26
CA SER B 72 39.77 -20.02 6.09
C SER B 72 40.25 -19.15 4.95
N LEU B 73 41.36 -19.54 4.34
CA LEU B 73 41.86 -18.93 3.11
C LEU B 73 41.72 -19.94 1.99
N THR B 74 41.18 -19.50 0.87
CA THR B 74 40.85 -20.40 -0.23
C THR B 74 41.35 -19.82 -1.55
N ILE B 75 42.09 -20.64 -2.30
CA ILE B 75 42.44 -20.35 -3.68
C ILE B 75 41.59 -21.27 -4.55
N SER B 76 40.81 -20.66 -5.44
CA SER B 76 39.88 -21.44 -6.27
C SER B 76 40.63 -22.34 -7.24
N SER B 77 41.50 -21.75 -8.07
CA SER B 77 42.28 -22.49 -9.05
C SER B 77 43.74 -22.09 -8.91
N LEU B 78 44.59 -23.07 -8.61
CA LEU B 78 46.01 -22.79 -8.44
C LEU B 78 46.62 -22.30 -9.75
N GLN B 79 47.68 -21.51 -9.61
CA GLN B 79 48.42 -20.99 -10.74
C GLN B 79 49.91 -21.09 -10.43
N PRO B 80 50.77 -21.10 -11.45
CA PRO B 80 52.21 -21.28 -11.19
C PRO B 80 52.81 -20.20 -10.29
N GLU B 81 52.39 -18.95 -10.43
CA GLU B 81 52.96 -17.87 -9.64
C GLU B 81 52.50 -17.89 -8.18
N ASP B 82 51.52 -18.72 -7.84
CA ASP B 82 50.99 -18.78 -6.48
C ASP B 82 51.90 -19.54 -5.52
N PHE B 83 53.01 -20.10 -6.00
CA PHE B 83 53.94 -20.82 -5.13
C PHE B 83 54.59 -19.84 -4.17
N ALA B 84 54.23 -19.94 -2.88
CA ALA B 84 54.77 -19.06 -1.86
C ALA B 84 54.39 -19.61 -0.50
N THR B 85 54.99 -19.03 0.54
CA THR B 85 54.64 -19.35 1.92
C THR B 85 53.67 -18.29 2.44
N TYR B 86 52.54 -18.75 2.97
CA TYR B 86 51.46 -17.86 3.41
C TYR B 86 51.40 -17.83 4.93
N HIS B 87 51.13 -16.65 5.48
CA HIS B 87 51.09 -16.45 6.92
C HIS B 87 49.80 -15.71 7.29
N CYS B 88 49.26 -16.05 8.46
CA CYS B 88 48.11 -15.35 9.03
C CYS B 88 48.54 -14.65 10.30
N GLN B 89 48.20 -13.38 10.42
CA GLN B 89 48.61 -12.54 11.55
C GLN B 89 47.39 -11.79 12.08
N GLN B 90 47.23 -11.77 13.40
CA GLN B 90 46.10 -11.10 14.02
C GLN B 90 46.43 -9.63 14.28
N SER B 91 45.40 -8.80 14.23
CA SER B 91 45.52 -7.37 14.53
C SER B 91 44.52 -6.94 15.60
N TYR B 92 44.03 -7.88 16.40
CA TYR B 92 43.03 -7.56 17.42
C TYR B 92 43.65 -6.85 18.62
N SER B 93 44.84 -7.27 19.05
CA SER B 93 45.51 -6.65 20.18
C SER B 93 46.93 -6.25 19.78
N THR B 94 47.63 -5.59 20.70
CA THR B 94 49.04 -5.33 20.49
C THR B 94 49.78 -6.66 20.31
N PRO B 95 50.56 -6.82 19.24
CA PRO B 95 51.08 -8.14 18.91
C PRO B 95 52.01 -8.70 19.98
N GLY B 96 51.79 -9.96 20.33
CA GLY B 96 52.67 -10.72 21.19
C GLY B 96 53.66 -11.51 20.36
N ARG B 97 54.27 -12.51 21.01
CA ARG B 97 55.27 -13.32 20.33
C ARG B 97 54.65 -14.32 19.35
N TYR B 98 53.53 -14.93 19.72
CA TYR B 98 52.88 -15.93 18.88
C TYR B 98 51.71 -15.38 18.08
N THR B 99 51.78 -14.10 17.69
CA THR B 99 50.69 -13.54 16.89
C THR B 99 50.76 -13.96 15.43
N PHE B 100 51.97 -14.17 14.91
CA PHE B 100 52.10 -14.64 13.55
C PHE B 100 52.00 -16.16 13.52
N GLY B 101 51.28 -16.67 12.53
CA GLY B 101 51.14 -18.11 12.38
C GLY B 101 52.47 -18.77 12.06
N GLN B 102 52.47 -20.09 12.22
CA GLN B 102 53.68 -20.86 11.92
C GLN B 102 54.02 -20.80 10.45
N GLY B 103 53.04 -20.64 9.58
CA GLY B 103 53.24 -20.50 8.16
C GLY B 103 52.82 -21.75 7.42
N THR B 104 52.33 -21.56 6.20
CA THR B 104 51.94 -22.67 5.33
C THR B 104 52.63 -22.51 3.99
N LYS B 105 53.47 -23.48 3.62
CA LYS B 105 54.21 -23.45 2.38
C LYS B 105 53.49 -24.32 1.35
N VAL B 106 53.03 -23.71 0.28
CA VAL B 106 52.29 -24.40 -0.78
C VAL B 106 53.27 -24.85 -1.85
N GLU B 107 53.11 -26.08 -2.32
CA GLU B 107 53.94 -26.63 -3.38
C GLU B 107 53.05 -27.13 -4.51
N ILE B 108 53.44 -26.82 -5.74
CA ILE B 108 52.63 -27.12 -6.92
C ILE B 108 52.99 -28.49 -7.45
N LYS B 109 51.97 -29.23 -7.89
CA LYS B 109 52.13 -30.55 -8.49
C LYS B 109 52.02 -30.43 -10.00
N ARG B 110 52.92 -31.09 -10.71
CA ARG B 110 52.95 -31.03 -12.17
C ARG B 110 53.36 -32.38 -12.74
N THR B 111 53.45 -32.43 -14.07
CA THR B 111 53.90 -33.63 -14.76
C THR B 111 55.36 -33.92 -14.46
N VAL B 112 55.72 -35.20 -14.58
CA VAL B 112 57.10 -35.61 -14.32
C VAL B 112 58.02 -34.97 -15.35
N ALA B 113 59.04 -34.25 -14.86
CA ALA B 113 59.97 -33.51 -15.71
C ALA B 113 61.34 -34.16 -15.64
N ALA B 114 61.95 -34.39 -16.80
CA ALA B 114 63.29 -34.97 -16.86
C ALA B 114 64.35 -33.92 -16.54
N PRO B 115 65.32 -34.22 -15.68
CA PRO B 115 66.33 -33.21 -15.33
C PRO B 115 67.38 -33.03 -16.41
N SER B 116 67.75 -31.78 -16.64
CA SER B 116 68.88 -31.43 -17.47
C SER B 116 70.15 -31.43 -16.62
N VAL B 117 71.14 -32.22 -17.04
CA VAL B 117 72.35 -32.46 -16.25
C VAL B 117 73.53 -31.86 -16.99
N PHE B 118 74.35 -31.11 -16.26
CA PHE B 118 75.59 -30.56 -16.79
C PHE B 118 76.68 -30.72 -15.75
N ILE B 119 77.94 -30.57 -16.18
CA ILE B 119 79.08 -30.70 -15.28
C ILE B 119 80.10 -29.62 -15.63
N PHE B 120 80.69 -29.01 -14.60
CA PHE B 120 81.64 -27.93 -14.77
C PHE B 120 82.92 -28.27 -14.02
N PRO B 121 84.05 -28.42 -14.69
CA PRO B 121 85.31 -28.66 -13.99
C PRO B 121 85.80 -27.38 -13.32
N PRO B 122 86.75 -27.48 -12.39
CA PRO B 122 87.26 -26.27 -11.75
C PRO B 122 88.09 -25.43 -12.71
N SER B 123 88.00 -24.12 -12.54
CA SER B 123 88.72 -23.18 -13.38
C SER B 123 90.19 -23.15 -13.01
N ASP B 124 90.99 -22.53 -13.88
CA ASP B 124 92.42 -22.41 -13.60
C ASP B 124 92.68 -21.41 -12.49
N GLU B 125 91.93 -20.30 -12.47
CA GLU B 125 92.08 -19.30 -11.42
C GLU B 125 91.81 -19.89 -10.04
N GLN B 126 90.96 -20.91 -9.97
CA GLN B 126 90.72 -21.58 -8.69
C GLN B 126 91.84 -22.56 -8.35
N LEU B 127 92.38 -23.25 -9.36
CA LEU B 127 93.52 -24.12 -9.13
C LEU B 127 94.77 -23.35 -8.71
N LYS B 128 94.85 -22.05 -9.04
CA LYS B 128 95.99 -21.26 -8.61
C LYS B 128 95.98 -21.04 -7.10
N SER B 129 94.81 -21.09 -6.47
CA SER B 129 94.71 -20.84 -5.03
C SER B 129 94.97 -22.09 -4.19
N GLY B 130 94.94 -23.28 -4.78
CA GLY B 130 95.17 -24.51 -4.06
C GLY B 130 93.94 -25.32 -3.72
N THR B 131 92.76 -24.92 -4.19
CA THR B 131 91.52 -25.64 -3.92
C THR B 131 90.78 -25.87 -5.23
N ALA B 132 90.10 -27.02 -5.32
CA ALA B 132 89.36 -27.41 -6.51
C ALA B 132 87.91 -27.68 -6.16
N SER B 133 87.00 -27.21 -7.02
CA SER B 133 85.57 -27.40 -6.82
C SER B 133 84.93 -27.75 -8.15
N VAL B 134 84.50 -29.01 -8.29
CA VAL B 134 83.77 -29.46 -9.47
C VAL B 134 82.28 -29.31 -9.20
N VAL B 135 81.53 -28.90 -10.22
CA VAL B 135 80.10 -28.62 -10.08
C VAL B 135 79.30 -29.60 -10.93
N CYS B 136 78.17 -30.06 -10.39
CA CYS B 136 77.22 -30.89 -11.12
C CYS B 136 75.86 -30.22 -11.01
N LEU B 137 75.27 -29.91 -12.17
CA LEU B 137 74.06 -29.09 -12.25
C LEU B 137 72.88 -29.92 -12.74
N LEU B 138 71.75 -29.81 -12.04
CA LEU B 138 70.49 -30.42 -12.44
C LEU B 138 69.44 -29.32 -12.49
N ASN B 139 68.72 -29.22 -13.61
CA ASN B 139 67.76 -28.13 -13.78
C ASN B 139 66.49 -28.66 -14.41
N ASN B 140 65.37 -28.06 -14.03
CA ASN B 140 64.08 -28.33 -14.67
C ASN B 140 63.63 -29.78 -14.47
N PHE B 141 63.37 -30.16 -13.21
CA PHE B 141 62.92 -31.50 -12.90
C PHE B 141 61.89 -31.47 -11.79
N TYR B 142 60.86 -32.30 -11.93
CA TYR B 142 59.85 -32.52 -10.89
C TYR B 142 59.62 -34.03 -10.77
N PRO B 143 59.47 -34.55 -9.54
CA PRO B 143 59.48 -33.84 -8.25
C PRO B 143 60.88 -33.47 -7.75
N ARG B 144 60.94 -32.91 -6.56
CA ARG B 144 62.21 -32.41 -6.01
C ARG B 144 63.14 -33.56 -5.65
N GLU B 145 62.60 -34.71 -5.29
CA GLU B 145 63.42 -35.83 -4.84
C GLU B 145 64.29 -36.36 -5.98
N ALA B 146 65.60 -36.41 -5.76
CA ALA B 146 66.54 -36.92 -6.75
C ALA B 146 67.80 -37.40 -6.04
N LYS B 147 68.53 -38.28 -6.71
CA LYS B 147 69.73 -38.88 -6.15
C LYS B 147 70.97 -38.44 -6.94
N VAL B 148 71.96 -37.90 -6.25
CA VAL B 148 73.22 -37.46 -6.84
C VAL B 148 74.35 -38.26 -6.22
N GLN B 149 75.19 -38.85 -7.08
CA GLN B 149 76.31 -39.68 -6.65
C GLN B 149 77.53 -39.34 -7.47
N TRP B 150 78.65 -39.07 -6.81
CA TRP B 150 79.91 -38.75 -7.45
C TRP B 150 80.80 -39.98 -7.59
N LYS B 151 81.44 -40.12 -8.76
CA LYS B 151 82.38 -41.19 -9.03
C LYS B 151 83.64 -40.61 -9.66
N VAL B 152 84.75 -40.68 -8.93
CA VAL B 152 86.05 -40.21 -9.40
C VAL B 152 86.89 -41.43 -9.74
N ASP B 153 87.23 -41.55 -11.02
CA ASP B 153 87.96 -42.71 -11.54
C ASP B 153 87.20 -43.96 -11.12
N ASN B 154 85.89 -43.96 -11.41
CA ASN B 154 85.00 -45.07 -11.09
C ASN B 154 85.07 -45.44 -9.62
N ALA B 155 85.29 -44.44 -8.76
CA ALA B 155 85.39 -44.63 -7.32
C ALA B 155 84.35 -43.76 -6.62
N LEU B 156 83.50 -44.39 -5.82
CA LEU B 156 82.44 -43.66 -5.14
C LEU B 156 83.01 -42.62 -4.21
N GLN B 157 82.43 -41.42 -4.25
CA GLN B 157 82.82 -40.33 -3.36
C GLN B 157 81.66 -40.01 -2.42
N SER B 158 81.99 -39.76 -1.16
CA SER B 158 80.98 -39.45 -0.15
C SER B 158 81.60 -38.57 0.92
N GLY B 159 80.79 -37.68 1.49
CA GLY B 159 81.24 -36.82 2.56
C GLY B 159 82.00 -35.59 2.12
N ASN B 160 82.36 -35.49 0.84
CA ASN B 160 83.13 -34.37 0.32
C ASN B 160 82.31 -33.45 -0.56
N SER B 161 81.00 -33.68 -0.68
CA SER B 161 80.14 -32.88 -1.52
C SER B 161 79.03 -32.25 -0.67
N GLN B 162 78.37 -31.25 -1.26
CA GLN B 162 77.26 -30.56 -0.61
C GLN B 162 76.23 -30.21 -1.65
N GLU B 163 74.96 -30.20 -1.24
CA GLU B 163 73.86 -29.93 -2.16
C GLU B 163 73.21 -28.59 -1.84
N SER B 164 72.55 -28.04 -2.86
CA SER B 164 71.82 -26.78 -2.73
C SER B 164 70.60 -26.86 -3.64
N VAL B 165 69.43 -26.59 -3.08
CA VAL B 165 68.17 -26.75 -3.79
C VAL B 165 67.54 -25.38 -3.98
N THR B 166 67.19 -25.07 -5.24
CA THR B 166 66.46 -23.85 -5.53
C THR B 166 64.98 -24.05 -5.26
N GLU B 167 64.33 -23.02 -4.74
CA GLU B 167 62.89 -23.09 -4.55
C GLU B 167 62.20 -23.28 -5.89
N GLN B 168 60.96 -23.75 -5.85
CA GLN B 168 60.23 -24.05 -7.07
C GLN B 168 60.04 -22.76 -7.88
N ASP B 169 60.46 -22.80 -9.15
CA ASP B 169 60.40 -21.62 -9.99
C ASP B 169 58.95 -21.18 -10.22
N SER B 170 58.78 -19.89 -10.45
CA SER B 170 57.44 -19.34 -10.64
C SER B 170 56.93 -19.54 -12.06
N LYS B 171 57.84 -19.54 -13.05
CA LYS B 171 57.43 -19.59 -14.45
C LYS B 171 56.90 -20.97 -14.84
N ASP B 172 57.74 -22.00 -14.75
CA ASP B 172 57.34 -23.36 -15.12
C ASP B 172 57.13 -24.28 -13.93
N SER B 173 57.24 -23.78 -12.71
CA SER B 173 57.08 -24.57 -11.49
C SER B 173 57.96 -25.81 -11.51
N THR B 174 59.27 -25.58 -11.59
CA THR B 174 60.25 -26.66 -11.66
C THR B 174 61.37 -26.39 -10.66
N TYR B 175 61.88 -27.47 -10.06
CA TYR B 175 62.96 -27.35 -9.10
C TYR B 175 64.32 -27.37 -9.80
N SER B 176 65.35 -27.03 -9.03
CA SER B 176 66.72 -27.07 -9.52
C SER B 176 67.63 -27.47 -8.37
N LEU B 177 68.65 -28.27 -8.68
CA LEU B 177 69.57 -28.80 -7.68
C LEU B 177 71.00 -28.65 -8.15
N SER B 178 71.88 -28.24 -7.25
CA SER B 178 73.30 -28.08 -7.53
C SER B 178 74.10 -28.90 -6.54
N SER B 179 75.05 -29.68 -7.05
CA SER B 179 75.94 -30.50 -6.22
C SER B 179 77.36 -29.99 -6.39
N THR B 180 77.97 -29.56 -5.29
CA THR B 180 79.32 -29.02 -5.29
C THR B 180 80.27 -30.02 -4.64
N LEU B 181 81.34 -30.37 -5.35
CA LEU B 181 82.35 -31.30 -4.87
C LEU B 181 83.64 -30.53 -4.64
N THR B 182 84.14 -30.56 -3.40
CA THR B 182 85.31 -29.79 -3.01
C THR B 182 86.45 -30.75 -2.69
N LEU B 183 87.56 -30.63 -3.41
CA LEU B 183 88.75 -31.43 -3.17
C LEU B 183 89.97 -30.51 -3.17
N SER B 184 91.09 -31.07 -2.70
CA SER B 184 92.35 -30.35 -2.73
C SER B 184 92.94 -30.42 -4.14
N LYS B 185 93.97 -29.59 -4.36
CA LYS B 185 94.63 -29.58 -5.66
C LYS B 185 95.32 -30.90 -5.94
N ALA B 186 96.02 -31.44 -4.94
CA ALA B 186 96.73 -32.70 -5.13
C ALA B 186 95.76 -33.85 -5.42
N ASP B 187 94.69 -33.96 -4.64
CA ASP B 187 93.72 -35.01 -4.86
C ASP B 187 93.03 -34.86 -6.21
N TYR B 188 92.90 -33.63 -6.70
CA TYR B 188 92.35 -33.42 -8.04
C TYR B 188 93.33 -33.86 -9.12
N GLU B 189 94.62 -33.63 -8.89
CA GLU B 189 95.67 -34.02 -9.82
C GLU B 189 96.04 -35.50 -9.74
N LYS B 190 95.33 -36.29 -8.93
CA LYS B 190 95.65 -37.69 -8.73
C LYS B 190 94.78 -38.64 -9.55
N HIS B 191 93.71 -38.14 -10.15
CA HIS B 191 92.79 -39.00 -10.91
C HIS B 191 92.46 -38.52 -12.33
N LYS B 192 92.57 -39.44 -13.29
CA LYS B 192 92.29 -39.16 -14.70
C LYS B 192 90.84 -38.81 -15.08
N VAL B 193 89.87 -39.50 -14.51
CA VAL B 193 88.45 -39.30 -14.87
C VAL B 193 87.56 -38.81 -13.71
N TYR B 194 86.53 -38.05 -14.06
CA TYR B 194 85.57 -37.51 -13.09
C TYR B 194 84.18 -37.64 -13.68
N ALA B 195 83.26 -38.18 -12.90
CA ALA B 195 81.91 -38.47 -13.38
C ALA B 195 80.88 -38.13 -12.31
N CYS B 196 79.78 -37.52 -12.73
CA CYS B 196 78.63 -37.27 -11.89
C CYS B 196 77.46 -38.11 -12.39
N GLU B 197 76.96 -38.99 -11.54
CA GLU B 197 75.87 -39.90 -11.88
C GLU B 197 74.63 -39.51 -11.09
N VAL B 198 73.48 -39.47 -11.77
CA VAL B 198 72.23 -39.01 -11.17
C VAL B 198 71.14 -40.01 -11.47
N THR B 199 70.31 -40.29 -10.46
CA THR B 199 69.14 -41.14 -10.57
C THR B 199 67.90 -40.33 -10.24
N HIS B 200 66.87 -40.43 -11.08
CA HIS B 200 65.64 -39.69 -10.88
C HIS B 200 64.49 -40.49 -11.48
N GLN B 201 63.28 -40.23 -10.96
CA GLN B 201 62.11 -40.95 -11.44
C GLN B 201 61.72 -40.56 -12.85
N GLY B 202 62.09 -39.37 -13.31
CA GLY B 202 61.78 -38.92 -14.65
C GLY B 202 62.65 -39.50 -15.73
N LEU B 203 63.70 -40.22 -15.37
CA LEU B 203 64.60 -40.85 -16.31
C LEU B 203 64.49 -42.37 -16.22
N ARG B 204 64.53 -43.04 -17.37
CA ARG B 204 64.43 -44.49 -17.40
C ARG B 204 65.61 -45.14 -16.70
N SER B 205 66.82 -44.60 -16.89
CA SER B 205 68.04 -45.13 -16.32
C SER B 205 68.88 -43.98 -15.80
N PRO B 206 69.56 -44.16 -14.67
CA PRO B 206 70.43 -43.10 -14.15
C PRO B 206 71.49 -42.72 -15.18
N VAL B 207 71.69 -41.42 -15.35
CA VAL B 207 72.57 -40.90 -16.39
C VAL B 207 73.80 -40.28 -15.76
N THR B 208 74.90 -40.28 -16.49
CA THR B 208 76.19 -39.83 -15.98
C THR B 208 76.83 -38.85 -16.96
N LYS B 209 77.35 -37.75 -16.42
CA LYS B 209 78.10 -36.77 -17.19
C LYS B 209 79.54 -36.78 -16.67
N SER B 210 80.50 -37.01 -17.55
CA SER B 210 81.88 -37.20 -17.15
C SER B 210 82.82 -36.33 -17.99
N PHE B 211 84.07 -36.27 -17.55
CA PHE B 211 85.13 -35.57 -18.24
C PHE B 211 86.45 -36.07 -17.68
N ASN B 212 87.52 -35.85 -18.45
CA ASN B 212 88.87 -36.24 -18.04
C ASN B 212 89.66 -34.96 -17.77
N ARG B 213 90.50 -34.99 -16.75
CA ARG B 213 91.30 -33.82 -16.40
C ARG B 213 92.10 -33.28 -17.58
N GLY B 214 92.02 -31.98 -17.80
CA GLY B 214 92.75 -31.35 -18.89
C GLY B 214 92.23 -31.70 -20.27
N GLU B 215 90.92 -31.77 -20.44
CA GLU B 215 90.29 -32.07 -21.73
C GLU B 215 90.80 -33.37 -22.33
N GLU C 1 -26.11 45.54 -11.87
CA GLU C 1 -27.37 44.83 -11.74
C GLU C 1 -28.16 45.30 -10.53
N VAL C 2 -27.47 45.51 -9.42
CA VAL C 2 -28.09 45.93 -8.17
C VAL C 2 -27.89 47.42 -7.99
N GLN C 3 -28.97 48.12 -7.64
CA GLN C 3 -28.90 49.55 -7.40
C GLN C 3 -29.81 49.93 -6.24
N LEU C 4 -29.33 50.87 -5.43
CA LEU C 4 -30.07 51.43 -4.31
C LEU C 4 -30.12 52.94 -4.47
N VAL C 5 -31.28 53.53 -4.19
CA VAL C 5 -31.51 54.95 -4.38
C VAL C 5 -32.06 55.54 -3.10
N GLU C 6 -31.37 56.54 -2.56
CA GLU C 6 -31.82 57.27 -1.39
C GLU C 6 -32.53 58.56 -1.82
N SER C 7 -33.55 58.93 -1.04
CA SER C 7 -34.29 60.16 -1.32
C SER C 7 -34.97 60.63 -0.05
N GLY C 8 -35.30 61.92 -0.02
CA GLY C 8 -35.97 62.53 1.11
C GLY C 8 -35.11 63.41 1.97
N GLY C 9 -33.80 63.50 1.68
CA GLY C 9 -32.91 64.29 2.50
C GLY C 9 -33.10 65.79 2.31
N GLY C 10 -32.73 66.53 3.35
CA GLY C 10 -32.84 67.98 3.30
C GLY C 10 -32.40 68.57 4.62
N LEU C 11 -32.54 69.90 4.71
CA LEU C 11 -32.19 70.63 5.92
C LEU C 11 -33.32 70.58 6.93
N VAL C 12 -32.97 70.29 8.18
CA VAL C 12 -33.95 70.24 9.27
C VAL C 12 -33.37 70.99 10.46
N LYS C 13 -34.24 71.72 11.16
CA LYS C 13 -33.81 72.47 12.33
C LYS C 13 -33.62 71.53 13.52
N PRO C 14 -32.76 71.90 14.47
CA PRO C 14 -32.51 71.01 15.61
C PRO C 14 -33.78 70.74 16.40
N GLY C 15 -34.06 69.46 16.62
CA GLY C 15 -35.27 69.02 17.28
C GLY C 15 -36.37 68.56 16.36
N GLY C 16 -36.18 68.65 15.04
CA GLY C 16 -37.20 68.26 14.09
C GLY C 16 -37.09 66.81 13.65
N SER C 17 -38.06 66.40 12.84
CA SER C 17 -38.14 65.06 12.31
C SER C 17 -37.85 65.06 10.81
N LEU C 18 -37.50 63.89 10.28
CA LEU C 18 -37.22 63.73 8.86
C LEU C 18 -37.29 62.26 8.51
N ARG C 19 -37.78 61.97 7.30
CA ARG C 19 -38.00 60.61 6.82
C ARG C 19 -37.14 60.39 5.59
N LEU C 20 -36.31 59.35 5.63
CA LEU C 20 -35.46 58.97 4.52
C LEU C 20 -35.96 57.67 3.91
N SER C 21 -35.94 57.59 2.59
CA SER C 21 -36.42 56.43 1.86
C SER C 21 -35.32 55.85 0.99
N CYS C 22 -35.24 54.52 0.95
CA CYS C 22 -34.23 53.81 0.18
C CYS C 22 -34.93 52.72 -0.64
N ALA C 23 -34.89 52.87 -1.96
CA ALA C 23 -35.47 51.92 -2.89
C ALA C 23 -34.37 51.03 -3.45
N ALA C 24 -34.67 49.75 -3.58
CA ALA C 24 -33.68 48.76 -3.99
C ALA C 24 -34.19 47.97 -5.18
N SER C 25 -33.28 47.59 -6.08
CA SER C 25 -33.65 46.73 -7.18
C SER C 25 -32.45 45.93 -7.64
N GLY C 26 -32.71 44.72 -8.14
CA GLY C 26 -31.69 43.84 -8.65
C GLY C 26 -31.41 42.61 -7.83
N PHE C 27 -32.21 42.32 -6.80
CA PHE C 27 -31.97 41.18 -5.93
C PHE C 27 -33.28 40.83 -5.22
N THR C 28 -33.21 39.82 -4.36
CA THR C 28 -34.36 39.40 -3.54
C THR C 28 -34.35 40.21 -2.25
N PHE C 29 -35.25 41.18 -2.15
CA PHE C 29 -35.25 42.09 -1.01
C PHE C 29 -35.78 41.42 0.24
N SER C 30 -36.76 40.52 0.11
CA SER C 30 -37.42 39.94 1.27
C SER C 30 -36.51 39.00 2.07
N ASN C 31 -35.37 38.59 1.51
CA ASN C 31 -34.46 37.67 2.19
C ASN C 31 -33.19 38.35 2.67
N ALA C 32 -33.03 39.64 2.43
CA ALA C 32 -31.81 40.36 2.76
C ALA C 32 -32.02 41.26 3.97
N TRP C 33 -30.96 41.43 4.76
CA TRP C 33 -30.96 42.33 5.90
C TRP C 33 -30.59 43.74 5.46
N MET C 34 -31.25 44.72 6.04
CA MET C 34 -31.03 46.12 5.69
C MET C 34 -30.37 46.85 6.84
N SER C 35 -29.65 47.92 6.51
CA SER C 35 -28.95 48.71 7.52
C SER C 35 -28.79 50.14 7.04
N TRP C 36 -28.82 51.07 7.98
CA TRP C 36 -28.53 52.47 7.74
C TRP C 36 -27.23 52.83 8.43
N VAL C 37 -26.30 53.41 7.68
CA VAL C 37 -24.99 53.81 8.18
C VAL C 37 -24.73 55.25 7.77
N ARG C 38 -24.36 56.09 8.73
CA ARG C 38 -24.13 57.50 8.49
C ARG C 38 -22.63 57.80 8.50
N GLN C 39 -22.26 58.87 7.81
CA GLN C 39 -20.88 59.33 7.73
C GLN C 39 -20.83 60.78 8.19
N ALA C 40 -20.12 61.03 9.29
CA ALA C 40 -19.97 62.37 9.82
C ALA C 40 -19.09 63.22 8.90
N PRO C 41 -19.21 64.55 9.00
CA PRO C 41 -18.39 65.41 8.12
C PRO C 41 -16.89 65.23 8.30
N GLY C 42 -16.43 65.03 9.53
CA GLY C 42 -15.00 64.91 9.76
C GLY C 42 -14.59 63.61 10.41
N LYS C 43 -15.51 62.65 10.47
CA LYS C 43 -15.25 61.34 11.04
C LYS C 43 -15.57 60.26 10.01
N GLY C 44 -15.19 59.02 10.34
CA GLY C 44 -15.43 57.89 9.48
C GLY C 44 -16.87 57.45 9.45
N LEU C 45 -17.11 56.22 9.00
CA LEU C 45 -18.47 55.69 8.94
C LEU C 45 -18.93 55.26 10.31
N GLU C 46 -20.23 55.43 10.57
CA GLU C 46 -20.82 55.05 11.86
C GLU C 46 -22.16 54.40 11.58
N TRP C 47 -22.32 53.16 12.05
CA TRP C 47 -23.56 52.43 11.85
C TRP C 47 -24.68 53.02 12.69
N VAL C 48 -25.85 53.15 12.07
CA VAL C 48 -27.01 53.75 12.73
C VAL C 48 -27.98 52.65 13.15
N GLY C 49 -28.45 51.87 12.17
CA GLY C 49 -29.48 50.88 12.47
C GLY C 49 -29.46 49.70 11.52
N ARG C 50 -30.21 48.68 11.89
CA ARG C 50 -30.30 47.46 11.10
C ARG C 50 -31.66 46.82 11.34
N ILE C 51 -32.25 46.28 10.27
CA ILE C 51 -33.53 45.58 10.34
C ILE C 51 -33.41 44.27 9.58
N LYS C 52 -33.86 43.18 10.19
CA LYS C 52 -33.79 41.85 9.63
C LYS C 52 -34.95 41.61 8.65
N SER C 53 -34.89 40.46 7.98
CA SER C 53 -35.93 40.06 7.05
C SER C 53 -37.11 39.45 7.80
N LYS C 54 -38.22 39.25 7.08
CA LYS C 54 -39.39 38.62 7.68
C LYS C 54 -39.12 37.16 8.05
N THR C 55 -38.18 36.51 7.35
CA THR C 55 -37.91 35.10 7.59
C THR C 55 -37.08 34.87 8.84
N ASP C 56 -36.34 35.87 9.32
CA ASP C 56 -35.48 35.72 10.48
C ASP C 56 -36.04 36.41 11.71
N GLY C 57 -37.25 36.96 11.63
CA GLY C 57 -37.91 37.59 12.75
C GLY C 57 -38.07 39.10 12.61
N GLY C 58 -37.24 39.74 11.79
CA GLY C 58 -37.37 41.16 11.54
C GLY C 58 -37.14 42.05 12.73
N THR C 59 -36.29 41.63 13.68
CA THR C 59 -35.99 42.49 14.81
C THR C 59 -35.06 43.63 14.38
N ILE C 60 -35.23 44.78 15.02
CA ILE C 60 -34.52 46.00 14.65
C ILE C 60 -33.54 46.36 15.76
N ASP C 61 -32.37 46.86 15.37
CA ASP C 61 -31.34 47.29 16.31
C ASP C 61 -30.84 48.67 15.90
N TYR C 62 -30.54 49.50 16.90
CA TYR C 62 -30.08 50.86 16.68
C TYR C 62 -28.74 51.09 17.36
N ALA C 63 -28.09 52.20 17.03
CA ALA C 63 -26.81 52.53 17.62
C ALA C 63 -27.00 53.23 18.97
N ALA C 64 -25.91 53.27 19.74
CA ALA C 64 -26.00 53.80 21.10
C ALA C 64 -26.39 55.27 21.15
N PRO C 65 -25.75 56.20 20.43
CA PRO C 65 -26.21 57.59 20.46
C PRO C 65 -27.53 57.82 19.75
N VAL C 66 -28.15 56.80 19.18
CA VAL C 66 -29.31 56.98 18.32
C VAL C 66 -30.56 56.33 18.91
N LYS C 67 -30.37 55.28 19.72
CA LYS C 67 -31.48 54.51 20.25
C LYS C 67 -32.54 55.40 20.90
N GLY C 68 -33.80 55.11 20.61
CA GLY C 68 -34.90 55.86 21.16
C GLY C 68 -35.29 57.10 20.39
N ARG C 69 -34.51 57.49 19.38
CA ARG C 69 -34.80 58.69 18.61
C ARG C 69 -35.07 58.42 17.14
N PHE C 70 -34.70 57.26 16.62
CA PHE C 70 -34.92 56.89 15.22
C PHE C 70 -35.73 55.60 15.20
N THR C 71 -36.37 55.33 14.05
CA THR C 71 -37.19 54.14 13.90
C THR C 71 -37.13 53.68 12.46
N ILE C 72 -36.77 52.43 12.26
CA ILE C 72 -36.60 51.85 10.93
C ILE C 72 -37.82 51.01 10.61
N SER C 73 -38.20 51.00 9.33
CA SER C 73 -39.30 50.17 8.86
C SER C 73 -38.98 49.72 7.44
N ARG C 74 -39.73 48.73 6.97
CA ARG C 74 -39.50 48.18 5.64
C ARG C 74 -40.82 47.77 5.02
N ASP C 75 -40.89 47.95 3.70
CA ASP C 75 -42.02 47.51 2.88
C ASP C 75 -41.45 46.55 1.84
N ASP C 76 -41.83 45.28 1.94
CA ASP C 76 -41.33 44.26 1.02
C ASP C 76 -42.11 44.23 -0.28
N SER C 77 -43.39 44.64 -0.26
CA SER C 77 -44.17 44.71 -1.48
C SER C 77 -43.68 45.81 -2.41
N LYS C 78 -43.01 46.82 -1.86
CA LYS C 78 -42.47 47.92 -2.64
C LYS C 78 -40.95 47.90 -2.74
N ASN C 79 -40.30 46.96 -2.06
CA ASN C 79 -38.84 46.85 -2.04
C ASN C 79 -38.21 48.17 -1.56
N THR C 80 -38.68 48.65 -0.40
CA THR C 80 -38.25 49.93 0.11
C THR C 80 -38.00 49.82 1.60
N VAL C 81 -37.06 50.62 2.10
CA VAL C 81 -36.78 50.70 3.53
C VAL C 81 -36.78 52.17 3.94
N TYR C 82 -37.43 52.46 5.06
CA TYR C 82 -37.62 53.83 5.53
C TYR C 82 -36.94 54.01 6.88
N LEU C 83 -36.36 55.19 7.09
CA LEU C 83 -35.73 55.56 8.34
C LEU C 83 -36.32 56.88 8.83
N GLN C 84 -36.96 56.84 9.99
CA GLN C 84 -37.60 58.00 10.59
C GLN C 84 -36.74 58.56 11.72
N MET C 85 -36.59 59.88 11.74
CA MET C 85 -35.70 60.57 12.67
C MET C 85 -36.51 61.62 13.41
N THR C 86 -36.70 61.41 14.72
CA THR C 86 -37.45 62.32 15.57
C THR C 86 -36.55 62.82 16.69
N SER C 87 -36.81 64.06 17.12
CA SER C 87 -36.01 64.72 18.16
C SER C 87 -34.53 64.72 17.76
N LEU C 88 -34.29 65.13 16.52
CA LEU C 88 -32.95 65.03 15.94
C LEU C 88 -32.02 66.08 16.56
N LYS C 89 -30.86 65.63 17.02
CA LYS C 89 -29.89 66.48 17.70
C LYS C 89 -28.82 66.96 16.71
N THR C 90 -28.02 67.90 17.17
CA THR C 90 -27.06 68.56 16.28
C THR C 90 -25.94 67.64 15.81
N GLU C 91 -25.63 66.58 16.57
CA GLU C 91 -24.56 65.66 16.20
C GLU C 91 -24.92 64.71 15.07
N ASP C 92 -26.18 64.66 14.64
CA ASP C 92 -26.59 63.70 13.63
C ASP C 92 -26.47 64.21 12.20
N THR C 93 -25.89 65.39 11.99
CA THR C 93 -25.61 65.86 10.63
C THR C 93 -24.61 64.94 9.95
N ALA C 94 -25.04 64.27 8.89
CA ALA C 94 -24.20 63.26 8.26
C ALA C 94 -24.70 62.96 6.87
N VAL C 95 -23.92 62.16 6.15
CA VAL C 95 -24.30 61.60 4.85
C VAL C 95 -24.78 60.18 5.12
N TYR C 96 -26.07 59.94 4.90
CA TYR C 96 -26.68 58.66 5.22
C TYR C 96 -26.69 57.74 4.01
N TYR C 97 -26.18 56.53 4.21
CA TYR C 97 -26.12 55.48 3.20
C TYR C 97 -26.93 54.28 3.67
N CYS C 98 -27.70 53.69 2.75
CA CYS C 98 -28.46 52.48 3.01
C CYS C 98 -27.78 51.30 2.32
N THR C 99 -27.50 50.25 3.08
CA THR C 99 -26.74 49.11 2.59
C THR C 99 -27.55 47.83 2.77
N THR C 100 -27.16 46.80 2.01
CA THR C 100 -27.88 45.54 1.95
C THR C 100 -26.97 44.39 2.35
N TYR C 101 -27.55 43.42 3.07
CA TYR C 101 -26.88 42.17 3.45
C TYR C 101 -27.60 41.03 2.74
N THR C 102 -27.12 40.68 1.55
CA THR C 102 -27.80 39.71 0.73
C THR C 102 -27.83 38.34 1.40
N GLU C 103 -28.74 37.48 0.92
CA GLU C 103 -28.82 36.12 1.45
C GLU C 103 -27.56 35.33 1.14
N ASP C 104 -26.86 35.66 0.06
CA ASP C 104 -25.64 34.95 -0.30
C ASP C 104 -24.54 35.18 0.72
N MET C 105 -24.48 36.38 1.30
CA MET C 105 -23.48 36.66 2.32
C MET C 105 -23.90 36.14 3.69
N ARG C 106 -25.20 35.90 3.88
CA ARG C 106 -25.65 35.14 5.05
C ARG C 106 -25.10 33.72 5.01
N TYR C 107 -24.89 33.18 3.80
CA TYR C 107 -24.36 31.84 3.63
C TYR C 107 -22.88 31.75 3.94
N PHE C 108 -22.14 32.86 3.88
CA PHE C 108 -20.72 32.85 4.18
C PHE C 108 -20.42 33.01 5.67
N ASP C 109 -21.37 33.53 6.44
CA ASP C 109 -21.22 33.60 7.89
C ASP C 109 -21.41 32.20 8.47
N TRP C 110 -20.36 31.63 9.06
CA TRP C 110 -20.43 30.26 9.57
C TRP C 110 -20.52 30.15 11.08
N LEU C 111 -20.06 31.15 11.84
CA LEU C 111 -20.23 31.11 13.29
C LEU C 111 -21.60 31.57 13.75
N LEU C 112 -22.52 31.90 12.83
CA LEU C 112 -23.86 32.36 13.19
C LEU C 112 -23.79 33.64 14.03
N ARG C 113 -22.88 34.53 13.66
CA ARG C 113 -22.69 35.78 14.37
C ARG C 113 -23.72 36.80 13.88
N GLY C 114 -24.19 37.65 14.80
CA GLY C 114 -25.22 38.60 14.43
C GLY C 114 -24.70 39.69 13.51
N GLY C 115 -23.44 40.09 13.66
CA GLY C 115 -22.88 41.08 12.77
C GLY C 115 -22.75 40.54 11.36
N GLU C 116 -22.84 41.44 10.40
CA GLU C 116 -22.80 41.07 8.99
C GLU C 116 -21.87 42.00 8.24
N THR C 117 -21.53 41.59 7.01
CA THR C 117 -20.73 42.39 6.11
C THR C 117 -21.64 43.03 5.07
N PHE C 118 -21.61 44.36 5.00
CA PHE C 118 -22.52 45.10 4.13
C PHE C 118 -22.14 44.88 2.68
N ASP C 119 -23.05 44.25 1.92
CA ASP C 119 -22.73 43.77 0.58
C ASP C 119 -22.76 44.89 -0.45
N TYR C 120 -23.89 45.58 -0.59
CA TYR C 120 -24.06 46.59 -1.62
C TYR C 120 -24.47 47.92 -0.99
N TRP C 121 -24.01 49.02 -1.58
CA TRP C 121 -24.23 50.36 -1.08
C TRP C 121 -24.91 51.23 -2.13
N GLY C 122 -25.80 52.11 -1.66
CA GLY C 122 -26.46 53.07 -2.52
C GLY C 122 -25.69 54.37 -2.63
N GLN C 123 -26.33 55.35 -3.28
CA GLN C 123 -25.67 56.62 -3.57
C GLN C 123 -25.48 57.45 -2.30
N GLY C 124 -26.54 57.62 -1.53
CA GLY C 124 -26.49 58.33 -0.27
C GLY C 124 -27.22 59.66 -0.34
N THR C 125 -27.62 60.14 0.84
CA THR C 125 -28.32 61.41 0.96
C THR C 125 -27.65 62.28 2.01
N LEU C 126 -27.92 63.58 1.93
CA LEU C 126 -27.31 64.57 2.81
C LEU C 126 -28.30 65.00 3.88
N VAL C 127 -27.89 64.94 5.14
CA VAL C 127 -28.72 65.35 6.27
C VAL C 127 -27.98 66.43 7.06
N THR C 128 -28.54 67.64 7.06
CA THR C 128 -27.99 68.80 7.73
C THR C 128 -28.94 69.24 8.84
N VAL C 129 -28.39 69.69 9.96
CA VAL C 129 -29.17 70.08 11.13
C VAL C 129 -28.93 71.51 11.56
N SER C 130 -28.14 72.28 10.83
CA SER C 130 -27.84 73.65 11.24
C SER C 130 -29.13 74.46 11.39
N SER C 131 -29.06 75.49 12.24
CA SER C 131 -30.22 76.33 12.53
C SER C 131 -30.40 77.47 11.55
N ALA C 132 -29.34 77.87 10.85
CA ALA C 132 -29.46 78.94 9.86
C ALA C 132 -30.42 78.54 8.75
N SER C 133 -30.96 79.56 8.08
CA SER C 133 -31.93 79.34 7.02
C SER C 133 -31.22 79.15 5.68
N THR C 134 -31.98 78.71 4.69
CA THR C 134 -31.43 78.46 3.36
C THR C 134 -31.22 79.78 2.63
N LYS C 135 -29.98 80.02 2.19
CA LYS C 135 -29.59 81.28 1.58
C LYS C 135 -29.06 81.03 0.18
N GLY C 136 -29.29 82.00 -0.71
CA GLY C 136 -28.88 81.88 -2.09
C GLY C 136 -27.43 82.27 -2.30
N PRO C 137 -26.79 81.66 -3.29
CA PRO C 137 -25.38 81.96 -3.55
C PRO C 137 -25.19 83.27 -4.29
N SER C 138 -24.04 83.89 -4.04
CA SER C 138 -23.62 85.11 -4.73
C SER C 138 -22.50 84.75 -5.70
N VAL C 139 -22.68 85.11 -6.96
CA VAL C 139 -21.74 84.75 -8.02
C VAL C 139 -21.05 86.01 -8.50
N PHE C 140 -19.73 86.03 -8.42
CA PHE C 140 -18.92 87.15 -8.90
C PHE C 140 -17.86 86.60 -9.84
N PRO C 141 -17.66 87.21 -11.01
CA PRO C 141 -16.69 86.67 -11.96
C PRO C 141 -15.26 86.98 -11.55
N LEU C 142 -14.35 86.12 -12.02
CA LEU C 142 -12.91 86.28 -11.82
C LEU C 142 -12.26 86.37 -13.20
N ALA C 143 -11.99 87.61 -13.63
CA ALA C 143 -11.48 87.94 -14.95
C ALA C 143 -10.00 87.61 -15.06
N PRO C 144 -9.52 87.28 -16.26
CA PRO C 144 -8.11 86.95 -16.42
C PRO C 144 -7.25 88.18 -16.71
N SER C 145 -5.95 88.01 -16.46
CA SER C 145 -4.99 89.09 -16.64
C SER C 145 -4.47 89.13 -18.08
N GLY C 152 0.29 83.19 -24.47
CA GLY C 152 0.66 82.56 -23.23
C GLY C 152 -0.45 81.72 -22.61
N THR C 153 -0.37 81.52 -21.31
CA THR C 153 -1.38 80.78 -20.56
C THR C 153 -2.21 81.73 -19.72
N ALA C 154 -3.52 81.51 -19.69
CA ALA C 154 -4.42 82.35 -18.91
C ALA C 154 -5.34 81.48 -18.07
N ALA C 155 -5.85 82.08 -16.99
CA ALA C 155 -6.78 81.42 -16.08
C ALA C 155 -7.97 82.35 -15.83
N LEU C 156 -9.18 81.80 -15.91
CA LEU C 156 -10.38 82.56 -15.57
C LEU C 156 -11.25 81.71 -14.65
N GLY C 157 -12.02 82.39 -13.79
CA GLY C 157 -12.73 81.70 -12.75
C GLY C 157 -14.05 82.36 -12.40
N CYS C 158 -14.79 81.69 -11.52
CA CYS C 158 -16.02 82.21 -10.95
C CYS C 158 -16.01 81.95 -9.45
N LEU C 159 -16.57 82.89 -8.69
CA LEU C 159 -16.58 82.85 -7.24
C LEU C 159 -18.02 82.75 -6.75
N VAL C 160 -18.26 81.81 -5.84
CA VAL C 160 -19.56 81.63 -5.21
C VAL C 160 -19.38 81.86 -3.72
N LYS C 161 -20.19 82.74 -3.15
CA LYS C 161 -20.00 83.15 -1.76
C LYS C 161 -21.34 83.23 -1.06
N ASP C 162 -21.33 82.94 0.24
CA ASP C 162 -22.48 83.14 1.13
C ASP C 162 -23.69 82.34 0.68
N TYR C 163 -23.50 81.02 0.57
CA TYR C 163 -24.57 80.12 0.20
C TYR C 163 -24.71 79.03 1.25
N PHE C 164 -25.95 78.62 1.52
CA PHE C 164 -26.22 77.58 2.49
C PHE C 164 -27.54 76.89 2.16
N PRO C 165 -27.57 75.55 2.24
CA PRO C 165 -26.47 74.65 2.59
C PRO C 165 -25.43 74.45 1.49
N GLU C 166 -24.61 73.41 1.64
CA GLU C 166 -23.45 73.14 0.80
C GLU C 166 -23.79 72.73 -0.64
N PRO C 167 -24.79 71.83 -0.90
CA PRO C 167 -24.98 71.33 -2.27
C PRO C 167 -25.09 72.40 -3.33
N VAL C 168 -24.02 72.57 -4.10
CA VAL C 168 -23.98 73.50 -5.22
C VAL C 168 -23.13 72.88 -6.33
N THR C 169 -23.51 73.15 -7.58
CA THR C 169 -22.78 72.63 -8.73
C THR C 169 -22.46 73.76 -9.69
N VAL C 170 -21.30 73.65 -10.33
CA VAL C 170 -20.83 74.65 -11.29
C VAL C 170 -20.42 73.93 -12.57
N SER C 171 -20.95 74.39 -13.69
CA SER C 171 -20.63 73.82 -14.99
C SER C 171 -20.37 74.94 -15.98
N TRP C 172 -19.21 74.89 -16.64
CA TRP C 172 -18.80 75.94 -17.56
C TRP C 172 -19.34 75.65 -18.95
N ASN C 173 -19.98 76.67 -19.55
CA ASN C 173 -20.58 76.56 -20.88
C ASN C 173 -21.60 75.41 -20.95
N SER C 174 -22.41 75.28 -19.90
CA SER C 174 -23.43 74.24 -19.82
C SER C 174 -22.81 72.84 -19.93
N GLY C 175 -21.64 72.68 -19.34
CA GLY C 175 -20.93 71.41 -19.35
C GLY C 175 -20.11 71.16 -20.60
N ALA C 176 -20.03 72.12 -21.52
CA ALA C 176 -19.24 71.94 -22.72
C ALA C 176 -17.74 72.05 -22.46
N LEU C 177 -17.34 72.70 -21.38
CA LEU C 177 -15.94 72.88 -21.03
C LEU C 177 -15.66 72.04 -19.77
N THR C 178 -15.14 70.83 -19.98
CA THR C 178 -14.84 69.92 -18.89
C THR C 178 -13.35 69.70 -18.65
N SER C 179 -12.50 70.06 -19.60
CA SER C 179 -11.07 69.83 -19.47
C SER C 179 -10.39 71.02 -18.79
N GLY C 180 -9.42 70.72 -17.92
CA GLY C 180 -8.71 71.75 -17.21
C GLY C 180 -9.53 72.52 -16.19
N VAL C 181 -10.71 72.01 -15.83
CA VAL C 181 -11.60 72.68 -14.89
C VAL C 181 -11.39 72.08 -13.51
N HIS C 182 -11.17 72.95 -12.53
CA HIS C 182 -11.01 72.53 -11.13
C HIS C 182 -11.98 73.33 -10.26
N THR C 183 -12.91 72.63 -9.64
CA THR C 183 -13.88 73.24 -8.73
C THR C 183 -13.46 72.89 -7.30
N PHE C 184 -13.14 73.92 -6.52
CA PHE C 184 -12.61 73.70 -5.18
C PHE C 184 -13.74 73.35 -4.21
N PRO C 185 -13.45 72.59 -3.17
CA PRO C 185 -14.48 72.27 -2.16
C PRO C 185 -14.88 73.51 -1.38
N ALA C 186 -16.04 73.40 -0.73
CA ALA C 186 -16.55 74.52 0.04
C ALA C 186 -15.69 74.78 1.27
N VAL C 187 -15.62 76.05 1.66
CA VAL C 187 -14.91 76.46 2.86
C VAL C 187 -15.86 77.30 3.69
N LEU C 188 -16.06 76.89 4.95
CA LEU C 188 -16.98 77.58 5.84
C LEU C 188 -16.32 78.82 6.41
N GLN C 189 -16.93 79.98 6.20
CA GLN C 189 -16.40 81.21 6.75
C GLN C 189 -16.89 81.41 8.18
N SER C 190 -16.29 82.38 8.87
CA SER C 190 -16.61 82.62 10.28
C SER C 190 -18.05 83.07 10.48
N SER C 191 -18.71 83.59 9.43
CA SER C 191 -20.08 84.05 9.55
C SER C 191 -21.09 82.91 9.52
N GLY C 192 -20.68 81.69 9.20
CA GLY C 192 -21.58 80.56 9.10
C GLY C 192 -21.96 80.20 7.69
N LEU C 193 -21.50 80.94 6.69
CA LEU C 193 -21.78 80.67 5.30
C LEU C 193 -20.52 80.19 4.59
N TYR C 194 -20.72 79.52 3.46
CA TYR C 194 -19.62 78.87 2.75
C TYR C 194 -19.06 79.78 1.66
N SER C 195 -17.88 79.39 1.16
CA SER C 195 -17.20 80.11 0.09
C SER C 195 -16.55 79.08 -0.80
N LEU C 196 -16.88 79.12 -2.09
CA LEU C 196 -16.40 78.16 -3.07
C LEU C 196 -15.86 78.91 -4.28
N SER C 197 -14.87 78.32 -4.94
CA SER C 197 -14.25 78.89 -6.12
C SER C 197 -14.13 77.84 -7.21
N SER C 198 -14.42 78.24 -8.44
CA SER C 198 -14.31 77.35 -9.60
C SER C 198 -13.38 78.01 -10.61
N VAL C 199 -12.41 77.25 -11.11
CA VAL C 199 -11.41 77.82 -12.01
C VAL C 199 -11.30 76.96 -13.27
N VAL C 200 -10.86 77.60 -14.35
CA VAL C 200 -10.59 76.92 -15.62
C VAL C 200 -9.47 77.69 -16.32
N THR C 201 -8.55 76.94 -16.94
CA THR C 201 -7.39 77.49 -17.60
C THR C 201 -7.57 77.41 -19.12
N VAL C 202 -7.34 78.53 -19.81
CA VAL C 202 -7.49 78.59 -21.26
C VAL C 202 -6.31 79.35 -21.85
N PRO C 203 -6.01 79.10 -23.13
CA PRO C 203 -4.99 79.90 -23.80
C PRO C 203 -5.43 81.34 -23.98
N SER C 204 -4.45 82.24 -24.01
CA SER C 204 -4.75 83.67 -24.10
C SER C 204 -5.35 84.03 -25.45
N SER C 205 -4.83 83.45 -26.54
CA SER C 205 -5.28 83.79 -27.89
C SER C 205 -6.73 83.45 -28.14
N SER C 206 -7.38 82.73 -27.23
CA SER C 206 -8.80 82.38 -27.39
C SER C 206 -9.73 83.36 -26.70
N LEU C 207 -9.20 84.24 -25.84
CA LEU C 207 -10.06 85.12 -25.04
C LEU C 207 -10.97 85.97 -25.91
N GLY C 208 -10.55 86.28 -27.14
CA GLY C 208 -11.33 87.12 -28.01
C GLY C 208 -12.30 86.37 -28.90
N THR C 209 -12.12 85.06 -29.03
CA THR C 209 -12.93 84.26 -29.94
C THR C 209 -14.03 83.47 -29.25
N GLN C 210 -13.84 83.08 -27.99
CA GLN C 210 -14.80 82.26 -27.27
C GLN C 210 -15.40 83.03 -26.11
N THR C 211 -16.68 82.80 -25.85
CA THR C 211 -17.40 83.39 -24.73
C THR C 211 -17.54 82.35 -23.63
N TYR C 212 -16.95 82.64 -22.46
CA TYR C 212 -16.95 81.72 -21.33
C TYR C 212 -18.00 82.13 -20.33
N ILE C 213 -18.87 81.18 -19.96
CA ILE C 213 -19.93 81.40 -18.98
C ILE C 213 -19.88 80.29 -17.94
N CYS C 214 -19.95 80.66 -16.67
CA CYS C 214 -20.04 79.71 -15.58
C CYS C 214 -21.50 79.61 -15.14
N ASN C 215 -21.96 78.37 -14.97
CA ASN C 215 -23.35 78.09 -14.61
C ASN C 215 -23.39 77.52 -13.21
N VAL C 216 -23.94 78.27 -12.27
CA VAL C 216 -24.04 77.87 -10.87
C VAL C 216 -25.48 77.47 -10.59
N ASN C 217 -25.67 76.23 -10.15
CA ASN C 217 -26.97 75.70 -9.81
C ASN C 217 -26.96 75.26 -8.34
N HIS C 218 -27.96 75.71 -7.59
CA HIS C 218 -28.07 75.42 -6.16
C HIS C 218 -29.48 74.91 -5.90
N LYS C 219 -29.61 73.60 -5.67
CA LYS C 219 -30.91 72.96 -5.50
C LYS C 219 -31.61 73.30 -4.18
N PRO C 220 -30.91 73.33 -3.03
CA PRO C 220 -31.62 73.66 -1.79
C PRO C 220 -32.31 75.02 -1.83
N SER C 221 -31.58 76.08 -2.15
CA SER C 221 -32.20 77.40 -2.29
C SER C 221 -32.88 77.60 -3.63
N ASN C 222 -32.79 76.61 -4.53
CA ASN C 222 -33.42 76.67 -5.86
C ASN C 222 -32.98 77.92 -6.63
N THR C 223 -31.69 78.22 -6.58
CA THR C 223 -31.12 79.38 -7.26
C THR C 223 -30.17 78.89 -8.35
N LYS C 224 -30.54 79.14 -9.60
CA LYS C 224 -29.74 78.76 -10.76
C LYS C 224 -29.40 80.04 -11.52
N VAL C 225 -28.16 80.49 -11.40
CA VAL C 225 -27.70 81.73 -12.00
C VAL C 225 -26.47 81.44 -12.85
N ASP C 226 -26.38 82.07 -14.01
CA ASP C 226 -25.25 81.93 -14.92
C ASP C 226 -24.62 83.30 -15.11
N LYS C 227 -23.29 83.33 -15.21
CA LYS C 227 -22.58 84.59 -15.36
C LYS C 227 -21.49 84.44 -16.41
N LYS C 228 -21.32 85.48 -17.23
CA LYS C 228 -20.32 85.49 -18.28
C LYS C 228 -19.04 86.12 -17.77
N VAL C 229 -17.92 85.43 -17.97
CA VAL C 229 -16.60 85.90 -17.59
C VAL C 229 -15.90 86.41 -18.85
N GLU C 230 -15.30 87.59 -18.76
CA GLU C 230 -14.66 88.19 -19.91
C GLU C 230 -13.49 89.05 -19.43
N PRO C 231 -12.39 89.09 -20.17
CA PRO C 231 -11.23 89.87 -19.73
C PRO C 231 -11.48 91.36 -19.85
N LYS C 232 -10.98 92.10 -18.86
CA LYS C 232 -11.05 93.55 -18.92
C LYS C 232 -10.08 94.09 -19.96
N SER C 233 -10.47 95.19 -20.61
CA SER C 233 -9.67 95.82 -21.65
C SER C 233 -8.62 96.72 -20.99
N CYS C 234 -7.55 96.09 -20.51
CA CYS C 234 -6.46 96.80 -19.85
C CYS C 234 -5.43 97.34 -20.85
N ASP C 235 -5.64 97.13 -22.14
CA ASP C 235 -4.73 97.69 -23.14
C ASP C 235 -4.94 99.19 -23.28
N LEU C 236 -4.01 99.84 -23.96
CA LEU C 236 -4.04 101.29 -24.13
C LEU C 236 -5.17 101.66 -25.07
N GLU C 237 -6.27 102.17 -24.51
CA GLU C 237 -7.39 102.66 -25.29
C GLU C 237 -7.42 104.18 -25.19
N VAL C 238 -7.62 104.84 -26.34
CA VAL C 238 -7.66 106.30 -26.40
C VAL C 238 -8.45 106.71 -27.63
N ASP C 239 -9.19 107.81 -27.50
CA ASP C 239 -9.94 108.40 -28.60
C ASP C 239 -10.95 107.41 -29.19
N ASP D 1 -19.34 46.46 21.69
CA ASP D 1 -18.22 47.18 22.28
C ASP D 1 -16.90 46.67 21.73
N ILE D 2 -16.65 46.94 20.45
CA ILE D 2 -15.43 46.54 19.77
C ILE D 2 -14.84 47.77 19.09
N ARG D 3 -13.51 47.90 19.13
CA ARG D 3 -12.82 49.07 18.61
C ARG D 3 -11.76 48.63 17.60
N LEU D 4 -11.70 49.32 16.47
CA LEU D 4 -10.73 49.04 15.42
C LEU D 4 -9.83 50.26 15.23
N THR D 5 -8.60 50.00 14.78
CA THR D 5 -7.63 51.05 14.52
C THR D 5 -6.85 50.70 13.26
N GLN D 6 -6.84 51.61 12.30
CA GLN D 6 -6.13 51.42 11.04
C GLN D 6 -4.77 52.11 11.08
N SER D 7 -3.88 51.68 10.19
CA SER D 7 -2.58 52.30 10.04
C SER D 7 -2.01 52.02 8.65
N PRO D 8 -1.46 53.05 7.99
CA PRO D 8 -1.41 54.43 8.51
C PRO D 8 -2.69 55.21 8.23
N SER D 9 -2.69 56.50 8.58
CA SER D 9 -3.84 57.34 8.29
C SER D 9 -3.82 57.82 6.84
N SER D 10 -2.66 58.28 6.36
CA SER D 10 -2.48 58.66 4.98
C SER D 10 -1.29 57.90 4.40
N LEU D 11 -1.26 57.83 3.08
CA LEU D 11 -0.22 57.06 2.40
C LEU D 11 0.09 57.69 1.04
N SER D 12 1.37 57.73 0.69
CA SER D 12 1.82 58.23 -0.60
C SER D 12 2.71 57.17 -1.24
N ALA D 13 2.31 56.71 -2.43
CA ALA D 13 3.06 55.68 -3.14
C ALA D 13 3.00 55.97 -4.64
N SER D 14 3.84 55.27 -5.38
CA SER D 14 3.94 55.42 -6.82
C SER D 14 3.16 54.32 -7.54
N VAL D 15 2.93 54.53 -8.84
CA VAL D 15 2.22 53.56 -9.64
C VAL D 15 3.08 52.31 -9.81
N GLY D 16 2.50 51.15 -9.50
CA GLY D 16 3.23 49.91 -9.55
C GLY D 16 3.87 49.48 -8.26
N ASP D 17 3.52 50.11 -7.15
CA ASP D 17 4.10 49.81 -5.85
C ASP D 17 3.16 48.90 -5.05
N ARG D 18 3.76 48.11 -4.17
CA ARG D 18 3.01 47.22 -3.29
C ARG D 18 2.61 47.97 -2.03
N VAL D 19 1.31 47.97 -1.74
CA VAL D 19 0.76 48.74 -0.62
C VAL D 19 0.24 47.77 0.44
N THR D 20 0.44 48.13 1.70
CA THR D 20 0.02 47.30 2.83
C THR D 20 -0.62 48.19 3.90
N ILE D 21 -1.86 47.88 4.26
CA ILE D 21 -2.60 48.60 5.29
C ILE D 21 -2.90 47.64 6.42
N THR D 22 -2.76 48.12 7.66
CA THR D 22 -2.95 47.29 8.85
C THR D 22 -4.23 47.68 9.57
N CYS D 23 -4.98 46.68 10.01
CA CYS D 23 -6.20 46.86 10.79
C CYS D 23 -6.08 46.04 12.06
N ARG D 24 -6.12 46.71 13.21
CA ARG D 24 -5.97 46.07 14.51
C ARG D 24 -7.25 46.19 15.31
N ALA D 25 -7.60 45.11 16.02
CA ALA D 25 -8.80 45.04 16.84
C ALA D 25 -8.44 44.95 18.31
N SER D 26 -9.24 45.61 19.15
CA SER D 26 -9.01 45.57 20.59
C SER D 26 -9.47 44.26 21.19
N HIS D 27 -10.74 43.89 20.96
CA HIS D 27 -11.27 42.62 21.43
C HIS D 27 -11.03 41.53 20.41
N TYR D 28 -11.09 40.28 20.86
CA TYR D 28 -10.76 39.15 20.01
C TYR D 28 -11.82 38.95 18.94
N ILE D 29 -11.40 39.01 17.68
CA ILE D 29 -12.25 38.73 16.52
C ILE D 29 -11.55 37.65 15.71
N SER D 30 -12.33 36.81 15.05
CA SER D 30 -11.79 35.69 14.26
C SER D 30 -12.29 35.81 12.82
N THR D 31 -11.50 36.47 11.98
CA THR D 31 -11.68 36.46 10.53
C THR D 31 -13.08 36.93 10.11
N TYR D 32 -13.53 38.03 10.72
CA TYR D 32 -14.89 38.51 10.47
C TYR D 32 -14.95 40.01 10.15
N LEU D 33 -13.84 40.63 9.81
CA LEU D 33 -13.88 41.98 9.26
C LEU D 33 -13.88 41.88 7.74
N ASN D 34 -13.71 43.00 7.05
CA ASN D 34 -13.68 43.03 5.59
C ASN D 34 -13.21 44.41 5.15
N TRP D 35 -12.93 44.53 3.85
CA TRP D 35 -12.32 45.72 3.27
C TRP D 35 -13.21 46.33 2.20
N TYR D 36 -13.48 47.63 2.33
CA TYR D 36 -14.27 48.42 1.41
C TYR D 36 -13.39 49.45 0.71
N GLN D 37 -13.71 49.71 -0.55
CA GLN D 37 -13.08 50.75 -1.36
C GLN D 37 -14.08 51.87 -1.62
N GLN D 38 -13.67 53.10 -1.35
CA GLN D 38 -14.53 54.27 -1.51
C GLN D 38 -13.74 55.38 -2.19
N LYS D 39 -14.09 55.66 -3.45
CA LYS D 39 -13.47 56.75 -4.18
C LYS D 39 -14.08 58.09 -3.76
N PRO D 40 -13.33 59.19 -3.89
CA PRO D 40 -13.85 60.49 -3.45
C PRO D 40 -15.12 60.87 -4.20
N GLY D 41 -16.14 61.27 -3.44
CA GLY D 41 -17.41 61.68 -4.01
C GLY D 41 -18.35 60.55 -4.39
N LYS D 42 -17.91 59.30 -4.25
CA LYS D 42 -18.73 58.15 -4.61
C LYS D 42 -19.03 57.32 -3.36
N ALA D 43 -19.74 56.21 -3.56
CA ALA D 43 -20.21 55.33 -2.50
C ALA D 43 -19.19 54.22 -2.21
N PRO D 44 -19.18 53.72 -0.99
CA PRO D 44 -18.28 52.59 -0.68
C PRO D 44 -18.63 51.36 -1.51
N LYS D 45 -17.59 50.72 -2.02
CA LYS D 45 -17.73 49.54 -2.88
C LYS D 45 -17.05 48.36 -2.19
N LEU D 46 -17.83 47.36 -1.79
CA LEU D 46 -17.28 46.21 -1.09
C LEU D 46 -16.47 45.35 -2.07
N LEU D 47 -15.17 45.24 -1.81
CA LEU D 47 -14.30 44.41 -2.63
C LEU D 47 -13.69 43.23 -1.90
N ILE D 48 -13.52 43.30 -0.58
CA ILE D 48 -13.06 42.16 0.19
C ILE D 48 -14.07 41.89 1.29
N TYR D 49 -14.55 40.65 1.36
CA TYR D 49 -15.49 40.22 2.38
C TYR D 49 -14.86 39.12 3.22
N ALA D 50 -15.30 39.01 4.47
CA ALA D 50 -14.70 38.09 5.44
C ALA D 50 -13.19 38.27 5.47
N ALA D 51 -12.45 37.19 5.64
CA ALA D 51 -10.99 37.24 5.69
C ALA D 51 -10.42 36.79 4.36
N SER D 52 -9.65 37.67 3.71
CA SER D 52 -8.85 37.35 2.53
C SER D 52 -9.69 36.85 1.36
N ASN D 53 -11.00 37.12 1.35
CA ASN D 53 -11.87 36.72 0.24
C ASN D 53 -12.15 37.92 -0.64
N LEU D 54 -11.99 37.74 -1.95
CA LEU D 54 -12.23 38.81 -2.91
C LEU D 54 -13.66 38.75 -3.43
N GLN D 55 -14.29 39.91 -3.51
CA GLN D 55 -15.61 40.01 -4.11
C GLN D 55 -15.53 39.77 -5.62
N SER D 56 -16.64 39.35 -6.21
CA SER D 56 -16.71 39.13 -7.64
C SER D 56 -16.54 40.47 -8.37
N GLY D 57 -15.50 40.57 -9.18
CA GLY D 57 -15.20 41.78 -9.91
C GLY D 57 -13.90 42.46 -9.53
N VAL D 58 -13.30 42.11 -8.40
CA VAL D 58 -12.03 42.75 -8.00
C VAL D 58 -10.90 42.21 -8.86
N PRO D 59 -10.00 43.06 -9.34
CA PRO D 59 -8.82 42.54 -10.05
C PRO D 59 -7.94 41.71 -9.13
N SER D 60 -7.12 40.85 -9.74
CA SER D 60 -6.30 39.93 -8.99
C SER D 60 -5.21 40.61 -8.17
N ARG D 61 -4.98 41.91 -8.38
CA ARG D 61 -3.90 42.59 -7.65
C ARG D 61 -4.25 42.79 -6.18
N PHE D 62 -5.53 42.95 -5.87
CA PHE D 62 -5.95 43.11 -4.47
C PHE D 62 -5.88 41.77 -3.74
N SER D 63 -5.51 41.81 -2.46
CA SER D 63 -5.48 40.60 -1.66
C SER D 63 -5.50 40.97 -0.18
N GLY D 64 -6.27 40.21 0.59
CA GLY D 64 -6.30 40.35 2.03
C GLY D 64 -5.61 39.17 2.70
N SER D 65 -5.37 39.32 4.00
CA SER D 65 -4.74 38.27 4.79
C SER D 65 -4.87 38.62 6.26
N GLY D 66 -4.59 37.64 7.10
CA GLY D 66 -4.57 37.83 8.54
C GLY D 66 -5.70 37.09 9.24
N PHE D 67 -5.50 36.87 10.53
CA PHE D 67 -6.52 36.27 11.38
C PHE D 67 -6.31 36.77 12.80
N GLY D 68 -7.29 36.51 13.65
CA GLY D 68 -7.16 36.90 15.05
C GLY D 68 -7.33 38.39 15.23
N THR D 69 -6.40 39.01 15.95
CA THR D 69 -6.51 40.41 16.30
C THR D 69 -5.93 41.36 15.26
N ASP D 70 -5.11 40.85 14.33
CA ASP D 70 -4.46 41.68 13.33
C ASP D 70 -4.85 41.23 11.94
N PHE D 71 -5.08 42.19 11.05
CA PHE D 71 -5.42 41.89 9.66
C PHE D 71 -4.67 42.84 8.74
N SER D 72 -4.37 42.36 7.54
CA SER D 72 -3.55 43.09 6.58
C SER D 72 -4.20 43.09 5.20
N LEU D 73 -4.14 44.23 4.54
CA LEU D 73 -4.59 44.39 3.17
C LEU D 73 -3.40 44.76 2.30
N THR D 74 -3.35 44.21 1.08
CA THR D 74 -2.20 44.39 0.21
C THR D 74 -2.64 44.56 -1.24
N ILE D 75 -2.09 45.57 -1.89
CA ILE D 75 -2.19 45.75 -3.34
C ILE D 75 -0.83 45.40 -3.93
N SER D 76 -0.82 44.45 -4.87
CA SER D 76 0.43 44.00 -5.45
C SER D 76 1.10 45.11 -6.26
N SER D 77 0.38 45.68 -7.21
CA SER D 77 0.89 46.76 -8.05
C SER D 77 -0.16 47.85 -8.15
N LEU D 78 0.17 49.05 -7.68
CA LEU D 78 -0.75 50.17 -7.75
C LEU D 78 -1.04 50.53 -9.21
N GLN D 79 -2.25 50.99 -9.46
CA GLN D 79 -2.72 51.37 -10.77
C GLN D 79 -3.37 52.74 -10.71
N PRO D 80 -3.43 53.46 -11.83
CA PRO D 80 -3.92 54.85 -11.80
C PRO D 80 -5.37 55.01 -11.32
N GLU D 81 -6.18 53.96 -11.39
CA GLU D 81 -7.59 54.07 -11.02
C GLU D 81 -7.90 53.52 -9.63
N ASP D 82 -6.87 53.25 -8.82
CA ASP D 82 -7.07 52.59 -7.53
C ASP D 82 -7.00 53.54 -6.35
N PHE D 83 -6.65 54.81 -6.54
CA PHE D 83 -6.52 55.72 -5.42
C PHE D 83 -7.89 56.03 -4.84
N ALA D 84 -8.10 55.66 -3.58
CA ALA D 84 -9.37 55.79 -2.89
C ALA D 84 -9.16 55.43 -1.42
N THR D 85 -10.10 55.83 -0.58
CA THR D 85 -10.04 55.51 0.83
C THR D 85 -10.56 54.10 1.08
N TYR D 86 -9.82 53.32 1.84
CA TYR D 86 -10.18 51.94 2.16
C TYR D 86 -10.50 51.82 3.64
N HIS D 87 -11.51 51.00 3.95
CA HIS D 87 -11.97 50.85 5.33
C HIS D 87 -12.09 49.37 5.69
N CYS D 88 -11.73 49.04 6.93
CA CYS D 88 -11.91 47.70 7.47
C CYS D 88 -13.04 47.71 8.48
N GLN D 89 -14.00 46.80 8.31
CA GLN D 89 -15.20 46.75 9.15
C GLN D 89 -15.34 45.35 9.74
N GLN D 90 -15.46 45.30 11.07
CA GLN D 90 -15.65 44.03 11.74
C GLN D 90 -17.13 43.62 11.71
N SER D 91 -17.36 42.31 11.65
CA SER D 91 -18.72 41.78 11.64
C SER D 91 -18.86 40.60 12.59
N TYR D 92 -18.05 40.57 13.65
CA TYR D 92 -18.07 39.47 14.60
C TYR D 92 -19.14 39.64 15.67
N SER D 93 -19.62 40.86 15.89
CA SER D 93 -20.61 41.12 16.92
C SER D 93 -21.45 42.32 16.52
N THR D 94 -22.36 42.72 17.41
CA THR D 94 -23.16 43.91 17.19
C THR D 94 -22.23 45.13 17.11
N PRO D 95 -22.37 45.97 16.09
CA PRO D 95 -21.41 47.07 15.91
C PRO D 95 -21.43 48.05 17.07
N GLY D 96 -20.24 48.41 17.53
CA GLY D 96 -20.08 49.41 18.57
C GLY D 96 -19.86 50.80 18.00
N ARG D 97 -19.25 51.66 18.81
CA ARG D 97 -18.98 53.01 18.35
C ARG D 97 -17.75 53.07 17.44
N TYR D 98 -16.73 52.29 17.76
CA TYR D 98 -15.52 52.19 16.95
C TYR D 98 -15.49 50.91 16.12
N THR D 99 -16.67 50.46 15.64
CA THR D 99 -16.73 49.21 14.90
C THR D 99 -16.08 49.34 13.53
N PHE D 100 -16.03 50.55 12.97
CA PHE D 100 -15.37 50.79 11.70
C PHE D 100 -13.98 51.35 11.92
N GLY D 101 -13.08 51.05 10.99
CA GLY D 101 -11.74 51.59 11.06
C GLY D 101 -11.72 53.09 10.84
N GLN D 102 -10.65 53.72 11.32
CA GLN D 102 -10.52 55.17 11.20
C GLN D 102 -10.25 55.61 9.77
N GLY D 103 -9.74 54.73 8.93
CA GLY D 103 -9.59 55.04 7.52
C GLY D 103 -8.13 55.20 7.13
N THR D 104 -7.84 54.90 5.86
CA THR D 104 -6.51 55.06 5.30
C THR D 104 -6.65 55.62 3.89
N LYS D 105 -6.07 56.78 3.65
CA LYS D 105 -6.15 57.47 2.37
C LYS D 105 -4.90 57.16 1.54
N VAL D 106 -5.11 56.77 0.29
CA VAL D 106 -4.03 56.44 -0.63
C VAL D 106 -3.87 57.60 -1.61
N GLU D 107 -2.67 58.16 -1.69
CA GLU D 107 -2.36 59.25 -2.60
C GLU D 107 -1.24 58.80 -3.53
N ILE D 108 -1.41 59.05 -4.83
CA ILE D 108 -0.44 58.61 -5.82
C ILE D 108 0.70 59.62 -5.92
N LYS D 109 1.93 59.13 -5.93
CA LYS D 109 3.11 59.97 -6.07
C LYS D 109 3.50 60.08 -7.54
N ARG D 110 3.84 61.30 -7.96
CA ARG D 110 4.25 61.57 -9.33
C ARG D 110 5.48 62.48 -9.29
N THR D 111 5.95 62.88 -10.47
CA THR D 111 7.08 63.79 -10.56
C THR D 111 6.75 65.11 -9.88
N VAL D 112 7.79 65.76 -9.34
CA VAL D 112 7.62 67.04 -8.68
C VAL D 112 7.13 68.06 -9.70
N ALA D 113 5.96 68.61 -9.47
CA ALA D 113 5.31 69.53 -10.40
C ALA D 113 5.40 70.95 -9.88
N ALA D 114 5.80 71.87 -10.75
CA ALA D 114 5.87 73.28 -10.38
C ALA D 114 4.46 73.88 -10.39
N PRO D 115 4.09 74.63 -9.35
CA PRO D 115 2.72 75.16 -9.28
C PRO D 115 2.50 76.31 -10.25
N SER D 116 1.32 76.32 -10.87
CA SER D 116 0.86 77.45 -11.65
C SER D 116 0.18 78.44 -10.71
N VAL D 117 0.67 79.68 -10.70
CA VAL D 117 0.25 80.70 -9.75
C VAL D 117 -0.48 81.80 -10.48
N PHE D 118 -1.68 82.14 -10.01
CA PHE D 118 -2.45 83.27 -10.52
C PHE D 118 -3.06 84.01 -9.34
N ILE D 119 -3.55 85.21 -9.61
CA ILE D 119 -4.17 86.05 -8.57
C ILE D 119 -5.34 86.79 -9.20
N PHE D 120 -6.44 86.88 -8.44
CA PHE D 120 -7.66 87.52 -8.90
C PHE D 120 -8.09 88.56 -7.88
N PRO D 121 -8.15 89.84 -8.24
CA PRO D 121 -8.67 90.85 -7.33
C PRO D 121 -10.17 90.78 -7.25
N PRO D 122 -10.79 91.39 -6.23
CA PRO D 122 -12.25 91.38 -6.14
C PRO D 122 -12.88 92.22 -7.24
N SER D 123 -13.91 91.67 -7.87
CA SER D 123 -14.59 92.37 -8.95
C SER D 123 -15.41 93.54 -8.42
N ASP D 124 -15.87 94.38 -9.35
CA ASP D 124 -16.68 95.54 -8.97
C ASP D 124 -18.02 95.11 -8.39
N GLU D 125 -18.61 94.05 -8.95
CA GLU D 125 -19.91 93.59 -8.47
C GLU D 125 -19.87 93.17 -7.02
N GLN D 126 -18.73 92.66 -6.55
CA GLN D 126 -18.58 92.30 -5.15
C GLN D 126 -18.25 93.50 -4.28
N LEU D 127 -17.47 94.45 -4.81
CA LEU D 127 -17.20 95.68 -4.07
C LEU D 127 -18.44 96.54 -3.87
N LYS D 128 -19.44 96.41 -4.74
CA LYS D 128 -20.69 97.14 -4.55
C LYS D 128 -21.42 96.69 -3.29
N SER D 129 -21.21 95.45 -2.86
CA SER D 129 -21.89 94.93 -1.68
C SER D 129 -21.25 95.38 -0.37
N GLY D 130 -19.99 95.84 -0.42
CA GLY D 130 -19.30 96.28 0.77
C GLY D 130 -18.29 95.31 1.33
N THR D 131 -17.99 94.23 0.62
CA THR D 131 -17.02 93.24 1.08
C THR D 131 -16.11 92.87 -0.08
N ALA D 132 -14.83 92.69 0.22
CA ALA D 132 -13.82 92.34 -0.79
C ALA D 132 -13.17 91.02 -0.43
N SER D 133 -12.97 90.18 -1.45
CA SER D 133 -12.33 88.88 -1.29
C SER D 133 -11.34 88.69 -2.43
N VAL D 134 -10.06 88.68 -2.11
CA VAL D 134 -9.00 88.47 -3.11
C VAL D 134 -8.68 86.99 -3.16
N VAL D 135 -8.48 86.48 -4.37
CA VAL D 135 -8.24 85.06 -4.59
C VAL D 135 -6.80 84.85 -5.06
N CYS D 136 -6.17 83.78 -4.58
CA CYS D 136 -4.84 83.38 -5.03
C CYS D 136 -4.89 81.91 -5.38
N LEU D 137 -4.57 81.59 -6.63
CA LEU D 137 -4.76 80.26 -7.18
C LEU D 137 -3.42 79.56 -7.42
N LEU D 138 -3.28 78.37 -6.85
CA LEU D 138 -2.20 77.44 -7.16
C LEU D 138 -2.81 76.22 -7.84
N ASN D 139 -2.18 75.75 -8.92
CA ASN D 139 -2.75 74.63 -9.65
C ASN D 139 -1.66 73.71 -10.18
N ASN D 140 -1.94 72.40 -10.13
CA ASN D 140 -1.11 71.38 -10.75
C ASN D 140 0.31 71.39 -10.17
N PHE D 141 0.39 70.95 -8.92
CA PHE D 141 1.67 70.86 -8.22
C PHE D 141 1.66 69.67 -7.28
N TYR D 142 2.76 68.91 -7.30
CA TYR D 142 2.97 67.81 -6.35
C TYR D 142 4.34 68.01 -5.71
N PRO D 143 4.45 67.78 -4.39
CA PRO D 143 3.41 67.25 -3.49
C PRO D 143 2.37 68.29 -3.06
N ARG D 144 1.50 67.87 -2.13
CA ARG D 144 0.41 68.73 -1.67
C ARG D 144 0.92 69.84 -0.76
N GLU D 145 2.02 69.60 -0.05
CA GLU D 145 2.53 70.58 0.91
C GLU D 145 3.03 71.83 0.19
N ALA D 146 2.47 72.98 0.54
CA ALA D 146 2.88 74.26 -0.02
C ALA D 146 2.48 75.36 0.95
N LYS D 147 3.18 76.48 0.87
CA LYS D 147 2.95 77.61 1.77
C LYS D 147 2.41 78.80 0.99
N VAL D 148 1.30 79.35 1.48
CA VAL D 148 0.65 80.53 0.91
C VAL D 148 0.66 81.63 1.94
N GLN D 149 1.16 82.81 1.57
CA GLN D 149 1.30 83.93 2.48
C GLN D 149 0.86 85.20 1.77
N TRP D 150 -0.03 85.95 2.42
CA TRP D 150 -0.56 87.19 1.88
C TRP D 150 0.24 88.38 2.41
N LYS D 151 0.43 89.39 1.57
CA LYS D 151 1.11 90.62 1.97
C LYS D 151 0.38 91.80 1.36
N VAL D 152 0.03 92.76 2.22
CA VAL D 152 -0.69 93.97 1.81
C VAL D 152 0.19 95.16 2.15
N ASP D 153 0.72 95.83 1.13
CA ASP D 153 1.65 96.95 1.29
C ASP D 153 2.86 96.53 2.13
N ASN D 154 3.45 95.39 1.77
CA ASN D 154 4.63 94.85 2.45
C ASN D 154 4.37 94.63 3.94
N ALA D 155 3.15 94.22 4.27
CA ALA D 155 2.76 93.91 5.64
C ALA D 155 2.15 92.53 5.68
N LEU D 156 2.61 91.71 6.63
CA LEU D 156 2.15 90.33 6.71
C LEU D 156 0.73 90.26 7.23
N GLN D 157 -0.12 89.50 6.54
CA GLN D 157 -1.50 89.28 6.94
C GLN D 157 -1.65 87.91 7.58
N SER D 158 -2.60 87.79 8.49
CA SER D 158 -2.81 86.53 9.21
C SER D 158 -4.22 86.51 9.78
N GLY D 159 -4.80 85.31 9.83
CA GLY D 159 -6.09 85.10 10.44
C GLY D 159 -7.29 85.47 9.58
N ASN D 160 -7.09 86.21 8.50
CA ASN D 160 -8.18 86.67 7.65
C ASN D 160 -8.26 85.92 6.33
N SER D 161 -7.46 84.88 6.15
CA SER D 161 -7.44 84.10 4.92
C SER D 161 -7.91 82.68 5.17
N GLN D 162 -8.28 82.00 4.07
CA GLN D 162 -8.72 80.62 4.12
C GLN D 162 -8.16 79.88 2.91
N GLU D 163 -8.10 78.56 3.02
CA GLU D 163 -7.53 77.72 1.97
C GLU D 163 -8.49 76.60 1.61
N SER D 164 -8.29 76.05 0.42
CA SER D 164 -9.15 75.00 -0.11
C SER D 164 -8.31 74.12 -1.03
N VAL D 165 -8.27 72.82 -0.74
CA VAL D 165 -7.41 71.87 -1.46
C VAL D 165 -8.28 70.94 -2.27
N THR D 166 -8.08 70.92 -3.58
CA THR D 166 -8.74 69.97 -4.45
C THR D 166 -8.05 68.61 -4.33
N GLU D 167 -8.85 67.56 -4.28
CA GLU D 167 -8.30 66.21 -4.20
C GLU D 167 -7.51 65.89 -5.47
N GLN D 168 -6.69 64.84 -5.37
CA GLN D 168 -5.77 64.50 -6.45
C GLN D 168 -6.51 64.17 -7.72
N ASP D 169 -6.24 64.95 -8.78
CA ASP D 169 -6.90 64.74 -10.06
C ASP D 169 -6.53 63.38 -10.64
N SER D 170 -7.49 62.74 -11.30
CA SER D 170 -7.30 61.39 -11.81
C SER D 170 -6.48 61.33 -13.09
N LYS D 171 -6.25 62.47 -13.75
CA LYS D 171 -5.50 62.46 -15.01
C LYS D 171 -4.00 62.66 -14.80
N ASP D 172 -3.62 63.73 -14.11
CA ASP D 172 -2.21 64.06 -13.92
C ASP D 172 -1.74 63.85 -12.49
N SER D 173 -2.58 63.27 -11.62
CA SER D 173 -2.21 62.94 -10.24
C SER D 173 -1.60 64.15 -9.52
N THR D 174 -2.33 65.26 -9.54
CA THR D 174 -1.83 66.52 -9.02
C THR D 174 -2.88 67.15 -8.10
N TYR D 175 -2.46 68.21 -7.43
CA TYR D 175 -3.32 68.92 -6.47
C TYR D 175 -3.54 70.36 -6.92
N SER D 176 -4.46 71.02 -6.24
CA SER D 176 -4.82 72.41 -6.52
C SER D 176 -5.23 73.08 -5.22
N LEU D 177 -4.82 74.34 -5.06
CA LEU D 177 -5.07 75.09 -3.84
C LEU D 177 -5.65 76.45 -4.18
N SER D 178 -6.57 76.91 -3.34
CA SER D 178 -7.22 78.21 -3.49
C SER D 178 -7.16 78.94 -2.15
N SER D 179 -6.71 80.18 -2.17
CA SER D 179 -6.59 81.00 -0.97
C SER D 179 -7.50 82.21 -1.12
N THR D 180 -8.44 82.36 -0.19
CA THR D 180 -9.40 83.46 -0.19
C THR D 180 -9.11 84.39 0.98
N LEU D 181 -8.80 85.65 0.67
CA LEU D 181 -8.57 86.67 1.67
C LEU D 181 -9.80 87.57 1.74
N THR D 182 -10.42 87.63 2.91
CA THR D 182 -11.67 88.37 3.11
C THR D 182 -11.40 89.60 3.95
N LEU D 183 -11.61 90.78 3.36
CA LEU D 183 -11.49 92.05 4.07
C LEU D 183 -12.66 92.93 3.69
N SER D 184 -12.91 93.93 4.53
CA SER D 184 -14.01 94.86 4.27
C SER D 184 -13.68 95.78 3.10
N LYS D 185 -14.72 96.43 2.57
CA LYS D 185 -14.54 97.37 1.47
C LYS D 185 -13.64 98.53 1.88
N ALA D 186 -13.89 99.09 3.06
CA ALA D 186 -13.06 100.20 3.55
C ALA D 186 -11.61 99.78 3.71
N ASP D 187 -11.38 98.62 4.36
CA ASP D 187 -10.02 98.13 4.52
C ASP D 187 -9.36 97.83 3.18
N TYR D 188 -10.15 97.42 2.18
CA TYR D 188 -9.58 97.21 0.85
C TYR D 188 -9.18 98.52 0.21
N GLU D 189 -9.97 99.58 0.39
CA GLU D 189 -9.63 100.87 -0.18
C GLU D 189 -8.51 101.59 0.56
N LYS D 190 -8.10 101.08 1.72
CA LYS D 190 -7.10 101.74 2.54
C LYS D 190 -5.66 101.41 2.13
N HIS D 191 -5.45 100.57 1.12
CA HIS D 191 -4.12 100.16 0.73
C HIS D 191 -3.99 100.14 -0.78
N LYS D 192 -2.76 100.31 -1.27
CA LYS D 192 -2.52 100.46 -2.69
C LYS D 192 -2.11 99.15 -3.35
N VAL D 193 -1.18 98.42 -2.74
CA VAL D 193 -0.57 97.24 -3.33
C VAL D 193 -1.07 95.99 -2.60
N TYR D 194 -1.31 94.93 -3.37
CA TYR D 194 -1.69 93.64 -2.83
C TYR D 194 -0.86 92.55 -3.50
N ALA D 195 -0.28 91.66 -2.70
CA ALA D 195 0.64 90.66 -3.21
C ALA D 195 0.39 89.31 -2.54
N CYS D 196 0.43 88.26 -3.35
CA CYS D 196 0.34 86.88 -2.88
C CYS D 196 1.67 86.19 -3.13
N GLU D 197 2.27 85.64 -2.08
CA GLU D 197 3.56 84.97 -2.15
C GLU D 197 3.39 83.50 -1.80
N VAL D 198 4.05 82.63 -2.56
CA VAL D 198 3.90 81.18 -2.40
C VAL D 198 5.28 80.53 -2.40
N THR D 199 5.46 79.56 -1.51
CA THR D 199 6.67 78.75 -1.42
C THR D 199 6.32 77.29 -1.63
N HIS D 200 7.12 76.60 -2.44
CA HIS D 200 6.93 75.19 -2.73
C HIS D 200 8.27 74.58 -3.08
N GLN D 201 8.42 73.28 -2.79
CA GLN D 201 9.68 72.60 -3.04
C GLN D 201 9.98 72.42 -4.54
N GLY D 202 8.97 72.60 -5.40
CA GLY D 202 9.18 72.51 -6.83
C GLY D 202 9.71 73.77 -7.48
N LEU D 203 9.96 74.82 -6.69
CA LEU D 203 10.48 76.08 -7.19
C LEU D 203 11.84 76.36 -6.55
N ARG D 204 12.73 76.95 -7.34
CA ARG D 204 14.05 77.30 -6.82
C ARG D 204 14.02 78.44 -5.83
N SER D 205 12.91 79.17 -5.75
CA SER D 205 12.71 80.27 -4.82
C SER D 205 11.23 80.65 -4.78
N PRO D 206 10.71 81.08 -3.63
CA PRO D 206 9.29 81.45 -3.56
C PRO D 206 8.96 82.57 -4.54
N VAL D 207 7.76 82.49 -5.11
CA VAL D 207 7.36 83.42 -6.16
C VAL D 207 6.19 84.26 -5.66
N THR D 208 6.05 85.45 -6.24
CA THR D 208 5.05 86.42 -5.80
C THR D 208 4.32 87.01 -7.00
N LYS D 209 3.00 87.11 -6.89
CA LYS D 209 2.16 87.77 -7.88
C LYS D 209 1.42 88.91 -7.18
N SER D 210 1.60 90.12 -7.69
CA SER D 210 1.07 91.32 -7.04
C SER D 210 0.29 92.15 -8.05
N PHE D 211 -0.39 93.18 -7.53
CA PHE D 211 -1.14 94.12 -8.34
C PHE D 211 -1.45 95.34 -7.49
N ASN D 212 -1.75 96.44 -8.17
CA ASN D 212 -2.20 97.66 -7.53
C ASN D 212 -3.64 97.95 -7.95
N ARG D 213 -4.44 98.46 -7.01
CA ARG D 213 -5.85 98.70 -7.28
C ARG D 213 -6.01 99.72 -8.40
N GLY D 214 -6.72 99.30 -9.46
CA GLY D 214 -6.89 100.16 -10.62
C GLY D 214 -5.62 100.44 -11.38
N GLU D 215 -4.60 99.59 -11.24
CA GLU D 215 -3.33 99.78 -11.93
C GLU D 215 -2.79 98.46 -12.47
N GLU E 1 -22.62 -46.65 -18.85
CA GLU E 1 -21.39 -47.22 -18.32
C GLU E 1 -21.68 -48.09 -17.09
N VAL E 2 -22.52 -47.59 -16.20
CA VAL E 2 -22.90 -48.30 -14.98
C VAL E 2 -24.30 -48.86 -15.17
N GLN E 3 -24.48 -50.13 -14.84
CA GLN E 3 -25.79 -50.76 -14.96
C GLN E 3 -26.02 -51.74 -13.82
N LEU E 4 -27.26 -51.75 -13.31
CA LEU E 4 -27.71 -52.65 -12.27
C LEU E 4 -28.97 -53.37 -12.74
N VAL E 5 -29.05 -54.67 -12.45
CA VAL E 5 -30.18 -55.51 -12.87
C VAL E 5 -30.71 -56.24 -11.64
N GLU E 6 -32.00 -56.07 -11.37
CA GLU E 6 -32.69 -56.78 -10.31
C GLU E 6 -33.41 -58.00 -10.86
N SER E 7 -33.48 -59.05 -10.05
CA SER E 7 -34.16 -60.27 -10.47
C SER E 7 -34.62 -61.03 -9.24
N GLY E 8 -35.58 -61.92 -9.45
CA GLY E 8 -36.13 -62.76 -8.40
C GLY E 8 -37.52 -62.40 -7.95
N GLY E 9 -38.11 -61.33 -8.47
CA GLY E 9 -39.45 -60.94 -8.04
C GLY E 9 -40.52 -61.88 -8.58
N GLY E 10 -41.62 -61.95 -7.85
CA GLY E 10 -42.72 -62.81 -8.24
C GLY E 10 -43.80 -62.78 -7.19
N LEU E 11 -44.81 -63.62 -7.41
CA LEU E 11 -45.92 -63.74 -6.47
C LEU E 11 -45.56 -64.69 -5.35
N VAL E 12 -45.79 -64.26 -4.11
CA VAL E 12 -45.56 -65.07 -2.92
C VAL E 12 -46.73 -64.88 -1.98
N LYS E 13 -47.16 -65.95 -1.32
CA LYS E 13 -48.28 -65.87 -0.41
C LYS E 13 -47.87 -65.22 0.91
N PRO E 14 -48.81 -64.57 1.60
CA PRO E 14 -48.46 -63.91 2.87
C PRO E 14 -47.93 -64.89 3.89
N GLY E 15 -46.77 -64.55 4.47
CA GLY E 15 -46.07 -65.41 5.40
C GLY E 15 -44.95 -66.23 4.78
N GLY E 16 -44.76 -66.15 3.46
CA GLY E 16 -43.73 -66.90 2.79
C GLY E 16 -42.43 -66.13 2.66
N SER E 17 -41.43 -66.81 2.12
CA SER E 17 -40.11 -66.24 1.91
C SER E 17 -39.86 -66.03 0.42
N LEU E 18 -38.91 -65.15 0.13
CA LEU E 18 -38.53 -64.87 -1.25
C LEU E 18 -37.16 -64.21 -1.26
N ARG E 19 -36.39 -64.51 -2.29
CA ARG E 19 -35.00 -64.08 -2.39
C ARG E 19 -34.82 -63.21 -3.63
N LEU E 20 -34.29 -61.99 -3.43
CA LEU E 20 -34.05 -61.04 -4.50
C LEU E 20 -32.55 -60.88 -4.73
N SER E 21 -32.17 -60.77 -6.00
CA SER E 21 -30.77 -60.64 -6.39
C SER E 21 -30.56 -59.36 -7.19
N CYS E 22 -29.42 -58.72 -6.94
CA CYS E 22 -29.05 -57.45 -7.56
C CYS E 22 -27.65 -57.59 -8.14
N ALA E 23 -27.54 -57.54 -9.47
CA ALA E 23 -26.27 -57.62 -10.17
C ALA E 23 -25.83 -56.23 -10.59
N ALA E 24 -24.54 -55.94 -10.42
CA ALA E 24 -23.98 -54.62 -10.69
C ALA E 24 -22.77 -54.74 -11.60
N SER E 25 -22.61 -53.74 -12.48
CA SER E 25 -21.40 -53.68 -13.30
C SER E 25 -21.13 -52.24 -13.71
N GLY E 26 -19.86 -51.91 -13.85
CA GLY E 26 -19.43 -50.60 -14.29
C GLY E 26 -18.76 -49.73 -13.25
N PHE E 27 -18.43 -50.26 -12.07
CA PHE E 27 -17.83 -49.47 -11.02
C PHE E 27 -17.12 -50.40 -10.04
N THR E 28 -16.55 -49.81 -8.99
CA THR E 28 -15.86 -50.55 -7.92
C THR E 28 -16.91 -50.97 -6.89
N PHE E 29 -17.29 -52.24 -6.90
CA PHE E 29 -18.35 -52.71 -6.03
C PHE E 29 -17.88 -52.83 -4.58
N SER E 30 -16.63 -53.24 -4.37
CA SER E 30 -16.14 -53.50 -3.03
C SER E 30 -15.97 -52.24 -2.19
N ASN E 31 -16.00 -51.06 -2.81
CA ASN E 31 -15.82 -49.80 -2.08
C ASN E 31 -17.10 -48.98 -1.98
N ALA E 32 -18.21 -49.46 -2.56
CA ALA E 32 -19.46 -48.72 -2.58
C ALA E 32 -20.47 -49.33 -1.62
N TRP E 33 -21.30 -48.47 -1.05
CA TRP E 33 -22.40 -48.91 -0.18
C TRP E 33 -23.61 -49.26 -1.01
N MET E 34 -24.31 -50.33 -0.62
CA MET E 34 -25.49 -50.78 -1.32
C MET E 34 -26.72 -50.53 -0.48
N SER E 35 -27.87 -50.41 -1.12
CA SER E 35 -29.11 -50.13 -0.41
C SER E 35 -30.29 -50.67 -1.20
N TRP E 36 -31.32 -51.08 -0.48
CA TRP E 36 -32.58 -51.51 -1.08
C TRP E 36 -33.67 -50.51 -0.72
N VAL E 37 -34.39 -50.03 -1.75
CA VAL E 37 -35.48 -49.08 -1.56
C VAL E 37 -36.70 -49.59 -2.32
N ARG E 38 -37.82 -49.70 -1.63
CA ARG E 38 -39.05 -50.21 -2.23
C ARG E 38 -40.05 -49.07 -2.45
N GLN E 39 -40.92 -49.26 -3.44
CA GLN E 39 -41.98 -48.30 -3.73
C GLN E 39 -43.31 -49.03 -3.76
N ALA E 40 -44.19 -48.69 -2.83
CA ALA E 40 -45.54 -49.23 -2.83
C ALA E 40 -46.34 -48.60 -3.96
N PRO E 41 -47.42 -49.23 -4.41
CA PRO E 41 -48.22 -48.63 -5.50
C PRO E 41 -48.77 -47.26 -5.13
N GLY E 42 -49.21 -47.08 -3.89
CA GLY E 42 -49.83 -45.83 -3.48
C GLY E 42 -49.17 -45.12 -2.31
N LYS E 43 -47.93 -45.49 -1.98
CA LYS E 43 -47.23 -44.88 -0.84
C LYS E 43 -45.91 -44.23 -1.21
N GLY E 44 -45.58 -44.12 -2.50
CA GLY E 44 -44.33 -43.47 -2.84
C GLY E 44 -43.13 -44.34 -2.50
N LEU E 45 -41.98 -43.67 -2.40
CA LEU E 45 -40.73 -44.36 -2.11
C LEU E 45 -40.58 -44.63 -0.62
N GLU E 46 -40.02 -45.79 -0.29
CA GLU E 46 -39.76 -46.17 1.10
C GLU E 46 -38.43 -46.89 1.16
N TRP E 47 -37.51 -46.39 1.98
CA TRP E 47 -36.20 -47.01 2.12
C TRP E 47 -36.32 -48.31 2.90
N VAL E 48 -35.64 -49.36 2.45
CA VAL E 48 -35.72 -50.66 3.10
C VAL E 48 -34.46 -50.95 3.91
N GLY E 49 -33.29 -50.94 3.25
CA GLY E 49 -32.09 -51.36 3.94
C GLY E 49 -30.83 -50.75 3.36
N ARG E 50 -29.74 -50.92 4.12
CA ARG E 50 -28.43 -50.37 3.76
C ARG E 50 -27.34 -51.30 4.26
N ILE E 51 -26.31 -51.49 3.42
CA ILE E 51 -25.14 -52.29 3.74
C ILE E 51 -23.89 -51.51 3.32
N LYS E 52 -22.93 -51.41 4.24
CA LYS E 52 -21.68 -50.73 3.96
C LYS E 52 -20.73 -51.65 3.20
N SER E 53 -19.60 -51.09 2.79
CA SER E 53 -18.56 -51.86 2.13
C SER E 53 -17.71 -52.58 3.17
N LYS E 54 -16.87 -53.50 2.69
CA LYS E 54 -15.97 -54.21 3.59
C LYS E 54 -14.93 -53.30 4.23
N THR E 55 -14.76 -52.07 3.72
CA THR E 55 -13.80 -51.14 4.30
C THR E 55 -14.32 -50.55 5.60
N ASP E 56 -15.58 -50.11 5.62
CA ASP E 56 -16.17 -49.46 6.79
C ASP E 56 -16.76 -50.45 7.78
N GLY E 57 -16.54 -51.74 7.59
CA GLY E 57 -17.06 -52.76 8.47
C GLY E 57 -18.25 -53.51 7.93
N GLY E 58 -18.95 -52.97 6.94
CA GLY E 58 -20.08 -53.68 6.37
C GLY E 58 -21.26 -53.85 7.29
N THR E 59 -21.51 -52.88 8.17
CA THR E 59 -22.66 -52.97 9.05
C THR E 59 -23.95 -52.76 8.27
N ILE E 60 -25.01 -53.45 8.70
CA ILE E 60 -26.29 -53.47 8.00
C ILE E 60 -27.32 -52.74 8.84
N ASP E 61 -28.20 -51.99 8.17
CA ASP E 61 -29.29 -51.29 8.84
C ASP E 61 -30.58 -51.53 8.08
N TYR E 62 -31.67 -51.68 8.83
CA TYR E 62 -33.00 -51.97 8.28
C TYR E 62 -33.99 -50.91 8.73
N ALA E 63 -35.15 -50.93 8.08
CA ALA E 63 -36.23 -50.00 8.41
C ALA E 63 -37.08 -50.55 9.56
N ALA E 64 -37.89 -49.67 10.15
CA ALA E 64 -38.69 -50.06 11.30
C ALA E 64 -39.73 -51.11 10.97
N PRO E 65 -40.59 -50.97 9.95
CA PRO E 65 -41.53 -52.05 9.62
C PRO E 65 -40.85 -53.27 9.01
N VAL E 66 -39.52 -53.25 8.86
CA VAL E 66 -38.80 -54.29 8.15
C VAL E 66 -37.91 -55.11 9.06
N LYS E 67 -37.48 -54.57 10.20
CA LYS E 67 -36.54 -55.26 11.08
C LYS E 67 -37.10 -56.59 11.56
N GLY E 68 -36.25 -57.61 11.56
CA GLY E 68 -36.59 -58.93 12.04
C GLY E 68 -37.18 -59.86 11.01
N ARG E 69 -37.50 -59.37 9.81
CA ARG E 69 -38.09 -60.19 8.77
C ARG E 69 -37.26 -60.28 7.50
N PHE E 70 -36.30 -59.38 7.30
CA PHE E 70 -35.48 -59.34 6.10
C PHE E 70 -34.01 -59.44 6.47
N THR E 71 -33.18 -59.83 5.49
CA THR E 71 -31.75 -59.99 5.74
C THR E 71 -30.97 -59.71 4.46
N ILE E 72 -30.02 -58.78 4.52
CA ILE E 72 -29.24 -58.38 3.36
C ILE E 72 -27.86 -59.03 3.43
N SER E 73 -27.32 -59.38 2.26
CA SER E 73 -25.97 -59.93 2.18
C SER E 73 -25.33 -59.46 0.88
N ARG E 74 -24.01 -59.62 0.77
CA ARG E 74 -23.31 -59.17 -0.42
C ARG E 74 -22.16 -60.12 -0.76
N ASP E 75 -21.93 -60.27 -2.06
CA ASP E 75 -20.81 -61.05 -2.60
C ASP E 75 -19.98 -60.11 -3.47
N ASP E 76 -18.75 -59.85 -3.05
CA ASP E 76 -17.86 -58.95 -3.78
C ASP E 76 -17.15 -59.63 -4.94
N SER E 77 -16.97 -60.96 -4.86
CA SER E 77 -16.33 -61.67 -5.96
C SER E 77 -17.22 -61.72 -7.20
N LYS E 78 -18.54 -61.63 -7.01
CA LYS E 78 -19.49 -61.62 -8.11
C LYS E 78 -20.16 -60.27 -8.32
N ASN E 79 -19.85 -59.27 -7.47
CA ASN E 79 -20.47 -57.95 -7.55
C ASN E 79 -21.99 -58.05 -7.49
N THR E 80 -22.49 -58.72 -6.46
CA THR E 80 -23.92 -58.99 -6.34
C THR E 80 -24.35 -58.74 -4.89
N VAL E 81 -25.59 -58.29 -4.71
CA VAL E 81 -26.15 -58.11 -3.37
C VAL E 81 -27.52 -58.77 -3.32
N TYR E 82 -27.79 -59.50 -2.24
CA TYR E 82 -29.00 -60.30 -2.08
C TYR E 82 -29.84 -59.79 -0.92
N LEU E 83 -31.16 -59.87 -1.10
CA LEU E 83 -32.13 -59.49 -0.07
C LEU E 83 -33.07 -60.66 0.17
N GLN E 84 -33.08 -61.17 1.40
CA GLN E 84 -33.91 -62.30 1.81
C GLN E 84 -35.11 -61.81 2.60
N MET E 85 -36.29 -62.36 2.29
CA MET E 85 -37.56 -61.90 2.84
C MET E 85 -38.27 -63.08 3.50
N THR E 86 -38.38 -63.05 4.82
CA THR E 86 -39.03 -64.09 5.60
C THR E 86 -40.17 -63.50 6.42
N SER E 87 -41.21 -64.31 6.65
CA SER E 87 -42.40 -63.90 7.40
C SER E 87 -43.01 -62.65 6.77
N LEU E 88 -43.16 -62.68 5.45
CA LEU E 88 -43.57 -61.50 4.71
C LEU E 88 -45.05 -61.22 4.93
N LYS E 89 -45.39 -59.93 5.03
CA LYS E 89 -46.76 -59.48 5.25
C LYS E 89 -47.28 -58.73 4.03
N THR E 90 -48.61 -58.69 3.91
CA THR E 90 -49.25 -58.14 2.71
C THR E 90 -48.87 -56.69 2.44
N GLU E 91 -48.46 -55.94 3.46
CA GLU E 91 -48.09 -54.55 3.23
C GLU E 91 -46.76 -54.40 2.51
N ASP E 92 -46.00 -55.49 2.34
CA ASP E 92 -44.70 -55.42 1.69
C ASP E 92 -44.80 -55.63 0.18
N THR E 93 -46.02 -55.74 -0.36
CA THR E 93 -46.22 -55.80 -1.80
C THR E 93 -45.76 -54.49 -2.43
N ALA E 94 -44.70 -54.54 -3.24
CA ALA E 94 -44.12 -53.30 -3.75
C ALA E 94 -43.21 -53.61 -4.92
N VAL E 95 -42.74 -52.53 -5.56
CA VAL E 95 -41.72 -52.61 -6.60
C VAL E 95 -40.38 -52.30 -5.93
N TYR E 96 -39.49 -53.29 -5.89
CA TYR E 96 -38.22 -53.17 -5.19
C TYR E 96 -37.12 -52.71 -6.14
N TYR E 97 -36.41 -51.67 -5.73
CA TYR E 97 -35.32 -51.09 -6.49
C TYR E 97 -34.01 -51.25 -5.72
N CYS E 98 -32.95 -51.61 -6.44
CA CYS E 98 -31.61 -51.80 -5.89
C CYS E 98 -30.75 -50.60 -6.25
N THR E 99 -30.15 -49.97 -5.23
CA THR E 99 -29.40 -48.74 -5.41
C THR E 99 -28.00 -48.86 -4.84
N THR E 100 -27.10 -48.01 -5.34
CA THR E 100 -25.68 -48.03 -5.00
C THR E 100 -25.26 -46.65 -4.49
N TYR E 101 -24.37 -46.63 -3.50
CA TYR E 101 -23.77 -45.40 -2.96
C TYR E 101 -22.28 -45.44 -3.30
N THR E 102 -21.93 -44.86 -4.44
CA THR E 102 -20.57 -44.97 -4.96
C THR E 102 -19.56 -44.30 -4.04
N GLU E 103 -18.29 -44.66 -4.24
CA GLU E 103 -17.20 -44.07 -3.46
C GLU E 103 -17.06 -42.58 -3.71
N ASP E 104 -17.45 -42.11 -4.90
CA ASP E 104 -17.32 -40.69 -5.20
C ASP E 104 -18.21 -39.83 -4.33
N MET E 105 -19.40 -40.31 -3.95
CA MET E 105 -20.27 -39.53 -3.08
C MET E 105 -19.90 -39.66 -1.61
N ARG E 106 -19.16 -40.70 -1.23
CA ARG E 106 -18.51 -40.69 0.08
C ARG E 106 -17.60 -39.49 0.22
N TYR E 107 -16.91 -39.14 -0.88
CA TYR E 107 -15.95 -38.05 -0.88
C TYR E 107 -16.60 -36.69 -0.79
N PHE E 108 -17.88 -36.56 -1.18
CA PHE E 108 -18.58 -35.29 -1.08
C PHE E 108 -19.24 -35.07 0.28
N ASP E 109 -19.48 -36.13 1.05
CA ASP E 109 -19.97 -35.98 2.41
C ASP E 109 -18.83 -35.49 3.29
N TRP E 110 -18.94 -34.27 3.81
CA TRP E 110 -17.84 -33.69 4.58
C TRP E 110 -18.08 -33.67 6.08
N LEU E 111 -19.33 -33.68 6.54
CA LEU E 111 -19.59 -33.73 7.97
C LEU E 111 -19.53 -35.15 8.53
N LEU E 112 -19.20 -36.14 7.70
CA LEU E 112 -19.06 -37.54 8.14
C LEU E 112 -20.35 -38.11 8.73
N ARG E 113 -21.49 -37.75 8.14
CA ARG E 113 -22.77 -38.27 8.58
C ARG E 113 -23.06 -39.61 7.88
N GLY E 114 -23.76 -40.48 8.61
CA GLY E 114 -24.01 -41.82 8.11
C GLY E 114 -24.93 -41.88 6.90
N GLY E 115 -25.83 -40.91 6.75
CA GLY E 115 -26.74 -40.92 5.62
C GLY E 115 -26.01 -40.85 4.29
N GLU E 116 -26.66 -41.38 3.25
CA GLU E 116 -26.05 -41.52 1.94
C GLU E 116 -26.94 -40.93 0.85
N THR E 117 -26.33 -40.62 -0.28
CA THR E 117 -27.01 -40.14 -1.48
C THR E 117 -27.03 -41.23 -2.53
N PHE E 118 -28.24 -41.64 -2.94
CA PHE E 118 -28.41 -42.76 -3.86
C PHE E 118 -27.99 -42.36 -5.28
N ASP E 119 -26.92 -42.99 -5.78
CA ASP E 119 -26.32 -42.55 -7.04
C ASP E 119 -27.05 -43.10 -8.27
N TYR E 120 -27.09 -44.42 -8.40
CA TYR E 120 -27.65 -45.05 -9.59
C TYR E 120 -28.73 -46.05 -9.19
N TRP E 121 -29.74 -46.16 -10.03
CA TRP E 121 -30.89 -47.01 -9.76
C TRP E 121 -31.04 -48.03 -10.88
N GLY E 122 -31.47 -49.25 -10.50
CA GLY E 122 -31.70 -50.30 -11.47
C GLY E 122 -33.13 -50.33 -11.97
N GLN E 123 -33.38 -51.27 -12.89
CA GLN E 123 -34.70 -51.41 -13.48
C GLN E 123 -35.77 -51.66 -12.41
N GLY E 124 -35.45 -52.45 -11.40
CA GLY E 124 -36.40 -52.80 -10.37
C GLY E 124 -37.19 -54.05 -10.71
N THR E 125 -37.71 -54.69 -9.67
CA THR E 125 -38.49 -55.90 -9.82
C THR E 125 -39.82 -55.75 -9.09
N LEU E 126 -40.79 -56.57 -9.48
CA LEU E 126 -42.12 -56.52 -8.91
C LEU E 126 -42.32 -57.65 -7.92
N VAL E 127 -42.76 -57.31 -6.72
CA VAL E 127 -43.05 -58.29 -5.67
C VAL E 127 -44.50 -58.10 -5.26
N THR E 128 -45.34 -59.09 -5.56
CA THR E 128 -46.75 -59.04 -5.23
C THR E 128 -47.07 -60.13 -4.21
N VAL E 129 -47.83 -59.76 -3.18
CA VAL E 129 -48.21 -60.68 -2.11
C VAL E 129 -49.73 -60.61 -1.95
N SER E 130 -50.41 -61.71 -2.26
CA SER E 130 -51.87 -61.74 -2.15
C SER E 130 -52.32 -63.18 -2.05
N SER E 131 -53.49 -63.38 -1.44
CA SER E 131 -54.06 -64.72 -1.26
C SER E 131 -54.86 -65.10 -2.50
N ALA E 132 -54.12 -65.28 -3.60
CA ALA E 132 -54.74 -65.67 -4.86
C ALA E 132 -53.70 -66.33 -5.75
N SER E 133 -54.17 -67.17 -6.66
CA SER E 133 -53.33 -67.91 -7.59
C SER E 133 -53.17 -67.13 -8.89
N THR E 134 -52.23 -67.58 -9.72
CA THR E 134 -51.96 -66.94 -11.00
C THR E 134 -53.04 -67.33 -12.02
N LYS E 135 -53.37 -66.39 -12.90
CA LYS E 135 -54.40 -66.59 -13.90
C LYS E 135 -53.93 -66.04 -15.24
N GLY E 136 -54.23 -66.77 -16.31
CA GLY E 136 -53.84 -66.37 -17.65
C GLY E 136 -54.68 -65.24 -18.20
N PRO E 137 -54.08 -64.42 -19.06
CA PRO E 137 -54.81 -63.29 -19.64
C PRO E 137 -55.75 -63.73 -20.76
N SER E 138 -56.81 -62.94 -20.93
CA SER E 138 -57.79 -63.16 -21.99
C SER E 138 -57.62 -62.10 -23.07
N VAL E 139 -57.44 -62.54 -24.32
CA VAL E 139 -57.20 -61.65 -25.45
C VAL E 139 -58.40 -61.73 -26.38
N PHE E 140 -59.04 -60.58 -26.61
CA PHE E 140 -60.17 -60.48 -27.53
C PHE E 140 -59.97 -59.31 -28.48
N PRO E 141 -60.19 -59.49 -29.78
CA PRO E 141 -59.98 -58.40 -30.74
C PRO E 141 -61.09 -57.37 -30.68
N LEU E 142 -60.76 -56.14 -31.08
CA LEU E 142 -61.70 -55.03 -31.15
C LEU E 142 -61.75 -54.55 -32.61
N ALA E 143 -62.81 -54.92 -33.33
CA ALA E 143 -62.85 -54.67 -34.77
C ALA E 143 -63.03 -53.19 -35.08
N PRO E 144 -62.46 -52.72 -36.18
CA PRO E 144 -62.53 -51.29 -36.55
C PRO E 144 -63.69 -50.91 -37.45
N SER E 145 -64.70 -51.76 -37.63
CA SER E 145 -65.70 -51.56 -38.68
C SER E 145 -66.39 -50.20 -38.60
N SER E 150 -63.37 -45.04 -39.28
CA SER E 150 -64.25 -43.89 -39.11
C SER E 150 -63.69 -42.64 -39.78
N GLY E 151 -63.90 -42.53 -41.08
CA GLY E 151 -63.41 -41.38 -41.83
C GLY E 151 -62.05 -41.65 -42.43
N GLY E 152 -61.13 -40.71 -42.25
CA GLY E 152 -59.78 -40.87 -42.75
C GLY E 152 -58.87 -41.61 -41.80
N THR E 153 -59.03 -41.35 -40.50
CA THR E 153 -58.27 -42.02 -39.46
C THR E 153 -59.16 -42.99 -38.71
N ALA E 154 -58.60 -44.17 -38.40
CA ALA E 154 -59.32 -45.22 -37.71
C ALA E 154 -58.50 -45.70 -36.53
N ALA E 155 -59.17 -46.36 -35.59
CA ALA E 155 -58.53 -46.88 -34.39
C ALA E 155 -58.81 -48.37 -34.25
N LEU E 156 -57.82 -49.07 -33.70
CA LEU E 156 -57.82 -50.53 -33.66
C LEU E 156 -57.15 -50.98 -32.37
N GLY E 157 -57.84 -51.80 -31.57
CA GLY E 157 -57.28 -52.29 -30.34
C GLY E 157 -57.67 -53.72 -30.04
N CYS E 158 -57.03 -54.27 -29.01
CA CYS E 158 -57.35 -55.58 -28.48
C CYS E 158 -57.38 -55.48 -26.96
N LEU E 159 -58.25 -56.28 -26.36
CA LEU E 159 -58.59 -56.21 -24.94
C LEU E 159 -58.10 -57.46 -24.20
N VAL E 160 -57.49 -57.23 -23.04
CA VAL E 160 -57.01 -58.30 -22.16
C VAL E 160 -57.80 -58.22 -20.86
N LYS E 161 -58.35 -59.35 -20.44
CA LYS E 161 -59.26 -59.40 -19.30
C LYS E 161 -58.93 -60.59 -18.42
N ASP E 162 -59.17 -60.42 -17.12
CA ASP E 162 -59.09 -61.49 -16.12
C ASP E 162 -57.68 -62.10 -16.07
N TYR E 163 -56.71 -61.24 -15.78
CA TYR E 163 -55.32 -61.68 -15.68
C TYR E 163 -54.74 -61.27 -14.34
N PHE E 164 -53.92 -62.14 -13.77
CA PHE E 164 -53.24 -61.91 -12.51
C PHE E 164 -51.99 -62.79 -12.46
N PRO E 165 -50.85 -62.24 -12.02
CA PRO E 165 -50.57 -60.87 -11.58
C PRO E 165 -50.47 -59.83 -12.69
N GLU E 166 -49.87 -58.68 -12.36
CA GLU E 166 -49.79 -57.49 -13.20
C GLU E 166 -48.91 -57.61 -14.44
N PRO E 167 -47.69 -58.19 -14.36
CA PRO E 167 -46.77 -58.14 -15.52
C PRO E 167 -47.36 -58.65 -16.83
N VAL E 168 -47.66 -57.72 -17.74
CA VAL E 168 -48.14 -58.04 -19.08
C VAL E 168 -47.52 -57.07 -20.06
N THR E 169 -47.22 -57.56 -21.27
CA THR E 169 -46.64 -56.75 -22.32
C THR E 169 -47.45 -56.95 -23.60
N VAL E 170 -47.61 -55.87 -24.37
CA VAL E 170 -48.37 -55.91 -25.61
C VAL E 170 -47.52 -55.29 -26.71
N SER E 171 -47.38 -56.00 -27.83
CA SER E 171 -46.64 -55.49 -28.99
C SER E 171 -47.44 -55.78 -30.25
N TRP E 172 -47.72 -54.73 -31.02
CA TRP E 172 -48.52 -54.87 -32.23
C TRP E 172 -47.63 -55.20 -33.42
N ASN E 173 -47.99 -56.26 -34.15
CA ASN E 173 -47.27 -56.71 -35.33
C ASN E 173 -45.79 -56.95 -35.02
N SER E 174 -45.53 -57.58 -33.87
CA SER E 174 -44.18 -57.91 -33.42
C SER E 174 -43.30 -56.66 -33.31
N GLY E 175 -43.90 -55.55 -32.86
CA GLY E 175 -43.16 -54.33 -32.69
C GLY E 175 -42.97 -53.48 -33.93
N ALA E 176 -43.58 -53.86 -35.05
CA ALA E 176 -43.42 -53.07 -36.28
C ALA E 176 -44.22 -51.79 -36.23
N LEU E 177 -45.25 -51.72 -35.40
CA LEU E 177 -46.09 -50.53 -35.26
C LEU E 177 -45.88 -49.95 -33.86
N THR E 178 -45.03 -48.94 -33.77
CA THR E 178 -44.72 -48.29 -32.51
C THR E 178 -45.32 -46.89 -32.38
N SER E 179 -45.74 -46.28 -33.49
CA SER E 179 -46.30 -44.94 -33.48
C SER E 179 -47.81 -45.00 -33.29
N GLY E 180 -48.33 -44.04 -32.54
CA GLY E 180 -49.76 -43.99 -32.29
C GLY E 180 -50.31 -45.10 -31.42
N VAL E 181 -49.44 -45.82 -30.70
CA VAL E 181 -49.85 -46.93 -29.85
C VAL E 181 -50.02 -46.42 -28.43
N HIS E 182 -51.17 -46.71 -27.83
CA HIS E 182 -51.46 -46.34 -26.46
C HIS E 182 -51.90 -47.59 -25.71
N THR E 183 -51.10 -48.01 -24.73
CA THR E 183 -51.42 -49.15 -23.87
C THR E 183 -51.80 -48.61 -22.50
N PHE E 184 -53.05 -48.85 -22.11
CA PHE E 184 -53.58 -48.27 -20.89
C PHE E 184 -53.14 -49.06 -19.66
N PRO E 185 -53.00 -48.40 -18.52
CA PRO E 185 -52.63 -49.11 -17.29
C PRO E 185 -53.74 -50.03 -16.82
N ALA E 186 -53.35 -50.96 -15.94
CA ALA E 186 -54.31 -51.93 -15.41
C ALA E 186 -55.31 -51.25 -14.48
N VAL E 187 -56.53 -51.78 -14.47
CA VAL E 187 -57.60 -51.32 -13.59
C VAL E 187 -58.20 -52.54 -12.90
N LEU E 188 -58.32 -52.47 -11.57
CA LEU E 188 -58.80 -53.59 -10.78
C LEU E 188 -60.31 -53.72 -10.90
N GLN E 189 -60.79 -54.89 -11.31
CA GLN E 189 -62.21 -55.18 -11.38
C GLN E 189 -62.73 -55.63 -10.01
N SER E 190 -64.05 -55.61 -9.86
CA SER E 190 -64.66 -55.97 -8.58
C SER E 190 -64.41 -57.42 -8.20
N SER E 191 -64.07 -58.28 -9.15
CA SER E 191 -63.81 -59.68 -8.86
C SER E 191 -62.42 -59.92 -8.28
N GLY E 192 -61.55 -58.91 -8.30
CA GLY E 192 -60.18 -59.06 -7.81
C GLY E 192 -59.15 -59.27 -8.90
N LEU E 193 -59.56 -59.33 -10.16
CA LEU E 193 -58.65 -59.48 -11.29
C LEU E 193 -58.63 -58.19 -12.08
N TYR E 194 -57.55 -57.99 -12.83
CA TYR E 194 -57.30 -56.74 -13.54
C TYR E 194 -57.77 -56.81 -14.98
N SER E 195 -57.83 -55.64 -15.62
CA SER E 195 -58.30 -55.50 -17.00
C SER E 195 -57.47 -54.43 -17.70
N LEU E 196 -56.93 -54.79 -18.86
CA LEU E 196 -56.06 -53.90 -19.63
C LEU E 196 -56.56 -53.83 -21.07
N SER E 197 -56.32 -52.69 -21.71
CA SER E 197 -56.71 -52.46 -23.09
C SER E 197 -55.54 -51.88 -23.87
N SER E 198 -55.36 -52.33 -25.10
CA SER E 198 -54.27 -51.84 -25.95
C SER E 198 -54.86 -51.30 -27.25
N VAL E 199 -54.44 -50.09 -27.63
CA VAL E 199 -54.97 -49.41 -28.80
C VAL E 199 -53.81 -48.94 -29.69
N VAL E 200 -54.11 -48.79 -30.98
CA VAL E 200 -53.20 -48.23 -31.97
C VAL E 200 -54.05 -47.59 -33.06
N THR E 201 -53.62 -46.43 -33.54
CA THR E 201 -54.37 -45.69 -34.55
C THR E 201 -53.70 -45.84 -35.92
N VAL E 202 -54.49 -46.19 -36.92
CA VAL E 202 -53.99 -46.43 -38.27
C VAL E 202 -54.92 -45.75 -39.27
N PRO E 203 -54.42 -45.46 -40.47
CA PRO E 203 -55.29 -44.90 -41.52
C PRO E 203 -56.34 -45.92 -41.95
N SER E 204 -57.49 -45.39 -42.39
CA SER E 204 -58.61 -46.25 -42.74
C SER E 204 -58.33 -47.05 -44.01
N SER E 205 -57.73 -46.42 -45.01
CA SER E 205 -57.46 -47.10 -46.28
C SER E 205 -56.47 -48.25 -46.16
N SER E 206 -55.79 -48.38 -45.02
CA SER E 206 -54.80 -49.43 -44.83
C SER E 206 -55.34 -50.68 -44.15
N LEU E 207 -56.61 -50.67 -43.71
CA LEU E 207 -57.13 -51.82 -42.99
C LEU E 207 -57.39 -53.00 -43.92
N GLY E 208 -57.79 -52.73 -45.17
CA GLY E 208 -58.04 -53.81 -46.12
C GLY E 208 -56.80 -54.38 -46.75
N THR E 209 -55.67 -53.68 -46.67
CA THR E 209 -54.43 -54.12 -47.29
C THR E 209 -53.44 -54.72 -46.31
N GLN E 210 -53.46 -54.29 -45.05
CA GLN E 210 -52.56 -54.79 -44.03
C GLN E 210 -53.25 -55.84 -43.17
N THR E 211 -52.44 -56.57 -42.41
CA THR E 211 -52.92 -57.54 -41.44
C THR E 211 -52.37 -57.17 -40.07
N TYR E 212 -53.25 -56.81 -39.14
CA TYR E 212 -52.86 -56.37 -37.82
C TYR E 212 -53.11 -57.49 -36.80
N ILE E 213 -52.07 -57.85 -36.05
CA ILE E 213 -52.15 -58.86 -35.00
C ILE E 213 -51.51 -58.27 -33.74
N CYS E 214 -52.17 -58.40 -32.60
CA CYS E 214 -51.58 -57.95 -31.35
C CYS E 214 -51.00 -59.16 -30.62
N ASN E 215 -49.78 -58.99 -30.10
CA ASN E 215 -49.02 -60.04 -29.42
C ASN E 215 -48.96 -59.71 -27.94
N VAL E 216 -49.65 -60.52 -27.14
CA VAL E 216 -49.72 -60.34 -25.69
C VAL E 216 -48.82 -61.38 -25.05
N ASN E 217 -47.88 -60.92 -24.22
CA ASN E 217 -46.95 -61.79 -23.51
C ASN E 217 -47.15 -61.61 -22.02
N HIS E 218 -47.32 -62.72 -21.31
CA HIS E 218 -47.54 -62.75 -19.87
C HIS E 218 -46.57 -63.75 -19.26
N LYS E 219 -45.57 -63.24 -18.55
CA LYS E 219 -44.48 -64.03 -18.00
C LYS E 219 -44.89 -64.88 -16.80
N PRO E 220 -45.66 -64.36 -15.82
CA PRO E 220 -45.98 -65.20 -14.64
C PRO E 220 -46.65 -66.52 -14.98
N SER E 221 -47.74 -66.51 -15.73
CA SER E 221 -48.40 -67.74 -16.14
C SER E 221 -47.72 -68.39 -17.34
N ASN E 222 -46.66 -67.78 -17.88
CA ASN E 222 -45.94 -68.30 -19.05
C ASN E 222 -46.90 -68.49 -20.23
N THR E 223 -47.75 -67.50 -20.46
CA THR E 223 -48.76 -67.53 -21.51
C THR E 223 -48.46 -66.43 -22.53
N LYS E 224 -48.16 -66.82 -23.76
CA LYS E 224 -47.90 -65.90 -24.86
C LYS E 224 -48.93 -66.15 -25.95
N VAL E 225 -49.91 -65.25 -26.07
CA VAL E 225 -50.99 -65.43 -27.02
C VAL E 225 -51.08 -64.19 -27.91
N ASP E 226 -51.23 -64.41 -29.21
CA ASP E 226 -51.39 -63.35 -30.19
C ASP E 226 -52.71 -63.55 -30.93
N LYS E 227 -53.39 -62.45 -31.26
CA LYS E 227 -54.68 -62.53 -31.93
C LYS E 227 -54.75 -61.53 -33.06
N LYS E 228 -55.35 -61.95 -34.17
CA LYS E 228 -55.49 -61.11 -35.35
C LYS E 228 -56.82 -60.36 -35.31
N VAL E 229 -56.75 -59.05 -35.48
CA VAL E 229 -57.93 -58.19 -35.48
C VAL E 229 -58.27 -57.85 -36.92
N GLU E 230 -59.54 -58.01 -37.30
CA GLU E 230 -59.97 -57.79 -38.66
C GLU E 230 -61.43 -57.35 -38.67
N PRO E 231 -61.83 -56.45 -39.59
CA PRO E 231 -63.20 -55.96 -39.65
C PRO E 231 -64.18 -57.01 -40.15
N CYS E 234 -67.20 -54.19 -43.87
CA CYS E 234 -68.62 -54.05 -43.60
C CYS E 234 -69.43 -53.98 -44.90
N ASP E 235 -68.78 -53.56 -45.98
CA ASP E 235 -69.43 -53.39 -47.28
C ASP E 235 -70.28 -54.61 -47.63
N LEU E 236 -71.50 -54.34 -48.10
CA LEU E 236 -72.40 -55.43 -48.46
C LEU E 236 -71.84 -56.22 -49.64
N GLU E 237 -71.77 -57.54 -49.48
CA GLU E 237 -71.40 -58.45 -50.55
C GLU E 237 -72.65 -59.23 -50.97
N VAL E 238 -73.62 -58.49 -51.51
CA VAL E 238 -74.94 -59.05 -51.79
C VAL E 238 -75.03 -59.80 -53.10
N ASP E 239 -73.98 -59.78 -53.92
CA ASP E 239 -74.02 -60.43 -55.24
C ASP E 239 -73.86 -61.94 -55.07
N ASP E 240 -74.90 -62.55 -54.52
CA ASP E 240 -75.01 -63.99 -54.40
C ASP E 240 -76.32 -64.44 -55.05
N ASP E 241 -76.38 -65.71 -55.44
CA ASP E 241 -77.58 -66.23 -56.07
C ASP E 241 -78.04 -67.52 -55.38
N ASP F 1 -38.33 -40.28 12.42
CA ASP F 1 -37.23 -39.50 12.96
C ASP F 1 -37.13 -38.13 12.27
N ILE F 2 -37.04 -38.16 10.95
CA ILE F 2 -36.95 -36.95 10.13
C ILE F 2 -38.09 -36.96 9.13
N ARG F 3 -38.81 -35.83 9.05
CA ARG F 3 -39.97 -35.70 8.17
C ARG F 3 -39.64 -34.76 7.02
N LEU F 4 -39.98 -35.18 5.81
CA LEU F 4 -39.87 -34.33 4.63
C LEU F 4 -41.25 -34.11 4.04
N THR F 5 -41.53 -32.86 3.66
CA THR F 5 -42.83 -32.48 3.12
C THR F 5 -42.62 -31.64 1.87
N GLN F 6 -43.15 -32.12 0.74
CA GLN F 6 -43.01 -31.42 -0.52
C GLN F 6 -44.24 -30.53 -0.78
N SER F 7 -44.03 -29.54 -1.63
CA SER F 7 -45.12 -28.64 -2.02
C SER F 7 -44.81 -28.01 -3.38
N PRO F 8 -45.80 -28.03 -4.28
CA PRO F 8 -47.12 -28.63 -4.06
C PRO F 8 -47.15 -30.14 -4.32
N SER F 9 -48.32 -30.75 -4.21
CA SER F 9 -48.44 -32.18 -4.51
C SER F 9 -48.55 -32.41 -6.01
N SER F 10 -49.29 -31.57 -6.71
CA SER F 10 -49.42 -31.63 -8.16
C SER F 10 -49.16 -30.23 -8.72
N LEU F 11 -48.68 -30.19 -9.96
CA LEU F 11 -48.33 -28.92 -10.59
C LEU F 11 -48.56 -29.02 -12.09
N SER F 12 -49.11 -27.94 -12.66
CA SER F 12 -49.36 -27.86 -14.10
C SER F 12 -48.80 -26.53 -14.60
N ALA F 13 -47.87 -26.61 -15.54
CA ALA F 13 -47.24 -25.41 -16.09
C ALA F 13 -46.93 -25.64 -17.55
N SER F 14 -46.68 -24.55 -18.27
CA SER F 14 -46.44 -24.60 -19.70
C SER F 14 -44.96 -24.80 -20.01
N VAL F 15 -44.67 -25.07 -21.28
CA VAL F 15 -43.30 -25.26 -21.73
C VAL F 15 -42.57 -23.93 -21.67
N GLY F 16 -41.46 -23.88 -20.94
CA GLY F 16 -40.65 -22.68 -20.84
C GLY F 16 -40.88 -21.85 -19.60
N ASP F 17 -41.70 -22.30 -18.66
CA ASP F 17 -41.98 -21.56 -17.45
C ASP F 17 -40.97 -21.91 -16.36
N ARG F 18 -40.87 -21.02 -15.37
CA ARG F 18 -40.00 -21.24 -14.22
C ARG F 18 -40.76 -22.03 -13.17
N VAL F 19 -40.28 -23.24 -12.87
CA VAL F 19 -40.94 -24.15 -11.95
C VAL F 19 -40.12 -24.21 -10.67
N THR F 20 -40.81 -24.20 -9.53
CA THR F 20 -40.16 -24.22 -8.22
C THR F 20 -40.92 -25.16 -7.29
N ILE F 21 -40.21 -26.13 -6.73
CA ILE F 21 -40.78 -27.09 -5.78
C ILE F 21 -40.07 -26.91 -4.45
N THR F 22 -40.84 -26.96 -3.36
CA THR F 22 -40.32 -26.73 -2.02
C THR F 22 -40.30 -28.05 -1.24
N CYS F 23 -39.20 -28.27 -0.52
CA CYS F 23 -39.03 -29.44 0.35
C CYS F 23 -38.70 -28.95 1.75
N ARG F 24 -39.52 -29.32 2.73
CA ARG F 24 -39.37 -28.88 4.10
C ARG F 24 -38.98 -30.05 5.00
N ALA F 25 -38.07 -29.79 5.93
CA ALA F 25 -37.59 -30.80 6.86
C ALA F 25 -38.06 -30.47 8.29
N SER F 26 -38.20 -31.53 9.10
CA SER F 26 -38.64 -31.36 10.47
C SER F 26 -37.49 -30.96 11.38
N HIS F 27 -36.37 -31.66 11.30
CA HIS F 27 -35.20 -31.37 12.11
C HIS F 27 -34.21 -30.54 11.32
N TYR F 28 -33.13 -30.14 11.99
CA TYR F 28 -32.10 -29.35 11.33
C TYR F 28 -31.24 -30.24 10.44
N ILE F 29 -30.99 -29.78 9.21
CA ILE F 29 -30.20 -30.51 8.23
C ILE F 29 -29.44 -29.50 7.38
N SER F 30 -28.12 -29.70 7.23
CA SER F 30 -27.26 -28.76 6.51
C SER F 30 -26.93 -29.31 5.13
N THR F 31 -27.84 -29.07 4.19
CA THR F 31 -27.61 -29.36 2.76
C THR F 31 -27.31 -30.83 2.52
N TYR F 32 -28.18 -31.69 3.05
CA TYR F 32 -28.11 -33.13 2.80
C TYR F 32 -29.21 -33.60 1.86
N LEU F 33 -30.00 -32.68 1.32
CA LEU F 33 -31.08 -33.06 0.43
C LEU F 33 -30.54 -33.52 -0.90
N ASN F 34 -31.36 -34.31 -1.59
CA ASN F 34 -31.04 -34.81 -2.92
C ASN F 34 -32.32 -34.84 -3.74
N TRP F 35 -32.24 -34.34 -4.98
CA TRP F 35 -33.37 -34.30 -5.88
C TRP F 35 -33.23 -35.43 -6.90
N TYR F 36 -34.28 -36.25 -7.00
CA TYR F 36 -34.33 -37.38 -7.91
C TYR F 36 -35.48 -37.17 -8.90
N GLN F 37 -35.20 -37.50 -10.17
CA GLN F 37 -36.21 -37.46 -11.21
C GLN F 37 -36.64 -38.89 -11.52
N GLN F 38 -37.94 -39.14 -11.44
CA GLN F 38 -38.49 -40.46 -11.76
C GLN F 38 -39.56 -40.26 -12.82
N LYS F 39 -39.29 -40.77 -14.03
CA LYS F 39 -40.30 -40.77 -15.07
C LYS F 39 -41.20 -41.99 -14.91
N PRO F 40 -42.47 -41.88 -15.28
CA PRO F 40 -43.40 -43.00 -15.07
C PRO F 40 -42.91 -44.26 -15.78
N GLY F 41 -42.93 -45.38 -15.05
CA GLY F 41 -42.50 -46.65 -15.57
C GLY F 41 -41.01 -46.91 -15.50
N LYS F 42 -40.20 -45.90 -15.21
CA LYS F 42 -38.75 -46.04 -15.12
C LYS F 42 -38.28 -45.82 -13.69
N ALA F 43 -36.99 -46.02 -13.48
CA ALA F 43 -36.37 -45.86 -12.17
C ALA F 43 -36.06 -44.39 -11.89
N PRO F 44 -36.02 -44.00 -10.62
CA PRO F 44 -35.62 -42.64 -10.28
C PRO F 44 -34.18 -42.36 -10.72
N LYS F 45 -33.98 -41.19 -11.31
CA LYS F 45 -32.69 -40.76 -11.82
C LYS F 45 -32.18 -39.61 -10.96
N LEU F 46 -30.97 -39.74 -10.44
CA LEU F 46 -30.42 -38.72 -9.57
C LEU F 46 -30.10 -37.47 -10.38
N LEU F 47 -30.67 -36.35 -9.98
CA LEU F 47 -30.41 -35.06 -10.60
C LEU F 47 -29.50 -34.19 -9.74
N ILE F 48 -29.83 -34.02 -8.46
CA ILE F 48 -29.13 -33.08 -7.60
C ILE F 48 -28.67 -33.80 -6.35
N TYR F 49 -27.39 -33.63 -6.01
CA TYR F 49 -26.82 -34.14 -4.77
C TYR F 49 -26.46 -32.97 -3.88
N ALA F 50 -26.70 -33.12 -2.58
CA ALA F 50 -26.49 -32.04 -1.60
C ALA F 50 -27.35 -30.85 -2.06
N ALA F 51 -26.84 -29.63 -2.01
CA ALA F 51 -27.61 -28.45 -2.38
C ALA F 51 -27.00 -27.80 -3.63
N SER F 52 -27.85 -27.49 -4.59
CA SER F 52 -27.49 -26.71 -5.79
C SER F 52 -26.43 -27.40 -6.65
N ASN F 53 -26.20 -28.69 -6.48
CA ASN F 53 -25.16 -29.40 -7.19
C ASN F 53 -25.79 -30.32 -8.22
N LEU F 54 -25.40 -30.17 -9.48
CA LEU F 54 -25.96 -30.95 -10.58
C LEU F 54 -25.09 -32.17 -10.84
N GLN F 55 -25.73 -33.32 -10.99
CA GLN F 55 -25.01 -34.53 -11.37
C GLN F 55 -24.53 -34.40 -12.82
N SER F 56 -23.38 -35.01 -13.10
CA SER F 56 -22.82 -34.97 -14.45
C SER F 56 -23.80 -35.57 -15.45
N GLY F 57 -24.13 -34.80 -16.48
CA GLY F 57 -25.09 -35.19 -17.48
C GLY F 57 -26.45 -34.51 -17.34
N VAL F 58 -26.75 -33.96 -16.17
CA VAL F 58 -28.03 -33.26 -15.97
C VAL F 58 -27.99 -31.93 -16.71
N PRO F 59 -29.03 -31.57 -17.45
CA PRO F 59 -29.01 -30.30 -18.18
C PRO F 59 -28.96 -29.11 -17.25
N SER F 60 -28.56 -27.96 -17.81
CA SER F 60 -28.30 -26.76 -17.03
C SER F 60 -29.57 -26.08 -16.53
N ARG F 61 -30.75 -26.43 -17.05
CA ARG F 61 -31.96 -25.76 -16.61
C ARG F 61 -32.33 -26.11 -15.18
N PHE F 62 -31.91 -27.28 -14.70
CA PHE F 62 -32.14 -27.65 -13.31
C PHE F 62 -31.18 -26.91 -12.38
N SER F 63 -31.71 -26.49 -11.23
CA SER F 63 -30.90 -25.82 -10.23
C SER F 63 -31.52 -26.04 -8.86
N GLY F 64 -30.66 -26.18 -7.85
CA GLY F 64 -31.09 -26.32 -6.48
C GLY F 64 -30.73 -25.09 -5.66
N SER F 65 -31.33 -25.01 -4.48
CA SER F 65 -31.07 -23.88 -3.58
C SER F 65 -31.61 -24.20 -2.20
N GLY F 66 -31.08 -23.49 -1.21
CA GLY F 66 -31.58 -23.56 0.15
C GLY F 66 -30.70 -24.38 1.06
N PHE F 67 -30.88 -24.14 2.37
CA PHE F 67 -30.21 -24.91 3.40
C PHE F 67 -31.13 -24.93 4.62
N GLY F 68 -30.71 -25.65 5.66
CA GLY F 68 -31.50 -25.71 6.88
C GLY F 68 -32.74 -26.55 6.74
N THR F 69 -33.90 -25.94 6.95
CA THR F 69 -35.17 -26.67 6.91
C THR F 69 -35.89 -26.58 5.58
N ASP F 70 -35.67 -25.51 4.81
CA ASP F 70 -36.39 -25.30 3.56
C ASP F 70 -35.43 -25.42 2.38
N PHE F 71 -35.92 -26.01 1.30
CA PHE F 71 -35.11 -26.20 0.11
C PHE F 71 -35.96 -26.00 -1.14
N SER F 72 -35.33 -25.51 -2.20
CA SER F 72 -36.02 -25.11 -3.41
C SER F 72 -35.37 -25.75 -4.64
N LEU F 73 -36.19 -26.34 -5.50
CA LEU F 73 -35.76 -26.84 -6.81
C LEU F 73 -36.38 -25.98 -7.89
N THR F 74 -35.57 -25.57 -8.86
CA THR F 74 -36.00 -24.62 -9.90
C THR F 74 -35.60 -25.12 -11.27
N ILE F 75 -36.57 -25.18 -12.18
CA ILE F 75 -36.34 -25.38 -13.60
C ILE F 75 -36.59 -24.06 -14.30
N SER F 76 -35.58 -23.55 -15.02
CA SER F 76 -35.69 -22.25 -15.66
C SER F 76 -36.74 -22.27 -16.77
N SER F 77 -36.56 -23.14 -17.76
CA SER F 77 -37.49 -23.26 -18.88
C SER F 77 -37.83 -24.73 -19.06
N LEU F 78 -39.11 -25.05 -18.90
CA LEU F 78 -39.57 -26.43 -19.02
C LEU F 78 -39.40 -26.93 -20.45
N GLN F 79 -39.24 -28.25 -20.57
CA GLN F 79 -39.15 -28.94 -21.85
C GLN F 79 -39.98 -30.21 -21.76
N PRO F 80 -40.38 -30.77 -22.91
CA PRO F 80 -41.26 -31.95 -22.87
C PRO F 80 -40.70 -33.13 -22.10
N GLU F 81 -39.39 -33.39 -22.18
CA GLU F 81 -38.82 -34.55 -21.50
C GLU F 81 -38.75 -34.36 -20.00
N ASP F 82 -38.99 -33.16 -19.48
CA ASP F 82 -38.94 -32.91 -18.05
C ASP F 82 -40.19 -33.40 -17.31
N PHE F 83 -41.20 -33.91 -18.03
CA PHE F 83 -42.40 -34.43 -17.39
C PHE F 83 -42.06 -35.67 -16.59
N ALA F 84 -42.10 -35.55 -15.27
CA ALA F 84 -41.76 -36.66 -14.38
C ALA F 84 -42.17 -36.27 -12.96
N THR F 85 -42.13 -37.24 -12.07
CA THR F 85 -42.34 -37.02 -10.64
C THR F 85 -40.99 -36.89 -9.96
N TYR F 86 -40.81 -35.80 -9.22
CA TYR F 86 -39.54 -35.48 -8.58
C TYR F 86 -39.65 -35.68 -7.07
N HIS F 87 -38.59 -36.18 -6.47
CA HIS F 87 -38.57 -36.49 -5.04
C HIS F 87 -37.35 -35.85 -4.39
N CYS F 88 -37.53 -35.44 -3.13
CA CYS F 88 -36.44 -34.92 -2.32
C CYS F 88 -36.19 -35.88 -1.16
N GLN F 89 -34.92 -36.24 -0.95
CA GLN F 89 -34.55 -37.22 0.06
C GLN F 89 -33.38 -36.70 0.87
N GLN F 90 -33.47 -36.82 2.20
CA GLN F 90 -32.43 -36.34 3.08
C GLN F 90 -31.39 -37.43 3.33
N SER F 91 -30.14 -37.00 3.54
CA SER F 91 -29.04 -37.90 3.87
C SER F 91 -28.32 -37.46 5.14
N TYR F 92 -29.02 -36.77 6.04
CA TYR F 92 -28.38 -36.26 7.24
C TYR F 92 -28.10 -37.37 8.25
N SER F 93 -29.08 -38.23 8.49
CA SER F 93 -28.96 -39.35 9.41
C SER F 93 -29.27 -40.65 8.69
N THR F 94 -29.15 -41.75 9.41
CA THR F 94 -29.60 -43.02 8.88
C THR F 94 -31.08 -42.90 8.51
N PRO F 95 -31.48 -43.32 7.30
CA PRO F 95 -32.82 -42.99 6.81
C PRO F 95 -33.91 -43.60 7.69
N GLY F 96 -34.91 -42.78 7.99
CA GLY F 96 -36.09 -43.22 8.71
C GLY F 96 -37.20 -43.67 7.77
N ARG F 97 -38.41 -43.75 8.33
CA ARG F 97 -39.55 -44.22 7.55
C ARG F 97 -40.02 -43.15 6.56
N TYR F 98 -40.01 -41.90 6.97
CA TYR F 98 -40.46 -40.78 6.14
C TYR F 98 -39.28 -40.01 5.55
N THR F 99 -38.19 -40.70 5.21
CA THR F 99 -37.02 -40.02 4.70
C THR F 99 -37.25 -39.51 3.28
N PHE F 100 -37.99 -40.27 2.47
CA PHE F 100 -38.36 -39.82 1.14
C PHE F 100 -39.67 -39.05 1.18
N GLY F 101 -39.71 -37.93 0.47
CA GLY F 101 -40.94 -37.15 0.38
C GLY F 101 -42.02 -37.90 -0.38
N GLN F 102 -43.25 -37.40 -0.24
CA GLN F 102 -44.37 -38.01 -0.95
C GLN F 102 -44.23 -37.86 -2.45
N GLY F 103 -43.56 -36.80 -2.90
CA GLY F 103 -43.34 -36.63 -4.31
C GLY F 103 -44.18 -35.50 -4.89
N THR F 104 -43.64 -34.84 -5.92
CA THR F 104 -44.33 -33.78 -6.64
C THR F 104 -44.33 -34.12 -8.12
N LYS F 105 -45.52 -34.27 -8.69
CA LYS F 105 -45.67 -34.65 -10.08
C LYS F 105 -45.91 -33.40 -10.91
N VAL F 106 -45.00 -33.14 -11.85
CA VAL F 106 -45.07 -31.97 -12.72
C VAL F 106 -45.85 -32.35 -13.97
N GLU F 107 -46.76 -31.47 -14.39
CA GLU F 107 -47.59 -31.69 -15.57
C GLU F 107 -47.41 -30.52 -16.54
N ILE F 108 -47.30 -30.84 -17.82
CA ILE F 108 -47.03 -29.84 -18.85
C ILE F 108 -48.36 -29.30 -19.37
N LYS F 109 -48.39 -27.98 -19.60
CA LYS F 109 -49.57 -27.30 -20.11
C LYS F 109 -49.42 -27.00 -21.60
N ARG F 110 -50.50 -27.22 -22.34
CA ARG F 110 -50.53 -26.97 -23.77
C ARG F 110 -51.91 -26.44 -24.13
N THR F 111 -52.13 -26.19 -25.42
CA THR F 111 -53.42 -25.73 -25.88
C THR F 111 -54.47 -26.82 -25.68
N VAL F 112 -55.73 -26.39 -25.54
CA VAL F 112 -56.83 -27.33 -25.37
C VAL F 112 -56.98 -28.15 -26.63
N ALA F 113 -56.92 -29.47 -26.49
CA ALA F 113 -56.99 -30.40 -27.62
C ALA F 113 -58.30 -31.15 -27.58
N ALA F 114 -58.98 -31.21 -28.72
CA ALA F 114 -60.24 -31.94 -28.80
C ALA F 114 -59.96 -33.43 -28.86
N PRO F 115 -60.67 -34.24 -28.07
CA PRO F 115 -60.39 -35.68 -28.06
C PRO F 115 -60.94 -36.37 -29.31
N SER F 116 -60.15 -37.32 -29.82
CA SER F 116 -60.65 -38.20 -30.86
C SER F 116 -61.37 -39.36 -30.20
N VAL F 117 -62.63 -39.55 -30.60
CA VAL F 117 -63.55 -40.45 -29.92
C VAL F 117 -63.83 -41.66 -30.81
N PHE F 118 -63.72 -42.84 -30.23
CA PHE F 118 -64.11 -44.08 -30.90
C PHE F 118 -64.83 -44.97 -29.89
N ILE F 119 -65.52 -45.97 -30.42
CA ILE F 119 -66.26 -46.92 -29.60
C ILE F 119 -66.08 -48.31 -30.18
N PHE F 120 -65.86 -49.29 -29.30
CA PHE F 120 -65.61 -50.66 -29.71
C PHE F 120 -66.58 -51.58 -28.98
N PRO F 121 -67.44 -52.30 -29.70
CA PRO F 121 -68.35 -53.24 -29.06
C PRO F 121 -67.61 -54.48 -28.61
N PRO F 122 -68.20 -55.30 -27.74
CA PRO F 122 -67.54 -56.53 -27.31
C PRO F 122 -67.45 -57.54 -28.46
N SER F 123 -66.34 -58.28 -28.47
CA SER F 123 -66.08 -59.30 -29.49
C SER F 123 -66.92 -60.55 -29.30
N ASP F 124 -67.14 -61.29 -30.38
CA ASP F 124 -67.95 -62.51 -30.30
C ASP F 124 -67.25 -63.58 -29.46
N GLU F 125 -65.92 -63.67 -29.56
CA GLU F 125 -65.18 -64.59 -28.72
C GLU F 125 -65.32 -64.24 -27.24
N GLN F 126 -65.43 -62.95 -26.93
CA GLN F 126 -65.66 -62.54 -25.55
C GLN F 126 -67.10 -62.77 -25.13
N LEU F 127 -68.04 -62.57 -26.06
CA LEU F 127 -69.44 -62.88 -25.78
C LEU F 127 -69.67 -64.36 -25.56
N LYS F 128 -68.79 -65.21 -26.09
CA LYS F 128 -68.90 -66.66 -25.89
C LYS F 128 -68.62 -67.06 -24.46
N SER F 129 -67.86 -66.26 -23.70
CA SER F 129 -67.47 -66.61 -22.35
C SER F 129 -68.54 -66.26 -21.32
N GLY F 130 -69.52 -65.44 -21.68
CA GLY F 130 -70.57 -65.04 -20.77
C GLY F 130 -70.42 -63.66 -20.18
N THR F 131 -69.41 -62.91 -20.59
CA THR F 131 -69.17 -61.56 -20.09
C THR F 131 -68.96 -60.63 -21.28
N ALA F 132 -69.41 -59.40 -21.13
CA ALA F 132 -69.33 -58.39 -22.18
C ALA F 132 -68.59 -57.17 -21.68
N SER F 133 -67.70 -56.63 -22.52
CA SER F 133 -66.91 -55.46 -22.17
C SER F 133 -66.89 -54.53 -23.38
N VAL F 134 -67.61 -53.41 -23.28
CA VAL F 134 -67.61 -52.38 -24.31
C VAL F 134 -66.54 -51.36 -23.98
N VAL F 135 -65.86 -50.86 -25.00
CA VAL F 135 -64.76 -49.92 -24.82
C VAL F 135 -65.14 -48.59 -25.45
N CYS F 136 -64.80 -47.49 -24.75
CA CYS F 136 -64.98 -46.15 -25.28
C CYS F 136 -63.65 -45.44 -25.17
N LEU F 137 -63.13 -44.97 -26.31
CA LEU F 137 -61.77 -44.45 -26.42
C LEU F 137 -61.81 -42.95 -26.68
N LEU F 138 -61.04 -42.21 -25.87
CA LEU F 138 -60.84 -40.76 -26.04
C LEU F 138 -59.33 -40.52 -26.08
N ASN F 139 -58.74 -40.44 -27.26
CA ASN F 139 -57.30 -40.26 -27.32
C ASN F 139 -56.95 -38.88 -27.87
N ASN F 140 -55.75 -38.43 -27.47
CA ASN F 140 -55.14 -37.19 -27.97
C ASN F 140 -55.95 -35.96 -27.54
N PHE F 141 -56.00 -35.77 -26.23
CA PHE F 141 -56.72 -34.65 -25.64
C PHE F 141 -56.00 -34.10 -24.42
N TYR F 142 -56.00 -32.77 -24.33
CA TYR F 142 -55.55 -32.06 -23.15
C TYR F 142 -56.57 -30.96 -22.82
N PRO F 143 -56.85 -30.74 -21.52
CA PRO F 143 -56.28 -31.41 -20.35
C PRO F 143 -56.85 -32.80 -20.07
N ARG F 144 -56.39 -33.40 -18.98
CA ARG F 144 -56.81 -34.76 -18.64
C ARG F 144 -58.27 -34.82 -18.21
N GLU F 145 -58.79 -33.74 -17.63
CA GLU F 145 -60.14 -33.74 -17.10
C GLU F 145 -61.16 -33.89 -18.23
N ALA F 146 -62.00 -34.91 -18.14
CA ALA F 146 -63.06 -35.16 -19.11
C ALA F 146 -64.15 -35.96 -18.42
N LYS F 147 -65.34 -35.90 -18.99
CA LYS F 147 -66.51 -36.56 -18.42
C LYS F 147 -66.97 -37.68 -19.34
N VAL F 148 -67.06 -38.90 -18.82
CA VAL F 148 -67.51 -40.07 -19.55
C VAL F 148 -68.74 -40.62 -18.85
N GLN F 149 -69.82 -40.81 -19.62
CA GLN F 149 -71.07 -41.33 -19.08
C GLN F 149 -71.62 -42.37 -20.04
N TRP F 150 -71.95 -43.54 -19.51
CA TRP F 150 -72.52 -44.61 -20.31
C TRP F 150 -74.04 -44.56 -20.24
N LYS F 151 -74.69 -44.74 -21.39
CA LYS F 151 -76.14 -44.74 -21.49
C LYS F 151 -76.58 -45.94 -22.33
N VAL F 152 -77.29 -46.87 -21.69
CA VAL F 152 -77.85 -48.05 -22.34
C VAL F 152 -79.34 -47.83 -22.48
N ASP F 153 -79.82 -47.76 -23.73
CA ASP F 153 -81.22 -47.45 -24.03
C ASP F 153 -81.65 -46.15 -23.35
N ASN F 154 -80.79 -45.14 -23.45
CA ASN F 154 -81.02 -43.82 -22.87
C ASN F 154 -81.22 -43.88 -21.35
N ALA F 155 -80.55 -44.82 -20.69
CA ALA F 155 -80.61 -44.94 -19.24
C ALA F 155 -79.19 -44.85 -18.70
N LEU F 156 -78.94 -43.84 -17.86
CA LEU F 156 -77.61 -43.64 -17.31
C LEU F 156 -77.24 -44.80 -16.39
N GLN F 157 -76.03 -45.33 -16.56
CA GLN F 157 -75.52 -46.43 -15.76
C GLN F 157 -74.32 -45.97 -14.93
N SER F 158 -74.21 -46.54 -13.72
CA SER F 158 -73.14 -46.17 -12.81
C SER F 158 -72.74 -47.39 -11.99
N GLY F 159 -71.47 -47.44 -11.60
CA GLY F 159 -70.93 -48.53 -10.79
C GLY F 159 -70.50 -49.76 -11.56
N ASN F 160 -70.80 -49.85 -12.85
CA ASN F 160 -70.43 -51.01 -13.66
C ASN F 160 -69.33 -50.72 -14.66
N SER F 161 -68.75 -49.52 -14.63
CA SER F 161 -67.71 -49.12 -15.56
C SER F 161 -66.43 -48.78 -14.80
N GLN F 162 -65.32 -48.71 -15.55
CA GLN F 162 -64.04 -48.33 -15.00
C GLN F 162 -63.26 -47.53 -16.03
N GLU F 163 -62.46 -46.58 -15.54
CA GLU F 163 -61.69 -45.70 -16.39
C GLU F 163 -60.20 -45.98 -16.24
N SER F 164 -59.44 -45.63 -17.27
CA SER F 164 -57.99 -45.82 -17.27
C SER F 164 -57.35 -44.69 -18.06
N VAL F 165 -56.37 -44.03 -17.46
CA VAL F 165 -55.72 -42.85 -18.03
C VAL F 165 -54.27 -43.19 -18.36
N THR F 166 -53.86 -42.93 -19.59
CA THR F 166 -52.47 -43.08 -20.00
C THR F 166 -51.67 -41.86 -19.61
N GLU F 167 -50.42 -42.08 -19.20
CA GLU F 167 -49.52 -40.98 -18.89
C GLU F 167 -49.27 -40.11 -20.13
N GLN F 168 -48.80 -38.90 -19.88
CA GLN F 168 -48.58 -37.92 -20.93
C GLN F 168 -47.53 -38.41 -21.92
N ASP F 169 -47.88 -38.38 -23.20
CA ASP F 169 -46.97 -38.85 -24.24
C ASP F 169 -45.74 -37.94 -24.30
N SER F 170 -44.61 -38.52 -24.74
CA SER F 170 -43.35 -37.78 -24.72
C SER F 170 -43.21 -36.83 -25.90
N LYS F 171 -43.68 -37.23 -27.09
CA LYS F 171 -43.55 -36.36 -28.25
C LYS F 171 -44.54 -35.22 -28.18
N ASP F 172 -45.83 -35.53 -28.19
CA ASP F 172 -46.89 -34.55 -28.05
C ASP F 172 -47.50 -34.70 -26.67
N SER F 173 -47.68 -33.57 -25.97
CA SER F 173 -48.18 -33.57 -24.59
C SER F 173 -49.70 -33.82 -24.58
N THR F 174 -50.09 -35.02 -25.01
CA THR F 174 -51.49 -35.37 -25.11
C THR F 174 -51.78 -36.65 -24.34
N TYR F 175 -52.91 -36.64 -23.63
CA TYR F 175 -53.37 -37.77 -22.84
C TYR F 175 -54.27 -38.69 -23.66
N SER F 176 -54.58 -39.85 -23.08
CA SER F 176 -55.51 -40.80 -23.66
C SER F 176 -56.27 -41.47 -22.53
N LEU F 177 -57.56 -41.73 -22.75
CA LEU F 177 -58.43 -42.29 -21.73
C LEU F 177 -59.28 -43.40 -22.34
N SER F 178 -59.40 -44.51 -21.60
CA SER F 178 -60.19 -45.66 -22.03
C SER F 178 -61.21 -45.98 -20.95
N SER F 179 -62.45 -46.19 -21.37
CA SER F 179 -63.54 -46.56 -20.47
C SER F 179 -64.01 -47.96 -20.81
N THR F 180 -63.92 -48.87 -19.85
CA THR F 180 -64.33 -50.26 -20.01
C THR F 180 -65.61 -50.50 -19.23
N LEU F 181 -66.63 -50.98 -19.91
CA LEU F 181 -67.93 -51.27 -19.31
C LEU F 181 -68.18 -52.77 -19.36
N THR F 182 -68.41 -53.38 -18.19
CA THR F 182 -68.56 -54.83 -18.06
C THR F 182 -69.97 -55.17 -17.63
N LEU F 183 -70.66 -55.98 -18.43
CA LEU F 183 -71.99 -56.49 -18.11
C LEU F 183 -72.05 -57.98 -18.38
N SER F 184 -73.13 -58.61 -17.92
CA SER F 184 -73.37 -60.01 -18.20
C SER F 184 -73.88 -60.20 -19.62
N LYS F 185 -73.88 -61.46 -20.08
CA LYS F 185 -74.36 -61.77 -21.42
C LYS F 185 -75.85 -61.52 -21.56
N ALA F 186 -76.63 -61.96 -20.57
CA ALA F 186 -78.09 -61.81 -20.65
C ALA F 186 -78.48 -60.33 -20.65
N ASP F 187 -77.92 -59.56 -19.71
CA ASP F 187 -78.24 -58.13 -19.66
C ASP F 187 -77.74 -57.40 -20.89
N TYR F 188 -76.67 -57.89 -21.52
CA TYR F 188 -76.20 -57.27 -22.76
C TYR F 188 -77.15 -57.56 -23.92
N GLU F 189 -77.69 -58.78 -24.00
CA GLU F 189 -78.63 -59.13 -25.05
C GLU F 189 -80.04 -58.63 -24.78
N LYS F 190 -80.26 -57.85 -23.71
CA LYS F 190 -81.58 -57.36 -23.36
C LYS F 190 -81.90 -55.99 -23.96
N HIS F 191 -80.89 -55.28 -24.47
CA HIS F 191 -81.09 -53.91 -24.94
C HIS F 191 -80.54 -53.76 -26.35
N LYS F 192 -81.01 -52.72 -27.04
CA LYS F 192 -80.69 -52.48 -28.44
C LYS F 192 -79.60 -51.43 -28.63
N VAL F 193 -79.76 -50.25 -28.03
CA VAL F 193 -78.87 -49.12 -28.25
C VAL F 193 -77.88 -49.00 -27.09
N TYR F 194 -76.61 -48.82 -27.42
CA TYR F 194 -75.55 -48.61 -26.43
C TYR F 194 -74.76 -47.38 -26.83
N ALA F 195 -74.57 -46.45 -25.89
CA ALA F 195 -73.91 -45.19 -26.21
C ALA F 195 -72.98 -44.77 -25.09
N CYS F 196 -71.81 -44.25 -25.47
CA CYS F 196 -70.92 -43.59 -24.53
C CYS F 196 -70.85 -42.12 -24.91
N GLU F 197 -71.21 -41.26 -23.95
CA GLU F 197 -71.28 -39.82 -24.15
C GLU F 197 -70.16 -39.16 -23.35
N VAL F 198 -69.47 -38.21 -23.99
CA VAL F 198 -68.29 -37.57 -23.42
C VAL F 198 -68.42 -36.06 -23.50
N THR F 199 -68.01 -35.39 -22.43
CA THR F 199 -67.95 -33.94 -22.34
C THR F 199 -66.51 -33.51 -22.09
N HIS F 200 -66.05 -32.53 -22.86
CA HIS F 200 -64.68 -32.04 -22.72
C HIS F 200 -64.64 -30.57 -23.13
N GLN F 201 -63.61 -29.88 -22.63
CA GLN F 201 -63.48 -28.45 -22.90
C GLN F 201 -63.11 -28.16 -24.35
N GLY F 202 -62.49 -29.12 -25.05
CA GLY F 202 -62.14 -28.91 -26.44
C GLY F 202 -63.29 -29.06 -27.41
N LEU F 203 -64.44 -29.50 -26.94
CA LEU F 203 -65.64 -29.65 -27.75
C LEU F 203 -66.70 -28.67 -27.27
N ARG F 204 -67.26 -27.90 -28.21
CA ARG F 204 -68.33 -26.97 -27.86
C ARG F 204 -69.51 -27.70 -27.24
N SER F 205 -69.89 -28.83 -27.81
CA SER F 205 -70.98 -29.63 -27.26
C SER F 205 -70.51 -31.04 -27.00
N PRO F 206 -70.94 -31.65 -25.89
CA PRO F 206 -70.59 -33.05 -25.61
C PRO F 206 -71.08 -33.96 -26.73
N VAL F 207 -70.22 -34.91 -27.10
CA VAL F 207 -70.50 -35.78 -28.25
C VAL F 207 -70.73 -37.19 -27.73
N THR F 208 -71.52 -37.96 -28.48
CA THR F 208 -71.92 -39.30 -28.08
C THR F 208 -71.68 -40.26 -29.23
N LYS F 209 -71.09 -41.42 -28.92
CA LYS F 209 -70.91 -42.49 -29.90
C LYS F 209 -71.73 -43.70 -29.48
N SER F 210 -72.58 -44.19 -30.38
CA SER F 210 -73.51 -45.25 -30.08
C SER F 210 -73.44 -46.33 -31.14
N PHE F 211 -74.07 -47.47 -30.83
CA PHE F 211 -74.17 -48.59 -31.76
C PHE F 211 -75.27 -49.52 -31.28
N ASN F 212 -75.76 -50.34 -32.21
CA ASN F 212 -76.73 -51.38 -31.92
C ASN F 212 -76.06 -52.74 -32.04
N ARG F 213 -76.60 -53.73 -31.30
CA ARG F 213 -76.02 -55.06 -31.31
C ARG F 213 -76.06 -55.66 -32.70
N GLY F 214 -74.91 -56.14 -33.17
CA GLY F 214 -74.84 -56.74 -34.48
C GLY F 214 -74.96 -55.78 -35.64
N GLU F 215 -74.50 -54.54 -35.46
CA GLU F 215 -74.57 -53.54 -36.51
C GLU F 215 -73.35 -53.65 -37.42
N CYS F 216 -73.27 -52.76 -38.41
CA CYS F 216 -72.20 -52.78 -39.40
C CYS F 216 -71.48 -51.43 -39.43
N SER G 1 7.25 -18.45 -2.04
CA SER G 1 6.30 -17.43 -2.44
C SER G 1 4.87 -17.85 -2.06
N ILE G 2 3.98 -16.87 -1.96
CA ILE G 2 2.58 -17.11 -1.58
C ILE G 2 1.76 -17.40 -2.83
N PRO G 3 1.01 -18.49 -2.86
CA PRO G 3 0.20 -18.80 -4.05
C PRO G 3 -0.97 -17.82 -4.19
N LEU G 4 -1.50 -17.77 -5.41
CA LEU G 4 -2.64 -16.92 -5.73
C LEU G 4 -3.54 -17.63 -6.72
N GLY G 5 -4.85 -17.57 -6.48
CA GLY G 5 -5.81 -18.26 -7.32
C GLY G 5 -6.28 -17.40 -8.48
N VAL G 6 -6.41 -18.03 -9.65
CA VAL G 6 -6.88 -17.38 -10.86
C VAL G 6 -8.17 -18.07 -11.30
N ILE G 7 -9.26 -17.31 -11.29
CA ILE G 7 -10.57 -17.75 -11.77
C ILE G 7 -10.85 -17.03 -13.08
N HIS G 8 -10.73 -17.74 -14.19
CA HIS G 8 -11.14 -17.23 -15.49
C HIS G 8 -12.04 -18.26 -16.15
N ASN G 9 -13.15 -17.79 -16.72
CA ASN G 9 -14.12 -18.65 -17.39
C ASN G 9 -14.55 -19.81 -16.50
N SER G 10 -14.81 -19.51 -15.23
CA SER G 10 -15.22 -20.50 -14.23
C SER G 10 -14.19 -21.63 -14.10
N THR G 11 -12.90 -21.25 -14.12
CA THR G 11 -11.81 -22.20 -13.97
C THR G 11 -10.77 -21.60 -13.03
N LEU G 12 -10.13 -22.44 -12.24
CA LEU G 12 -9.15 -22.01 -11.24
C LEU G 12 -7.81 -22.69 -11.42
N GLN G 13 -6.76 -21.87 -11.47
CA GLN G 13 -5.39 -22.37 -11.57
C GLN G 13 -4.55 -21.54 -10.61
N VAL G 14 -3.39 -22.07 -10.22
CA VAL G 14 -2.42 -21.28 -9.48
C VAL G 14 -1.73 -20.30 -10.43
N SER G 15 -1.62 -19.04 -10.01
CA SER G 15 -0.92 -18.08 -10.84
C SER G 15 0.56 -18.41 -10.83
N ASP G 16 1.17 -18.49 -12.01
CA ASP G 16 2.59 -18.79 -12.10
C ASP G 16 3.41 -17.50 -11.98
N VAL G 17 4.25 -17.42 -10.95
CA VAL G 17 4.97 -16.18 -10.73
C VAL G 17 6.09 -16.04 -11.76
N ASP G 18 6.59 -17.17 -12.24
CA ASP G 18 7.57 -17.18 -13.32
C ASP G 18 6.96 -16.70 -14.63
N LYS G 19 5.76 -17.18 -14.95
CA LYS G 19 5.08 -16.81 -16.17
C LYS G 19 4.49 -15.41 -16.05
N LEU G 20 4.18 -14.81 -17.20
CA LEU G 20 3.47 -13.54 -17.26
C LEU G 20 2.34 -13.64 -18.27
N VAL G 21 1.10 -13.57 -17.81
CA VAL G 21 -0.08 -13.58 -18.66
C VAL G 21 -0.57 -12.15 -18.81
N CYS G 22 -0.33 -11.55 -19.97
CA CYS G 22 -0.76 -10.18 -20.23
C CYS G 22 -2.27 -10.05 -20.33
N ARG G 23 -2.99 -11.15 -20.56
CA ARG G 23 -4.45 -11.13 -20.62
C ARG G 23 -5.13 -11.06 -19.26
N ASP G 24 -4.45 -11.49 -18.19
CA ASP G 24 -4.96 -11.26 -16.85
C ASP G 24 -5.13 -9.77 -16.58
N LYS G 25 -6.28 -9.40 -16.03
CA LYS G 25 -6.62 -8.00 -15.78
C LYS G 25 -7.00 -7.84 -14.31
N LEU G 26 -6.30 -6.94 -13.61
CA LEU G 26 -6.61 -6.54 -12.24
C LEU G 26 -6.85 -5.04 -12.25
N SER G 27 -8.11 -4.63 -12.37
CA SER G 27 -8.44 -3.22 -12.49
C SER G 27 -8.82 -2.57 -11.16
N SER G 28 -8.82 -3.30 -10.06
CA SER G 28 -9.16 -2.71 -8.77
C SER G 28 -8.80 -3.67 -7.65
N THR G 29 -8.49 -3.09 -6.48
CA THR G 29 -8.29 -3.89 -5.27
C THR G 29 -9.55 -4.59 -4.80
N ASN G 30 -10.73 -4.17 -5.26
CA ASN G 30 -11.95 -4.92 -4.96
C ASN G 30 -11.93 -6.31 -5.59
N GLN G 31 -11.18 -6.48 -6.68
CA GLN G 31 -11.04 -7.79 -7.30
C GLN G 31 -10.16 -8.75 -6.49
N LEU G 32 -9.42 -8.25 -5.51
CA LEU G 32 -8.62 -9.09 -4.64
C LEU G 32 -9.42 -9.49 -3.41
N ARG G 33 -9.46 -10.78 -3.11
CA ARG G 33 -10.19 -11.32 -1.98
C ARG G 33 -9.36 -12.34 -1.23
N SER G 34 -9.44 -12.31 0.09
CA SER G 34 -8.90 -13.35 0.96
C SER G 34 -10.08 -14.11 1.56
N VAL G 35 -9.97 -15.44 1.59
CA VAL G 35 -11.09 -16.29 1.98
C VAL G 35 -10.62 -17.34 2.97
N GLY G 36 -11.40 -17.52 4.03
CA GLY G 36 -11.18 -18.56 5.02
C GLY G 36 -12.06 -19.77 4.73
N LEU G 37 -11.43 -20.95 4.69
CA LEU G 37 -12.12 -22.19 4.45
C LEU G 37 -11.94 -23.09 5.67
N ASN G 38 -13.02 -23.76 6.05
CA ASN G 38 -13.07 -24.51 7.30
C ASN G 38 -12.54 -25.93 7.10
N LEU G 39 -11.69 -26.37 8.03
CA LEU G 39 -11.21 -27.76 8.00
C LEU G 39 -12.37 -28.74 7.99
N GLU G 40 -13.47 -28.40 8.66
CA GLU G 40 -14.75 -29.07 8.47
C GLU G 40 -14.98 -29.51 7.03
N GLY G 41 -14.81 -28.57 6.09
CA GLY G 41 -15.06 -28.83 4.68
C GLY G 41 -14.13 -29.84 4.03
N ASN G 42 -13.04 -30.22 4.70
CA ASN G 42 -12.17 -31.27 4.23
C ASN G 42 -12.42 -32.63 4.89
N GLY G 43 -13.44 -32.73 5.74
CA GLY G 43 -13.81 -34.02 6.29
C GLY G 43 -13.13 -34.39 7.59
N VAL G 44 -12.52 -33.42 8.27
CA VAL G 44 -11.84 -33.71 9.53
C VAL G 44 -12.84 -34.02 10.64
N ALA G 45 -12.42 -34.88 11.56
CA ALA G 45 -13.23 -35.23 12.72
C ALA G 45 -13.49 -34.01 13.59
N THR G 46 -14.76 -33.79 13.94
CA THR G 46 -15.18 -32.60 14.66
C THR G 46 -15.50 -32.87 16.13
N ASP G 47 -15.59 -34.14 16.54
CA ASP G 47 -15.72 -34.46 17.95
C ASP G 47 -14.60 -33.81 18.77
N VAL G 48 -14.94 -33.40 19.98
CA VAL G 48 -14.05 -32.69 20.89
C VAL G 48 -12.72 -33.39 21.16
N PRO G 49 -12.70 -34.72 21.41
CA PRO G 49 -11.38 -35.36 21.64
C PRO G 49 -10.42 -35.28 20.47
N SER G 50 -10.89 -35.44 19.24
CA SER G 50 -9.97 -35.33 18.10
C SER G 50 -9.53 -33.89 17.89
N ALA G 51 -10.46 -32.94 17.99
CA ALA G 51 -10.08 -31.55 17.77
C ALA G 51 -9.05 -31.13 18.80
N THR G 52 -9.29 -31.44 20.08
CA THR G 52 -8.35 -30.99 21.09
C THR G 52 -7.02 -31.75 20.96
N LYS G 53 -7.06 -32.97 20.42
CA LYS G 53 -5.80 -33.67 20.14
C LYS G 53 -5.04 -33.05 18.98
N ARG G 54 -5.71 -32.25 18.13
CA ARG G 54 -5.01 -31.52 17.09
C ARG G 54 -4.32 -30.25 17.56
N TRP G 55 -4.54 -29.83 18.80
CA TRP G 55 -3.95 -28.63 19.36
C TRP G 55 -2.94 -28.97 20.46
N GLY G 56 -1.93 -28.12 20.61
CA GLY G 56 -0.86 -28.39 21.56
C GLY G 56 -0.17 -27.12 21.97
N PHE G 57 0.40 -27.13 23.19
CA PHE G 57 1.06 -25.96 23.76
C PHE G 57 2.55 -25.92 23.43
N ARG G 58 3.05 -24.70 23.23
CA ARG G 58 4.42 -24.45 22.83
C ARG G 58 4.79 -23.03 23.28
N SER G 59 6.03 -22.89 23.75
CA SER G 59 6.65 -21.62 24.10
C SER G 59 7.71 -21.22 23.09
N GLY G 60 8.09 -19.94 23.12
CA GLY G 60 9.16 -19.43 22.29
C GLY G 60 8.76 -18.91 20.92
N VAL G 61 7.52 -19.15 20.49
CA VAL G 61 7.07 -18.71 19.17
C VAL G 61 6.05 -17.60 19.37
N PRO G 62 6.37 -16.35 19.01
CA PRO G 62 5.39 -15.27 19.16
C PRO G 62 4.19 -15.50 18.25
N PRO G 63 2.98 -15.25 18.74
CA PRO G 63 1.81 -15.41 17.89
C PRO G 63 1.79 -14.38 16.77
N LYS G 64 1.05 -14.70 15.71
CA LYS G 64 0.95 -13.84 14.54
C LYS G 64 -0.48 -13.90 14.03
N VAL G 65 -0.96 -12.75 13.52
CA VAL G 65 -2.33 -12.61 13.08
C VAL G 65 -2.35 -12.00 11.69
N VAL G 66 -3.23 -12.51 10.84
CA VAL G 66 -3.41 -12.01 9.48
C VAL G 66 -4.91 -11.96 9.20
N ASN G 67 -5.36 -10.89 8.55
CA ASN G 67 -6.77 -10.73 8.29
C ASN G 67 -7.22 -11.51 7.07
N TYR G 68 -8.52 -11.75 7.00
CA TYR G 68 -9.19 -12.32 5.84
C TYR G 68 -10.58 -11.72 5.73
N GLU G 69 -11.04 -11.56 4.49
CA GLU G 69 -12.22 -10.74 4.22
C GLU G 69 -13.50 -11.54 4.21
N ALA G 70 -13.44 -12.83 3.91
CA ALA G 70 -14.64 -13.66 3.76
C ALA G 70 -14.35 -15.05 4.30
N GLY G 71 -15.38 -15.69 4.86
CA GLY G 71 -15.22 -16.99 5.47
C GLY G 71 -16.39 -17.90 5.18
N GLU G 72 -16.33 -19.09 5.76
CA GLU G 72 -17.31 -20.14 5.55
C GLU G 72 -18.13 -20.37 6.81
N TRP G 73 -19.42 -20.61 6.64
CA TRP G 73 -20.28 -20.94 7.78
C TRP G 73 -19.86 -22.29 8.35
N ALA G 74 -19.64 -22.33 9.66
CA ALA G 74 -19.19 -23.55 10.30
C ALA G 74 -20.39 -24.24 10.94
N GLU G 75 -20.42 -25.57 10.83
CA GLU G 75 -21.32 -26.36 11.66
C GLU G 75 -20.82 -26.45 13.09
N ASN G 76 -19.51 -26.61 13.27
CA ASN G 76 -18.90 -26.87 14.57
C ASN G 76 -17.84 -25.83 14.85
N CYS G 77 -17.98 -25.12 15.97
CA CYS G 77 -16.95 -24.22 16.48
C CYS G 77 -16.64 -24.61 17.92
N TYR G 78 -15.54 -24.08 18.43
CA TYR G 78 -15.05 -24.44 19.75
C TYR G 78 -14.70 -23.19 20.55
N ASN G 79 -14.82 -23.31 21.87
CA ASN G 79 -14.61 -22.21 22.80
C ASN G 79 -14.08 -22.82 24.09
N LEU G 80 -12.84 -22.49 24.45
CA LEU G 80 -12.11 -23.18 25.50
C LEU G 80 -11.90 -22.28 26.70
N GLU G 81 -12.23 -22.80 27.88
CA GLU G 81 -11.94 -22.16 29.17
C GLU G 81 -11.15 -23.16 30.00
N ILE G 82 -9.86 -23.25 29.74
CA ILE G 82 -8.97 -24.23 30.38
C ILE G 82 -8.09 -23.50 31.37
N LYS G 83 -7.98 -24.06 32.58
CA LYS G 83 -7.09 -23.55 33.61
C LYS G 83 -6.09 -24.64 33.98
N LYS G 84 -4.98 -24.23 34.60
CA LYS G 84 -4.11 -25.21 35.21
C LYS G 84 -4.69 -25.65 36.56
N PRO G 85 -4.25 -26.80 37.07
CA PRO G 85 -4.71 -27.22 38.41
C PRO G 85 -4.52 -26.19 39.50
N ASP G 86 -3.53 -25.31 39.39
CA ASP G 86 -3.35 -24.22 40.33
C ASP G 86 -4.29 -23.04 40.08
N GLY G 87 -5.22 -23.15 39.13
CA GLY G 87 -6.20 -22.10 38.91
C GLY G 87 -5.79 -21.01 37.95
N SER G 88 -4.53 -20.97 37.52
CA SER G 88 -4.08 -19.93 36.62
C SER G 88 -4.51 -20.21 35.19
N GLU G 89 -4.67 -19.15 34.41
CA GLU G 89 -5.21 -19.28 33.06
C GLU G 89 -4.16 -19.88 32.12
N CYS G 90 -4.61 -20.83 31.29
CA CYS G 90 -3.73 -21.41 30.28
C CYS G 90 -3.67 -20.57 29.02
N LEU G 91 -4.75 -19.86 28.68
CA LEU G 91 -4.86 -19.13 27.44
C LEU G 91 -5.00 -17.64 27.68
N PRO G 92 -4.41 -16.80 26.85
CA PRO G 92 -4.53 -15.35 27.05
C PRO G 92 -5.89 -14.84 26.61
N ALA G 93 -6.27 -13.70 27.19
CA ALA G 93 -7.50 -13.04 26.79
C ALA G 93 -7.42 -12.57 25.34
N ALA G 94 -8.57 -12.55 24.68
CA ALA G 94 -8.65 -12.06 23.31
C ALA G 94 -8.12 -10.63 23.22
N PRO G 95 -7.15 -10.36 22.34
CA PRO G 95 -6.75 -8.98 22.07
C PRO G 95 -7.92 -8.11 21.62
N ASP G 96 -7.73 -6.80 21.76
CA ASP G 96 -8.71 -5.81 21.33
C ASP G 96 -9.09 -6.03 19.87
N GLY G 97 -10.40 -6.12 19.62
CA GLY G 97 -10.88 -6.26 18.27
C GLY G 97 -10.86 -7.67 17.71
N ILE G 98 -10.59 -8.67 18.54
CA ILE G 98 -10.70 -10.07 18.15
C ILE G 98 -11.98 -10.61 18.78
N ARG G 99 -13.02 -10.74 17.96
CA ARG G 99 -14.31 -11.27 18.37
C ARG G 99 -14.49 -12.70 17.86
N GLY G 100 -15.53 -13.36 18.37
CA GLY G 100 -15.76 -14.75 18.02
C GLY G 100 -16.13 -14.94 16.55
N PHE G 101 -15.94 -16.18 16.10
CA PHE G 101 -16.34 -16.55 14.75
C PHE G 101 -17.82 -16.28 14.52
N PRO G 102 -18.19 -15.58 13.46
CA PRO G 102 -19.56 -15.02 13.38
C PRO G 102 -20.65 -16.02 13.01
N ARG G 103 -20.32 -17.19 12.48
CA ARG G 103 -21.37 -18.13 12.05
C ARG G 103 -21.04 -19.55 12.48
N CYS G 104 -21.61 -19.98 13.61
CA CYS G 104 -21.43 -21.32 14.14
C CYS G 104 -22.78 -21.94 14.45
N ARG G 105 -23.03 -23.13 13.91
CA ARG G 105 -24.25 -23.86 14.25
C ARG G 105 -24.16 -24.45 15.65
N TYR G 106 -23.03 -25.10 15.96
CA TYR G 106 -22.77 -25.66 17.28
C TYR G 106 -21.48 -25.07 17.82
N VAL G 107 -21.55 -24.49 19.02
CA VAL G 107 -20.36 -24.03 19.73
C VAL G 107 -20.05 -25.05 20.82
N HIS G 108 -18.94 -25.76 20.65
CA HIS G 108 -18.49 -26.75 21.63
C HIS G 108 -17.64 -26.06 22.67
N LYS G 109 -18.24 -25.78 23.83
CA LYS G 109 -17.58 -25.05 24.91
C LYS G 109 -17.01 -26.06 25.90
N VAL G 110 -15.68 -26.14 25.95
CA VAL G 110 -14.99 -27.13 26.77
C VAL G 110 -14.37 -26.43 27.97
N SER G 111 -14.69 -26.92 29.15
CA SER G 111 -14.09 -26.47 30.40
C SER G 111 -13.36 -27.61 31.10
N GLY G 112 -12.30 -27.29 31.82
CA GLY G 112 -11.56 -28.29 32.55
C GLY G 112 -10.13 -27.83 32.82
N THR G 113 -9.27 -28.83 33.02
CA THR G 113 -7.90 -28.61 33.48
C THR G 113 -6.90 -29.38 32.62
N GLY G 114 -5.68 -28.86 32.55
CA GLY G 114 -4.58 -29.55 31.92
C GLY G 114 -3.24 -29.02 32.37
N PRO G 115 -2.16 -29.71 31.98
CA PRO G 115 -0.82 -29.21 32.32
C PRO G 115 -0.40 -27.96 31.57
N CYS G 116 -0.90 -27.74 30.35
CA CYS G 116 -0.67 -26.52 29.59
C CYS G 116 0.82 -26.16 29.55
N ALA G 117 1.61 -27.10 29.02
CA ALA G 117 3.07 -26.99 29.08
C ALA G 117 3.58 -26.14 27.93
N GLY G 118 3.26 -24.86 27.99
CA GLY G 118 3.63 -23.93 26.94
C GLY G 118 2.89 -22.61 26.99
N ASP G 119 3.52 -21.55 26.47
CA ASP G 119 2.94 -20.21 26.60
C ASP G 119 1.74 -20.00 25.67
N PHE G 120 1.71 -20.65 24.51
CA PHE G 120 0.58 -20.50 23.60
C PHE G 120 0.15 -21.84 23.05
N ALA G 121 -1.12 -21.94 22.68
CA ALA G 121 -1.68 -23.15 22.09
C ALA G 121 -1.78 -22.99 20.58
N PHE G 122 -1.11 -23.87 19.85
CA PHE G 122 -1.05 -23.85 18.40
C PHE G 122 -1.74 -25.08 17.82
N HIS G 123 -1.99 -25.02 16.51
CA HIS G 123 -2.54 -26.13 15.75
C HIS G 123 -1.40 -27.05 15.32
N LYS G 124 -1.48 -28.32 15.68
CA LYS G 124 -0.40 -29.26 15.40
C LYS G 124 -0.24 -29.56 13.91
N GLU G 125 -1.27 -29.34 13.10
CA GLU G 125 -1.16 -29.51 11.65
C GLU G 125 -0.85 -28.22 10.92
N GLY G 126 -0.58 -27.13 11.63
CA GLY G 126 -0.22 -25.89 10.98
C GLY G 126 -1.39 -25.09 10.43
N ALA G 127 -2.63 -25.48 10.73
CA ALA G 127 -3.78 -24.72 10.30
C ALA G 127 -3.90 -23.46 11.17
N PHE G 128 -4.89 -22.63 10.84
CA PHE G 128 -5.14 -21.40 11.58
C PHE G 128 -6.40 -21.51 12.41
N PHE G 129 -6.47 -20.63 13.40
CA PHE G 129 -7.69 -20.41 14.16
C PHE G 129 -8.38 -19.16 13.62
N LEU G 130 -9.58 -19.35 13.09
CA LEU G 130 -10.35 -18.29 12.46
C LEU G 130 -11.28 -17.70 13.50
N TYR G 131 -11.20 -16.38 13.67
CA TYR G 131 -12.00 -15.60 14.57
C TYR G 131 -12.86 -14.67 13.71
N ASP G 132 -13.33 -13.58 14.30
CA ASP G 132 -14.12 -12.62 13.54
C ASP G 132 -13.20 -11.88 12.57
N ARG G 133 -13.07 -12.44 11.37
CA ARG G 133 -12.29 -11.84 10.28
C ARG G 133 -10.80 -11.72 10.60
N LEU G 134 -10.30 -12.52 11.54
CA LEU G 134 -8.88 -12.56 11.85
C LEU G 134 -8.41 -13.99 12.08
N ALA G 135 -7.33 -14.39 11.39
CA ALA G 135 -6.76 -15.71 11.60
C ALA G 135 -5.48 -15.59 12.40
N SER G 136 -5.39 -16.42 13.43
CA SER G 136 -4.27 -16.47 14.36
C SER G 136 -3.61 -17.85 14.38
N THR G 137 -2.32 -17.86 14.71
CA THR G 137 -1.61 -19.10 14.98
C THR G 137 -1.93 -19.70 16.35
N VAL G 138 -2.58 -18.94 17.25
CA VAL G 138 -2.82 -19.41 18.60
C VAL G 138 -4.28 -19.26 19.01
N ILE G 139 -4.64 -20.00 20.07
CA ILE G 139 -5.99 -19.99 20.63
C ILE G 139 -6.07 -18.92 21.71
N TYR G 140 -7.10 -18.07 21.63
CA TYR G 140 -7.38 -17.12 22.70
C TYR G 140 -8.51 -17.63 23.59
N ARG G 141 -8.47 -17.19 24.85
CA ARG G 141 -9.41 -17.63 25.87
C ARG G 141 -10.83 -17.18 25.59
N GLY G 142 -11.78 -18.10 25.78
CA GLY G 142 -13.20 -17.76 25.80
C GLY G 142 -13.73 -17.15 24.52
N THR G 143 -13.10 -17.44 23.39
CA THR G 143 -13.39 -16.76 22.13
C THR G 143 -13.66 -17.82 21.07
N THR G 144 -14.86 -17.80 20.50
CA THR G 144 -15.28 -18.85 19.59
C THR G 144 -14.45 -18.76 18.31
N PHE G 145 -13.90 -19.89 17.87
CA PHE G 145 -13.10 -19.95 16.65
C PHE G 145 -13.51 -21.16 15.83
N ALA G 146 -13.16 -21.11 14.54
CA ALA G 146 -13.24 -22.25 13.66
C ALA G 146 -11.83 -22.63 13.20
N GLU G 147 -11.62 -23.93 12.97
CA GLU G 147 -10.35 -24.36 12.40
C GLU G 147 -10.40 -24.16 10.90
N GLY G 148 -9.34 -23.59 10.33
CA GLY G 148 -9.41 -23.34 8.91
C GLY G 148 -8.08 -22.95 8.31
N VAL G 149 -8.12 -22.63 7.03
CA VAL G 149 -6.94 -22.26 6.24
C VAL G 149 -7.37 -21.14 5.30
N VAL G 150 -6.39 -20.39 4.81
CA VAL G 150 -6.66 -19.18 4.05
C VAL G 150 -6.21 -19.35 2.61
N ALA G 151 -7.04 -18.87 1.69
CA ALA G 151 -6.74 -18.80 0.27
C ALA G 151 -6.82 -17.35 -0.17
N PHE G 152 -6.10 -17.03 -1.25
CA PHE G 152 -6.16 -15.70 -1.84
C PHE G 152 -6.56 -15.83 -3.31
N LEU G 153 -7.51 -14.99 -3.73
CA LEU G 153 -8.11 -15.09 -5.05
C LEU G 153 -8.17 -13.71 -5.70
N ILE G 154 -7.98 -13.69 -7.01
CA ILE G 154 -8.46 -12.60 -7.87
C ILE G 154 -9.80 -13.03 -8.45
N LEU G 155 -10.86 -12.31 -8.10
CA LEU G 155 -12.15 -12.60 -8.71
C LEU G 155 -12.25 -11.93 -10.08
N PRO G 156 -12.89 -12.57 -11.05
CA PRO G 156 -13.20 -11.89 -12.30
C PRO G 156 -14.35 -10.92 -12.11
N GLN G 157 -14.15 -9.67 -12.53
CA GLN G 157 -15.17 -8.64 -12.38
C GLN G 157 -15.05 -7.58 -13.48
N ILE H 3 -4.82 -27.60 -10.43
CA ILE H 3 -5.28 -27.84 -9.07
C ILE H 3 -5.98 -29.18 -8.96
N VAL H 4 -5.34 -30.11 -8.24
CA VAL H 4 -5.88 -31.44 -7.99
C VAL H 4 -6.23 -31.52 -6.51
N ASN H 5 -7.52 -31.67 -6.21
CA ASN H 5 -7.95 -31.77 -4.83
C ASN H 5 -7.54 -33.13 -4.26
N ALA H 6 -6.68 -33.11 -3.25
CA ALA H 6 -6.15 -34.32 -2.64
C ALA H 6 -6.58 -34.48 -1.18
N GLN H 7 -7.72 -33.90 -0.82
CA GLN H 7 -8.22 -34.04 0.53
C GLN H 7 -9.03 -35.32 0.68
N PRO H 8 -9.15 -35.85 1.90
CA PRO H 8 -9.98 -37.06 2.09
C PRO H 8 -11.41 -36.86 1.65
N LYS H 9 -12.01 -35.72 1.99
CA LYS H 9 -13.37 -35.40 1.59
C LYS H 9 -13.43 -33.91 1.27
N CYS H 10 -14.48 -33.51 0.56
CA CYS H 10 -14.65 -32.12 0.17
C CYS H 10 -16.09 -31.67 0.34
N ASN H 11 -16.26 -30.43 0.78
CA ASN H 11 -17.57 -29.79 0.84
C ASN H 11 -17.85 -29.14 -0.51
N PRO H 12 -18.77 -29.67 -1.32
CA PRO H 12 -19.02 -29.06 -2.63
C PRO H 12 -19.73 -27.72 -2.57
N ASN H 13 -20.37 -27.39 -1.46
CA ASN H 13 -21.16 -26.17 -1.33
C ASN H 13 -20.38 -25.13 -0.53
N LEU H 14 -20.42 -23.89 -1.01
CA LEU H 14 -19.75 -22.77 -0.34
C LEU H 14 -20.80 -21.80 0.17
N HIS H 15 -21.10 -21.87 1.46
CA HIS H 15 -21.98 -20.90 2.13
C HIS H 15 -21.07 -19.80 2.67
N TYR H 16 -20.90 -18.75 1.88
CA TYR H 16 -19.92 -17.72 2.19
C TYR H 16 -20.59 -16.52 2.86
N TRP H 17 -19.84 -15.89 3.76
CA TRP H 17 -20.23 -14.65 4.40
C TRP H 17 -19.13 -13.63 4.20
N THR H 18 -19.49 -12.37 4.02
CA THR H 18 -18.50 -11.32 3.84
C THR H 18 -19.06 -10.03 4.41
N THR H 19 -18.18 -9.02 4.53
CA THR H 19 -18.57 -7.74 5.07
C THR H 19 -18.67 -6.65 4.02
N GLN H 20 -18.38 -6.95 2.75
CA GLN H 20 -18.58 -5.97 1.70
C GLN H 20 -20.08 -5.73 1.52
N ASP H 21 -20.47 -4.46 1.49
CA ASP H 21 -21.88 -4.15 1.28
C ASP H 21 -22.27 -4.47 -0.16
N GLU H 22 -23.53 -4.89 -0.33
CA GLU H 22 -24.06 -5.24 -1.64
C GLU H 22 -24.60 -4.05 -2.40
N GLY H 23 -24.48 -2.84 -1.86
CA GLY H 23 -25.03 -1.66 -2.50
C GLY H 23 -26.47 -1.41 -2.10
N ALA H 24 -26.98 -0.26 -2.55
CA ALA H 24 -28.35 0.18 -2.28
C ALA H 24 -28.63 0.21 -0.78
N ALA H 25 -27.73 0.86 -0.04
CA ALA H 25 -27.91 1.00 1.40
C ALA H 25 -29.15 1.82 1.70
N ILE H 26 -30.04 1.26 2.51
CA ILE H 26 -31.35 1.87 2.76
C ILE H 26 -31.22 2.95 3.83
N GLY H 27 -31.89 4.07 3.59
CA GLY H 27 -32.02 5.11 4.60
C GLY H 27 -30.69 5.61 5.12
N LEU H 28 -30.61 5.75 6.44
CA LEU H 28 -29.42 6.21 7.13
C LEU H 28 -28.77 5.10 7.95
N ALA H 29 -28.95 3.84 7.52
CA ALA H 29 -28.43 2.70 8.25
C ALA H 29 -26.92 2.61 8.23
N TRP H 30 -26.23 3.44 7.44
CA TRP H 30 -24.77 3.43 7.43
C TRP H 30 -24.18 4.10 8.65
N ILE H 31 -24.94 4.94 9.35
CA ILE H 31 -24.46 5.59 10.57
C ILE H 31 -24.21 4.53 11.64
N PRO H 32 -23.05 4.54 12.31
CA PRO H 32 -22.79 3.51 13.32
C PRO H 32 -23.79 3.48 14.47
N TYR H 33 -24.36 4.63 14.83
CA TYR H 33 -25.34 4.65 15.92
C TYR H 33 -26.60 3.89 15.54
N PHE H 34 -27.11 4.11 14.32
CA PHE H 34 -28.30 3.41 13.85
C PHE H 34 -27.99 2.13 13.08
N GLY H 35 -26.71 1.83 12.87
CA GLY H 35 -26.32 0.66 12.13
C GLY H 35 -26.53 -0.61 12.94
N PRO H 36 -26.36 -1.76 12.30
CA PRO H 36 -26.53 -3.04 13.02
C PRO H 36 -25.38 -3.26 13.99
N ALA H 37 -25.57 -4.26 14.85
CA ALA H 37 -24.54 -4.65 15.79
C ALA H 37 -23.43 -5.42 15.07
N ALA H 38 -22.44 -5.87 15.84
CA ALA H 38 -21.32 -6.60 15.26
C ALA H 38 -21.73 -7.94 14.68
N GLU H 39 -22.89 -8.47 15.07
CA GLU H 39 -23.35 -9.77 14.59
C GLU H 39 -24.14 -9.70 13.29
N GLY H 40 -24.61 -8.52 12.90
CA GLY H 40 -25.48 -8.41 11.74
C GLY H 40 -24.95 -7.56 10.61
N ILE H 41 -23.61 -7.42 10.53
CA ILE H 41 -22.99 -6.65 9.46
C ILE H 41 -22.56 -7.51 8.28
N TYR H 42 -22.86 -8.81 8.31
CA TYR H 42 -22.42 -9.74 7.28
C TYR H 42 -23.52 -9.99 6.25
N ILE H 43 -23.10 -10.29 5.03
CA ILE H 43 -24.00 -10.76 3.99
C ILE H 43 -23.59 -12.17 3.61
N GLU H 44 -24.57 -12.97 3.22
CA GLU H 44 -24.35 -14.39 2.91
C GLU H 44 -24.58 -14.65 1.43
N GLY H 45 -24.18 -15.85 1.01
CA GLY H 45 -24.41 -16.30 -0.34
C GLY H 45 -24.07 -17.77 -0.46
N LEU H 46 -24.64 -18.39 -1.49
CA LEU H 46 -24.43 -19.81 -1.76
C LEU H 46 -23.80 -19.97 -3.14
N MET H 47 -22.63 -20.61 -3.17
CA MET H 47 -21.93 -20.89 -4.42
C MET H 47 -21.75 -22.39 -4.54
N HIS H 48 -22.35 -22.97 -5.57
CA HIS H 48 -22.30 -24.41 -5.81
C HIS H 48 -21.00 -24.80 -6.49
N ASN H 49 -20.71 -26.10 -6.45
CA ASN H 49 -19.54 -26.63 -7.14
C ASN H 49 -19.77 -26.61 -8.64
N GLN H 50 -19.08 -25.70 -9.32
CA GLN H 50 -19.17 -25.55 -10.77
C GLN H 50 -17.81 -25.86 -11.37
N ASP H 51 -17.78 -26.81 -12.31
CA ASP H 51 -16.55 -27.21 -13.00
C ASP H 51 -15.46 -27.62 -12.01
N GLY H 52 -15.85 -28.18 -10.87
CA GLY H 52 -14.88 -28.57 -9.86
C GLY H 52 -14.15 -27.43 -9.19
N LEU H 53 -14.76 -26.25 -9.14
CA LEU H 53 -14.09 -25.08 -8.56
C LEU H 53 -13.97 -25.20 -7.05
N ILE H 54 -15.11 -25.37 -6.37
CA ILE H 54 -15.16 -25.24 -4.90
C ILE H 54 -14.09 -26.10 -4.24
N CYS H 55 -14.14 -27.41 -4.48
CA CYS H 55 -13.15 -28.32 -3.91
C CYS H 55 -11.74 -27.81 -4.17
N GLY H 56 -11.44 -27.49 -5.44
CA GLY H 56 -10.13 -26.97 -5.79
C GLY H 56 -9.73 -25.80 -4.92
N LEU H 57 -10.65 -24.85 -4.74
CA LEU H 57 -10.38 -23.70 -3.88
C LEU H 57 -9.86 -24.14 -2.53
N ARG H 58 -10.57 -25.08 -1.88
CA ARG H 58 -10.12 -25.60 -0.60
C ARG H 58 -8.68 -26.08 -0.69
N GLN H 59 -8.39 -26.92 -1.69
CA GLN H 59 -7.03 -27.41 -1.90
C GLN H 59 -6.05 -26.25 -1.97
N LEU H 60 -6.38 -25.23 -2.76
CA LEU H 60 -5.54 -24.04 -2.85
C LEU H 60 -5.20 -23.52 -1.46
N ALA H 61 -6.23 -23.29 -0.63
CA ALA H 61 -6.01 -22.79 0.72
C ALA H 61 -4.99 -23.66 1.44
N ASN H 62 -5.19 -24.98 1.40
CA ASN H 62 -4.24 -25.92 1.99
C ASN H 62 -2.83 -25.63 1.49
N GLU H 63 -2.65 -25.66 0.17
CA GLU H 63 -1.33 -25.46 -0.40
C GLU H 63 -0.77 -24.08 -0.12
N THR H 64 -1.63 -23.11 0.22
CA THR H 64 -1.15 -21.79 0.57
C THR H 64 -0.57 -21.77 1.98
N THR H 65 -1.19 -22.53 2.89
CA THR H 65 -0.96 -22.39 4.32
C THR H 65 0.53 -22.28 4.66
N GLN H 66 1.29 -23.32 4.31
CA GLN H 66 2.73 -23.34 4.55
C GLN H 66 3.38 -22.00 4.22
N ALA H 67 3.28 -21.58 2.95
CA ALA H 67 3.88 -20.32 2.54
C ALA H 67 3.46 -19.18 3.44
N LEU H 68 2.15 -19.04 3.65
CA LEU H 68 1.63 -17.99 4.51
C LEU H 68 2.31 -18.01 5.87
N GLN H 69 2.40 -19.19 6.47
CA GLN H 69 3.03 -19.32 7.78
C GLN H 69 4.44 -18.73 7.75
N LEU H 70 5.22 -19.12 6.73
CA LEU H 70 6.58 -18.60 6.62
C LEU H 70 6.57 -17.07 6.60
N PHE H 71 5.65 -16.48 5.84
CA PHE H 71 5.54 -15.02 5.82
C PHE H 71 5.30 -14.48 7.23
N LEU H 72 4.36 -15.09 7.95
CA LEU H 72 4.07 -14.64 9.31
C LEU H 72 5.26 -14.84 10.23
N ARG H 73 6.16 -15.76 9.90
CA ARG H 73 7.37 -15.92 10.69
C ARG H 73 8.34 -14.76 10.44
N ALA H 74 8.40 -14.27 9.19
CA ALA H 74 9.37 -13.25 8.84
C ALA H 74 8.98 -11.88 9.41
N THR H 75 7.71 -11.52 9.25
CA THR H 75 7.26 -10.21 9.71
C THR H 75 7.16 -10.18 11.24
N THR H 76 7.23 -8.96 11.77
CA THR H 76 7.04 -8.73 13.20
C THR H 76 5.72 -8.03 13.50
N GLU H 77 4.89 -7.78 12.49
CA GLU H 77 3.56 -7.24 12.72
C GLU H 77 2.73 -8.19 13.57
N LEU H 78 2.15 -7.66 14.65
CA LEU H 78 1.20 -8.46 15.42
C LEU H 78 -0.02 -8.79 14.57
N ARG H 79 -0.44 -7.88 13.70
CA ARG H 79 -1.53 -8.10 12.77
C ARG H 79 -1.11 -7.57 11.40
N THR H 80 -1.20 -8.43 10.38
CA THR H 80 -0.76 -8.10 9.03
C THR H 80 -1.98 -7.94 8.14
N PHE H 81 -2.24 -6.71 7.70
CA PHE H 81 -3.35 -6.41 6.81
C PHE H 81 -2.94 -6.07 5.38
N SER H 82 -1.67 -5.77 5.14
CA SER H 82 -1.20 -5.28 3.85
C SER H 82 -0.78 -6.39 2.90
N ILE H 83 -1.41 -7.56 2.96
CA ILE H 83 -1.02 -8.65 2.07
C ILE H 83 -1.61 -8.45 0.68
N LEU H 84 -2.92 -8.20 0.59
CA LEU H 84 -3.54 -7.99 -0.72
C LEU H 84 -2.94 -6.80 -1.44
N ASN H 85 -2.69 -5.71 -0.71
CA ASN H 85 -2.08 -4.54 -1.32
C ASN H 85 -0.69 -4.87 -1.87
N ARG H 86 0.09 -5.65 -1.11
CA ARG H 86 1.41 -6.06 -1.59
C ARG H 86 1.31 -6.94 -2.82
N LYS H 87 0.32 -7.83 -2.86
CA LYS H 87 0.10 -8.65 -4.04
C LYS H 87 -0.24 -7.81 -5.26
N ALA H 88 -1.03 -6.75 -5.06
CA ALA H 88 -1.33 -5.84 -6.17
C ALA H 88 -0.07 -5.11 -6.62
N ILE H 89 0.75 -4.65 -5.67
CA ILE H 89 1.99 -3.96 -6.02
C ILE H 89 2.91 -4.86 -6.83
N ASP H 90 3.06 -6.11 -6.41
CA ASP H 90 3.86 -7.06 -7.17
C ASP H 90 3.24 -7.33 -8.55
N PHE H 91 1.91 -7.35 -8.63
CA PHE H 91 1.25 -7.52 -9.92
C PHE H 91 1.62 -6.39 -10.87
N LEU H 92 1.67 -5.16 -10.36
CA LEU H 92 2.03 -4.03 -11.21
C LEU H 92 3.51 -4.05 -11.56
N LEU H 93 4.37 -4.39 -10.59
CA LEU H 93 5.80 -4.46 -10.83
C LEU H 93 6.15 -5.55 -11.84
N GLN H 94 5.33 -6.60 -11.91
CA GLN H 94 5.62 -7.69 -12.84
C GLN H 94 5.56 -7.24 -14.29
N ARG H 95 4.67 -6.29 -14.59
CA ARG H 95 4.48 -5.79 -15.95
C ARG H 95 5.23 -4.50 -16.23
N TRP H 96 5.25 -3.57 -15.27
CA TRP H 96 5.75 -2.22 -15.51
C TRP H 96 6.91 -1.85 -14.59
N GLY H 97 7.57 -2.82 -13.98
CA GLY H 97 8.68 -2.52 -13.10
C GLY H 97 9.90 -2.00 -13.83
N GLY H 98 10.17 -2.53 -15.01
CA GLY H 98 11.31 -2.09 -15.80
C GLY H 98 10.92 -1.47 -17.12
N THR H 99 11.91 -1.20 -17.97
CA THR H 99 11.62 -0.63 -19.28
C THR H 99 10.80 -1.61 -20.10
N CYS H 100 9.71 -1.11 -20.69
CA CYS H 100 8.74 -1.96 -21.38
C CYS H 100 9.08 -1.93 -22.86
N HIS H 101 9.81 -2.95 -23.32
CA HIS H 101 10.20 -3.04 -24.72
C HIS H 101 9.06 -3.59 -25.57
N ILE H 102 8.73 -2.87 -26.65
CA ILE H 102 7.64 -3.30 -27.51
C ILE H 102 7.98 -4.66 -28.11
N LEU H 103 6.96 -5.51 -28.25
CA LEU H 103 7.11 -6.88 -28.76
C LEU H 103 7.99 -7.73 -27.85
N GLY H 104 8.02 -7.41 -26.56
CA GLY H 104 8.80 -8.17 -25.61
C GLY H 104 7.95 -9.08 -24.76
N PRO H 105 8.58 -10.08 -24.14
CA PRO H 105 7.81 -11.00 -23.29
C PRO H 105 7.34 -10.40 -21.98
N ASP H 106 8.14 -9.51 -21.38
CA ASP H 106 7.81 -8.89 -20.11
C ASP H 106 7.11 -7.54 -20.28
N CYS H 107 6.57 -7.26 -21.46
CA CYS H 107 5.89 -6.00 -21.72
C CYS H 107 4.49 -6.28 -22.24
N CYS H 108 3.49 -5.77 -21.54
CA CYS H 108 2.08 -5.95 -21.92
C CYS H 108 1.60 -4.65 -22.58
N ILE H 109 1.72 -4.58 -23.90
CA ILE H 109 1.29 -3.41 -24.65
C ILE H 109 0.55 -3.89 -25.89
N GLU H 110 -0.68 -3.40 -26.08
CA GLU H 110 -1.55 -3.70 -27.22
C GLU H 110 -1.47 -5.15 -27.71
N SER I 1 12.36 14.54 1.44
CA SER I 1 12.09 13.19 0.97
C SER I 1 13.07 12.18 1.56
N ILE I 2 12.65 10.94 1.67
CA ILE I 2 13.48 9.88 2.22
C ILE I 2 14.41 9.35 1.14
N PRO I 3 15.72 9.41 1.33
CA PRO I 3 16.64 8.89 0.31
C PRO I 3 16.56 7.37 0.20
N LEU I 4 16.61 6.89 -1.04
CA LEU I 4 16.59 5.46 -1.34
C LEU I 4 17.82 5.11 -2.16
N GLY I 5 18.56 4.10 -1.71
CA GLY I 5 19.75 3.67 -2.40
C GLY I 5 19.46 2.60 -3.44
N VAL I 6 20.28 2.59 -4.49
CA VAL I 6 20.14 1.64 -5.59
C VAL I 6 21.50 1.00 -5.86
N ILE I 7 21.49 -0.32 -6.05
CA ILE I 7 22.67 -1.10 -6.37
C ILE I 7 22.49 -1.68 -7.76
N HIS I 8 23.38 -1.29 -8.69
CA HIS I 8 23.46 -1.91 -10.01
C HIS I 8 24.90 -2.36 -10.21
N ASN I 9 25.07 -3.63 -10.58
CA ASN I 9 26.38 -4.23 -10.84
C ASN I 9 27.35 -3.94 -9.70
N SER I 10 26.90 -4.19 -8.47
CA SER I 10 27.71 -3.97 -7.26
C SER I 10 28.12 -2.50 -7.13
N THR I 11 27.18 -1.60 -7.40
CA THR I 11 27.41 -0.16 -7.27
C THR I 11 26.20 0.46 -6.59
N LEU I 12 26.45 1.48 -5.76
CA LEU I 12 25.40 2.12 -4.98
C LEU I 12 25.36 3.63 -5.22
N GLN I 13 24.16 4.13 -5.51
CA GLN I 13 23.95 5.55 -5.70
C GLN I 13 22.64 5.91 -5.00
N VAL I 14 22.48 7.19 -4.66
CA VAL I 14 21.20 7.68 -4.18
C VAL I 14 20.23 7.83 -5.35
N SER I 15 19.01 7.33 -5.20
CA SER I 15 18.03 7.50 -6.26
C SER I 15 17.63 8.97 -6.33
N ASP I 16 17.67 9.54 -7.53
CA ASP I 16 17.29 10.93 -7.70
C ASP I 16 15.78 11.01 -7.92
N VAL I 17 15.06 11.69 -7.01
CA VAL I 17 13.62 11.68 -7.14
C VAL I 17 13.18 12.58 -8.29
N ASP I 18 13.96 13.62 -8.58
CA ASP I 18 13.69 14.46 -9.75
C ASP I 18 13.93 13.71 -11.05
N LYS I 19 15.04 12.98 -11.13
CA LYS I 19 15.41 12.22 -12.31
C LYS I 19 14.59 10.94 -12.41
N LEU I 20 14.58 10.37 -13.62
CA LEU I 20 13.99 9.06 -13.87
C LEU I 20 14.95 8.25 -14.71
N VAL I 21 15.49 7.18 -14.12
CA VAL I 21 16.39 6.26 -14.81
C VAL I 21 15.57 5.05 -15.23
N CYS I 22 15.26 4.96 -16.52
CA CYS I 22 14.48 3.84 -17.05
C CYS I 22 15.23 2.52 -16.99
N ARG I 23 16.56 2.52 -16.84
CA ARG I 23 17.30 1.28 -16.73
C ARG I 23 17.18 0.65 -15.35
N ASP I 24 16.88 1.43 -14.31
CA ASP I 24 16.55 0.85 -13.02
C ASP I 24 15.32 -0.05 -13.14
N LYS I 25 15.42 -1.25 -12.57
CA LYS I 25 14.35 -2.24 -12.66
C LYS I 25 13.96 -2.69 -11.26
N LEU I 26 12.69 -2.54 -10.91
CA LEU I 26 12.12 -3.05 -9.67
C LEU I 26 10.99 -4.01 -10.04
N SER I 27 11.30 -5.31 -10.14
CA SER I 27 10.32 -6.29 -10.57
C SER I 27 9.60 -6.99 -9.42
N SER I 28 9.94 -6.68 -8.17
CA SER I 28 9.28 -7.32 -7.04
C SER I 28 9.61 -6.56 -5.76
N THR I 29 8.69 -6.63 -4.80
CA THR I 29 8.94 -6.08 -3.47
C THR I 29 10.04 -6.84 -2.72
N ASN I 30 10.39 -8.05 -3.16
CA ASN I 30 11.55 -8.74 -2.59
C ASN I 30 12.84 -8.00 -2.87
N GLN I 31 12.89 -7.23 -3.96
CA GLN I 31 14.07 -6.42 -4.25
C GLN I 31 14.21 -5.22 -3.31
N LEU I 32 13.16 -4.87 -2.57
CA LEU I 32 13.23 -3.79 -1.59
C LEU I 32 13.63 -4.35 -0.24
N ARG I 33 14.63 -3.75 0.38
CA ARG I 33 15.14 -4.18 1.68
C ARG I 33 15.37 -2.97 2.57
N SER I 34 15.03 -3.12 3.84
CA SER I 34 15.40 -2.17 4.88
C SER I 34 16.45 -2.85 5.75
N VAL I 35 17.50 -2.11 6.10
CA VAL I 35 18.64 -2.68 6.79
C VAL I 35 19.06 -1.79 7.95
N GLY I 36 19.32 -2.41 9.10
CA GLY I 36 19.83 -1.72 10.26
C GLY I 36 21.34 -1.89 10.35
N LEU I 37 22.04 -0.78 10.50
CA LEU I 37 23.49 -0.77 10.63
C LEU I 37 23.87 -0.19 11.98
N ASN I 38 24.85 -0.81 12.63
CA ASN I 38 25.21 -0.48 14.00
C ASN I 38 26.21 0.66 14.04
N LEU I 39 25.96 1.61 14.94
CA LEU I 39 26.90 2.71 15.15
C LEU I 39 28.30 2.19 15.48
N GLU I 40 28.38 1.05 16.17
CA GLU I 40 29.63 0.30 16.27
C GLU I 40 30.45 0.34 14.99
N GLY I 41 29.81 0.03 13.85
CA GLY I 41 30.48 -0.01 12.58
C GLY I 41 31.03 1.32 12.08
N ASN I 42 30.62 2.42 12.71
CA ASN I 42 31.19 3.73 12.39
C ASN I 42 32.28 4.18 13.36
N GLY I 43 32.65 3.35 14.32
CA GLY I 43 33.77 3.66 15.18
C GLY I 43 33.41 4.40 16.46
N VAL I 44 32.13 4.43 16.83
CA VAL I 44 31.72 5.13 18.04
C VAL I 44 32.19 4.37 19.27
N ALA I 45 32.48 5.13 20.34
CA ALA I 45 32.88 4.55 21.61
C ALA I 45 31.76 3.68 22.17
N THR I 46 32.11 2.45 22.56
CA THR I 46 31.15 1.47 23.01
C THR I 46 31.17 1.25 24.52
N ASP I 47 32.18 1.78 25.22
CA ASP I 47 32.17 1.75 26.67
C ASP I 47 30.88 2.37 27.22
N VAL I 48 30.40 1.82 28.33
CA VAL I 48 29.15 2.21 28.96
C VAL I 48 29.07 3.70 29.27
N PRO I 49 30.11 4.35 29.83
CA PRO I 49 30.00 5.79 30.09
C PRO I 49 29.77 6.65 28.85
N SER I 50 30.44 6.36 27.73
CA SER I 50 30.20 7.15 26.53
C SER I 50 28.83 6.88 25.95
N ALA I 51 28.44 5.60 25.88
CA ALA I 51 27.14 5.28 25.30
C ALA I 51 26.04 5.95 26.12
N THR I 52 26.11 5.83 27.45
CA THR I 52 25.04 6.41 28.24
C THR I 52 25.09 7.93 28.19
N LYS I 53 26.27 8.51 27.94
CA LYS I 53 26.32 9.95 27.73
C LYS I 53 25.71 10.36 26.40
N ARG I 54 25.56 9.43 25.46
CA ARG I 54 24.84 9.73 24.22
C ARG I 54 23.32 9.69 24.36
N TRP I 55 22.80 9.24 25.50
CA TRP I 55 21.37 9.13 25.74
C TRP I 55 20.92 10.13 26.81
N GLY I 56 19.66 10.58 26.69
CA GLY I 56 19.15 11.59 27.60
C GLY I 56 17.64 11.54 27.69
N PHE I 57 17.11 11.98 28.82
CA PHE I 57 15.68 11.94 29.08
C PHE I 57 14.96 13.21 28.63
N ARG I 58 13.74 13.04 28.13
CA ARG I 58 12.94 14.12 27.58
C ARG I 58 11.48 13.70 27.67
N SER I 59 10.62 14.66 28.02
CA SER I 59 9.17 14.51 28.01
C SER I 59 8.55 15.29 26.85
N GLY I 60 7.29 14.97 26.55
CA GLY I 60 6.53 15.68 25.55
C GLY I 60 6.64 15.14 24.14
N VAL I 61 7.55 14.21 23.87
CA VAL I 61 7.75 13.68 22.53
C VAL I 61 7.27 12.23 22.53
N PRO I 62 6.17 11.90 21.85
CA PRO I 62 5.69 10.52 21.80
C PRO I 62 6.69 9.64 21.08
N PRO I 63 6.93 8.42 21.59
CA PRO I 63 7.84 7.50 20.91
C PRO I 63 7.29 7.04 19.57
N LYS I 64 8.19 6.59 18.71
CA LYS I 64 7.83 6.13 17.37
C LYS I 64 8.68 4.91 17.02
N VAL I 65 8.08 3.97 16.30
CA VAL I 65 8.71 2.70 15.95
C VAL I 65 8.56 2.46 14.46
N VAL I 66 9.62 1.96 13.83
CA VAL I 66 9.62 1.64 12.41
C VAL I 66 10.32 0.31 12.24
N ASN I 67 9.77 -0.55 11.37
CA ASN I 67 10.35 -1.87 11.17
C ASN I 67 11.53 -1.84 10.21
N TYR I 68 12.36 -2.87 10.31
CA TYR I 68 13.44 -3.13 9.37
C TYR I 68 13.61 -4.64 9.24
N GLU I 69 14.00 -5.07 8.03
CA GLU I 69 13.93 -6.48 7.69
C GLU I 69 15.22 -7.23 7.99
N ALA I 70 16.36 -6.54 7.96
CA ALA I 70 17.67 -7.18 8.12
C ALA I 70 18.59 -6.26 8.90
N GLY I 71 19.50 -6.86 9.67
CA GLY I 71 20.39 -6.09 10.53
C GLY I 71 21.79 -6.66 10.55
N GLU I 72 22.64 -6.02 11.35
CA GLU I 72 24.05 -6.34 11.47
C GLU I 72 24.35 -6.94 12.83
N TRP I 73 25.23 -7.94 12.86
CA TRP I 73 25.66 -8.52 14.13
C TRP I 73 26.44 -7.49 14.93
N ALA I 74 26.07 -7.30 16.20
CA ALA I 74 26.71 -6.31 17.04
C ALA I 74 27.72 -6.99 17.95
N GLU I 75 28.86 -6.32 18.16
CA GLU I 75 29.75 -6.69 19.25
C GLU I 75 29.21 -6.26 20.60
N ASN I 76 28.64 -5.05 20.68
CA ASN I 76 28.24 -4.43 21.94
C ASN I 76 26.76 -4.06 21.87
N CYS I 77 25.98 -4.58 22.82
CA CYS I 77 24.60 -4.16 23.02
C CYS I 77 24.42 -3.76 24.49
N TYR I 78 23.31 -3.09 24.77
CA TYR I 78 23.06 -2.54 26.09
C TYR I 78 21.65 -2.88 26.57
N ASN I 79 21.50 -2.99 27.89
CA ASN I 79 20.25 -3.41 28.52
C ASN I 79 20.15 -2.70 29.88
N LEU I 80 19.15 -1.84 30.04
CA LEU I 80 19.08 -0.91 31.16
C LEU I 80 17.92 -1.27 32.09
N GLU I 81 18.22 -1.36 33.38
CA GLU I 81 17.23 -1.53 34.45
C GLU I 81 17.43 -0.40 35.46
N ILE I 82 16.88 0.77 35.14
CA ILE I 82 17.05 1.98 35.94
C ILE I 82 15.75 2.29 36.66
N LYS I 83 15.85 2.58 37.96
CA LYS I 83 14.71 3.01 38.77
C LYS I 83 14.98 4.40 39.32
N LYS I 84 13.90 5.08 39.72
CA LYS I 84 14.05 6.30 40.50
C LYS I 84 14.36 6.01 41.96
N PRO I 85 14.90 6.99 42.69
CA PRO I 85 15.15 6.81 44.13
C PRO I 85 13.95 6.32 44.93
N ASP I 86 12.74 6.67 44.51
CA ASP I 86 11.52 6.17 45.14
C ASP I 86 11.16 4.75 44.72
N GLY I 87 12.01 4.08 43.94
CA GLY I 87 11.80 2.70 43.56
C GLY I 87 10.99 2.52 42.30
N SER I 88 10.41 3.59 41.77
CA SER I 88 9.59 3.49 40.58
C SER I 88 10.46 3.39 39.33
N GLU I 89 9.91 2.77 38.30
CA GLU I 89 10.67 2.47 37.09
C GLU I 89 10.87 3.72 36.24
N CYS I 90 12.09 3.89 35.74
CA CYS I 90 12.39 5.00 34.84
C CYS I 90 12.02 4.69 33.40
N LEU I 91 12.07 3.42 33.01
CA LEU I 91 11.85 3.06 31.62
C LEU I 91 10.61 2.19 31.49
N PRO I 92 9.83 2.35 30.42
CA PRO I 92 8.64 1.53 30.26
C PRO I 92 8.98 0.11 29.81
N ALA I 93 8.07 -0.81 30.11
CA ALA I 93 8.22 -2.18 29.65
C ALA I 93 8.15 -2.25 28.13
N ALA I 94 8.86 -3.21 27.56
CA ALA I 94 8.82 -3.43 26.12
C ALA I 94 7.38 -3.67 25.68
N PRO I 95 6.87 -2.90 24.71
CA PRO I 95 5.58 -3.23 24.11
C PRO I 95 5.55 -4.64 23.55
N ASP I 96 4.33 -5.15 23.38
CA ASP I 96 4.10 -6.47 22.80
C ASP I 96 4.80 -6.61 21.46
N GLY I 97 5.60 -7.66 21.32
CA GLY I 97 6.27 -7.94 20.07
C GLY I 97 7.56 -7.17 19.85
N ILE I 98 8.07 -6.49 20.86
CA ILE I 98 9.38 -5.86 20.79
C ILE I 98 10.32 -6.73 21.62
N ARG I 99 11.13 -7.53 20.94
CA ARG I 99 12.11 -8.40 21.56
C ARG I 99 13.52 -7.82 21.40
N GLY I 100 14.47 -8.41 22.12
CA GLY I 100 15.83 -7.92 22.12
C GLY I 100 16.52 -8.08 20.78
N PHE I 101 17.58 -7.29 20.62
CA PHE I 101 18.42 -7.39 19.42
C PHE I 101 18.96 -8.80 19.28
N PRO I 102 18.82 -9.43 18.11
CA PRO I 102 19.03 -10.89 18.02
C PRO I 102 20.48 -11.33 18.00
N ARG I 103 21.44 -10.45 17.74
CA ARG I 103 22.85 -10.88 17.64
C ARG I 103 23.77 -9.91 18.38
N CYS I 104 24.13 -10.24 19.62
CA CYS I 104 25.04 -9.44 20.42
C CYS I 104 26.13 -10.33 20.97
N ARG I 105 27.39 -9.96 20.73
CA ARG I 105 28.51 -10.70 21.34
C ARG I 105 28.65 -10.41 22.82
N TYR I 106 28.60 -9.12 23.19
CA TYR I 106 28.66 -8.69 24.58
C TYR I 106 27.43 -7.84 24.89
N VAL I 107 26.68 -8.21 25.92
CA VAL I 107 25.58 -7.40 26.41
C VAL I 107 26.01 -6.69 27.69
N HIS I 108 26.15 -5.36 27.62
CA HIS I 108 26.53 -4.55 28.78
C HIS I 108 25.24 -4.18 29.50
N LYS I 109 24.94 -4.90 30.59
CA LYS I 109 23.71 -4.73 31.34
C LYS I 109 23.94 -3.80 32.53
N VAL I 110 23.36 -2.61 32.50
CA VAL I 110 23.59 -1.58 33.50
C VAL I 110 22.33 -1.48 34.37
N SER I 111 22.52 -1.61 35.68
CA SER I 111 21.50 -1.41 36.69
C SER I 111 21.88 -0.27 37.62
N GLY I 112 20.88 0.43 38.14
CA GLY I 112 21.16 1.51 39.07
C GLY I 112 20.03 2.53 39.12
N THR I 113 20.40 3.74 39.53
CA THR I 113 19.46 4.80 39.82
C THR I 113 19.87 6.10 39.14
N GLY I 114 18.87 6.93 38.86
CA GLY I 114 19.08 8.27 38.36
C GLY I 114 17.86 9.14 38.58
N PRO I 115 17.98 10.44 38.32
CA PRO I 115 16.82 11.32 38.45
C PRO I 115 15.77 11.11 37.37
N CYS I 116 16.16 10.65 36.18
CA CYS I 116 15.24 10.29 35.11
C CYS I 116 14.19 11.39 34.87
N ALA I 117 14.70 12.58 34.56
CA ALA I 117 13.85 13.78 34.49
C ALA I 117 13.19 13.89 33.11
N GLY I 118 12.29 12.95 32.85
CA GLY I 118 11.62 12.88 31.56
C GLY I 118 10.92 11.57 31.30
N ASP I 119 9.87 11.60 30.48
CA ASP I 119 9.06 10.40 30.28
C ASP I 119 9.75 9.35 29.42
N PHE I 120 10.58 9.77 28.46
CA PHE I 120 11.28 8.77 27.64
C PHE I 120 12.74 9.16 27.46
N ALA I 121 13.57 8.14 27.23
CA ALA I 121 14.99 8.32 26.98
C ALA I 121 15.26 8.22 25.48
N PHE I 122 15.83 9.28 24.91
CA PHE I 122 16.12 9.36 23.49
C PHE I 122 17.63 9.40 23.25
N HIS I 123 17.99 9.19 21.99
CA HIS I 123 19.38 9.30 21.54
C HIS I 123 19.68 10.74 21.18
N LYS I 124 20.70 11.32 21.81
CA LYS I 124 21.04 12.72 21.60
C LYS I 124 21.58 13.02 20.21
N GLU I 125 22.12 12.03 19.50
CA GLU I 125 22.59 12.23 18.14
C GLU I 125 21.56 11.85 17.09
N GLY I 126 20.34 11.54 17.49
CA GLY I 126 19.28 11.23 16.55
C GLY I 126 19.33 9.84 15.98
N ALA I 127 20.19 8.96 16.49
CA ALA I 127 20.20 7.58 16.03
C ALA I 127 19.01 6.83 16.61
N PHE I 128 18.88 5.57 16.22
CA PHE I 128 17.80 4.73 16.69
C PHE I 128 18.33 3.66 17.64
N PHE I 129 17.41 3.12 18.43
CA PHE I 129 17.65 1.93 19.23
C PHE I 129 17.05 0.73 18.50
N LEU I 130 17.92 -0.20 18.11
CA LEU I 130 17.54 -1.36 17.31
C LEU I 130 17.22 -2.53 18.22
N TYR I 131 16.03 -3.09 18.05
CA TYR I 131 15.53 -4.25 18.77
C TYR I 131 15.34 -5.40 17.78
N ASP I 132 14.52 -6.38 18.15
CA ASP I 132 14.23 -7.51 17.28
C ASP I 132 13.36 -7.08 16.12
N ARG I 133 13.96 -6.65 15.01
CA ARG I 133 13.24 -6.29 13.80
C ARG I 133 12.30 -5.11 14.01
N LEU I 134 12.56 -4.32 15.06
CA LEU I 134 11.84 -3.09 15.33
C LEU I 134 12.82 -2.03 15.80
N ALA I 135 12.79 -0.85 15.19
CA ALA I 135 13.65 0.25 15.61
C ALA I 135 12.79 1.28 16.32
N SER I 136 13.25 1.72 17.50
CA SER I 136 12.53 2.69 18.31
C SER I 136 13.37 3.93 18.54
N THR I 137 12.69 5.05 18.75
CA THR I 137 13.34 6.28 19.20
C THR I 137 13.69 6.28 20.68
N VAL I 138 13.16 5.34 21.47
CA VAL I 138 13.36 5.34 22.91
C VAL I 138 13.84 3.98 23.41
N ILE I 139 14.40 4.01 24.63
CA ILE I 139 14.89 2.81 25.30
C ILE I 139 13.77 2.22 26.14
N TYR I 140 13.55 0.92 25.99
CA TYR I 140 12.63 0.16 26.83
C TYR I 140 13.37 -0.59 27.94
N ARG I 141 12.66 -0.82 29.03
CA ARG I 141 13.24 -1.44 30.21
C ARG I 141 13.64 -2.88 29.94
N GLY I 142 14.82 -3.25 30.41
CA GLY I 142 15.23 -4.65 30.45
C GLY I 142 15.27 -5.30 29.09
N THR I 143 15.48 -4.52 28.03
CA THR I 143 15.35 -5.01 26.66
C THR I 143 16.61 -4.66 25.89
N THR I 144 17.31 -5.67 25.41
CA THR I 144 18.60 -5.48 24.77
C THR I 144 18.44 -4.73 23.44
N PHE I 145 19.24 -3.68 23.25
CA PHE I 145 19.21 -2.91 22.03
C PHE I 145 20.62 -2.64 21.53
N ALA I 146 20.72 -2.32 20.24
CA ALA I 146 21.95 -1.81 19.64
C ALA I 146 21.72 -0.38 19.15
N GLU I 147 22.75 0.45 19.19
CA GLU I 147 22.64 1.78 18.60
C GLU I 147 22.86 1.66 17.10
N GLY I 148 21.99 2.31 16.32
CA GLY I 148 22.15 2.15 14.89
C GLY I 148 21.32 3.12 14.08
N VAL I 149 21.39 2.94 12.76
CA VAL I 149 20.71 3.78 11.79
C VAL I 149 20.19 2.88 10.68
N VAL I 150 19.23 3.36 9.91
CA VAL I 150 18.51 2.54 8.94
C VAL I 150 18.80 3.03 7.53
N ALA I 151 19.02 2.08 6.63
CA ALA I 151 19.17 2.32 5.20
C ALA I 151 18.09 1.56 4.44
N PHE I 152 17.77 2.05 3.25
CA PHE I 152 16.83 1.40 2.34
C PHE I 152 17.50 1.14 1.01
N LEU I 153 17.33 -0.07 0.48
CA LEU I 153 18.03 -0.53 -0.72
C LEU I 153 17.05 -1.18 -1.68
N ILE I 154 17.29 -0.98 -2.98
CA ILE I 154 16.80 -1.87 -4.02
C ILE I 154 17.90 -2.86 -4.38
N LEU I 155 17.65 -4.14 -4.13
CA LEU I 155 18.62 -5.16 -4.56
C LEU I 155 18.41 -5.49 -6.03
N PRO I 156 19.50 -5.76 -6.78
CA PRO I 156 19.39 -6.30 -8.14
C PRO I 156 19.00 -7.77 -8.16
N GLU J 1 27.67 14.82 -7.85
CA GLU J 1 27.71 14.38 -6.46
C GLU J 1 27.53 12.87 -6.36
N ALA J 2 28.31 12.23 -5.49
CA ALA J 2 28.26 10.79 -5.31
C ALA J 2 28.28 10.49 -3.81
N ILE J 3 28.34 9.20 -3.47
CA ILE J 3 28.38 8.76 -2.08
C ILE J 3 29.78 9.00 -1.55
N VAL J 4 29.92 9.96 -0.63
CA VAL J 4 31.19 10.27 0.00
C VAL J 4 31.09 9.84 1.45
N ASN J 5 31.86 8.82 1.82
CA ASN J 5 31.87 8.33 3.19
C ASN J 5 32.64 9.31 4.08
N ALA J 6 31.94 9.91 5.05
CA ALA J 6 32.55 10.90 5.94
C ALA J 6 32.53 10.42 7.39
N GLN J 7 32.52 9.09 7.60
CA GLN J 7 32.52 8.59 8.97
C GLN J 7 33.93 8.48 9.52
N PRO J 8 34.10 8.56 10.84
CA PRO J 8 35.43 8.37 11.43
C PRO J 8 36.03 7.01 11.12
N LYS J 9 35.24 5.95 11.21
CA LYS J 9 35.70 4.60 10.92
C LYS J 9 34.58 3.84 10.20
N CYS J 10 34.95 2.74 9.55
CA CYS J 10 33.99 1.90 8.86
C CYS J 10 34.33 0.44 9.10
N ASN J 11 33.29 -0.37 9.31
CA ASN J 11 33.45 -1.82 9.38
C ASN J 11 33.34 -2.37 7.96
N PRO J 12 34.42 -2.86 7.36
CA PRO J 12 34.34 -3.31 5.97
C PRO J 12 33.54 -4.59 5.78
N ASN J 13 33.33 -5.37 6.83
CA ASN J 13 32.62 -6.64 6.72
C ASN J 13 31.21 -6.50 7.24
N LEU J 14 30.26 -7.07 6.51
CA LEU J 14 28.84 -7.03 6.89
C LEU J 14 28.39 -8.46 7.18
N HIS J 15 28.29 -8.78 8.47
CA HIS J 15 27.74 -10.05 8.93
C HIS J 15 26.25 -9.82 9.12
N TYR J 16 25.47 -10.15 8.09
CA TYR J 16 24.05 -9.83 8.04
C TYR J 16 23.20 -11.01 8.48
N TRP J 17 22.09 -10.68 9.13
CA TRP J 17 21.06 -11.63 9.51
C TRP J 17 19.72 -11.14 8.97
N THR J 18 18.88 -12.07 8.53
CA THR J 18 17.59 -11.70 7.98
C THR J 18 16.57 -12.79 8.26
N THR J 19 15.31 -12.49 7.97
CA THR J 19 14.20 -13.41 8.17
C THR J 19 13.67 -13.98 6.86
N GLN J 20 14.32 -13.67 5.74
CA GLN J 20 13.88 -14.20 4.45
C GLN J 20 13.97 -15.72 4.45
N ASP J 21 12.90 -16.37 3.99
CA ASP J 21 12.90 -17.82 3.91
C ASP J 21 13.89 -18.30 2.85
N GLU J 22 14.63 -19.34 3.18
CA GLU J 22 15.66 -19.88 2.29
C GLU J 22 15.30 -21.31 1.92
N GLY J 23 15.13 -21.55 0.62
CA GLY J 23 14.72 -22.86 0.16
C GLY J 23 13.36 -23.23 0.69
N ALA J 24 13.20 -24.50 1.07
CA ALA J 24 11.98 -25.00 1.67
C ALA J 24 12.29 -25.59 3.03
N ALA J 25 11.43 -25.29 4.00
CA ALA J 25 11.60 -25.85 5.34
C ALA J 25 11.50 -27.37 5.28
N ILE J 26 12.53 -28.04 5.83
CA ILE J 26 12.57 -29.49 5.77
C ILE J 26 11.42 -30.08 6.56
N GLY J 27 10.73 -31.06 5.97
CA GLY J 27 9.63 -31.68 6.66
C GLY J 27 8.50 -30.71 6.92
N LEU J 28 7.98 -30.74 8.15
CA LEU J 28 6.90 -29.86 8.57
C LEU J 28 7.39 -28.81 9.56
N ALA J 29 8.66 -28.41 9.44
CA ALA J 29 9.23 -27.43 10.35
C ALA J 29 8.65 -26.03 10.16
N TRP J 30 7.83 -25.82 9.12
CA TRP J 30 7.19 -24.53 8.92
C TRP J 30 6.02 -24.31 9.88
N ILE J 31 5.48 -25.37 10.46
CA ILE J 31 4.39 -25.24 11.42
C ILE J 31 4.90 -24.52 12.67
N PRO J 32 4.21 -23.50 13.18
CA PRO J 32 4.71 -22.79 14.37
C PRO J 32 4.89 -23.68 15.57
N TYR J 33 4.07 -24.73 15.71
CA TYR J 33 4.21 -25.63 16.85
C TYR J 33 5.54 -26.37 16.79
N PHE J 34 5.93 -26.86 15.62
CA PHE J 34 7.19 -27.56 15.43
C PHE J 34 8.31 -26.65 14.96
N GLY J 35 8.02 -25.38 14.70
CA GLY J 35 9.01 -24.45 14.19
C GLY J 35 10.03 -24.06 15.24
N PRO J 36 11.07 -23.35 14.81
CA PRO J 36 12.10 -22.91 15.77
C PRO J 36 11.58 -21.80 16.67
N ALA J 37 12.36 -21.52 17.71
CA ALA J 37 12.05 -20.44 18.63
C ALA J 37 12.41 -19.09 17.99
N ALA J 38 12.23 -18.03 18.76
CA ALA J 38 12.52 -16.69 18.27
C ALA J 38 14.01 -16.47 18.00
N GLU J 39 14.88 -17.32 18.55
CA GLU J 39 16.32 -17.15 18.38
C GLU J 39 16.84 -17.83 17.12
N GLY J 40 16.08 -18.74 16.52
CA GLY J 40 16.60 -19.51 15.40
C GLY J 40 15.81 -19.37 14.11
N ILE J 41 15.07 -18.25 13.95
CA ILE J 41 14.32 -18.02 12.72
C ILE J 41 15.10 -17.18 11.71
N TYR J 42 16.32 -16.78 12.04
CA TYR J 42 17.13 -15.92 11.19
C TYR J 42 18.13 -16.75 10.40
N ILE J 43 18.51 -16.24 9.23
CA ILE J 43 19.61 -16.80 8.48
C ILE J 43 20.70 -15.74 8.40
N GLU J 44 21.94 -16.20 8.39
CA GLU J 44 23.11 -15.34 8.45
C GLU J 44 23.90 -15.41 7.15
N GLY J 45 24.82 -14.47 7.01
CA GLY J 45 25.72 -14.45 5.87
C GLY J 45 26.80 -13.41 6.06
N LEU J 46 27.89 -13.59 5.32
CA LEU J 46 29.04 -12.68 5.38
C LEU J 46 29.23 -12.04 4.02
N MET J 47 29.18 -10.71 3.97
CA MET J 47 29.41 -9.96 2.73
C MET J 47 30.56 -9.00 2.96
N HIS J 48 31.63 -9.18 2.18
CA HIS J 48 32.83 -8.37 2.31
C HIS J 48 32.65 -7.04 1.59
N ASN J 49 33.52 -6.09 1.91
CA ASN J 49 33.52 -4.79 1.25
C ASN J 49 34.00 -4.94 -0.18
N GLN J 50 33.09 -4.81 -1.13
CA GLN J 50 33.39 -4.92 -2.56
C GLN J 50 33.11 -3.57 -3.21
N ASP J 51 34.14 -3.05 -3.90
CA ASP J 51 34.03 -1.77 -4.63
C ASP J 51 33.57 -0.64 -3.72
N GLY J 52 33.92 -0.71 -2.43
CA GLY J 52 33.53 0.31 -1.49
C GLY J 52 32.05 0.38 -1.21
N LEU J 53 31.34 -0.74 -1.36
CA LEU J 53 29.89 -0.73 -1.14
C LEU J 53 29.57 -0.59 0.34
N ILE J 54 30.08 -1.51 1.17
CA ILE J 54 29.66 -1.62 2.58
C ILE J 54 29.76 -0.25 3.26
N CYS J 55 30.97 0.31 3.30
CA CYS J 55 31.17 1.62 3.90
C CYS J 55 30.17 2.63 3.36
N GLY J 56 30.08 2.72 2.03
CA GLY J 56 29.11 3.63 1.43
C GLY J 56 27.72 3.40 1.95
N LEU J 57 27.29 2.13 2.00
CA LEU J 57 26.00 1.78 2.56
C LEU J 57 25.80 2.42 3.93
N ARG J 58 26.78 2.24 4.82
CA ARG J 58 26.71 2.84 6.14
C ARG J 58 26.46 4.34 6.03
N GLN J 59 27.26 5.03 5.21
CA GLN J 59 27.08 6.45 5.00
C GLN J 59 25.64 6.75 4.61
N LEU J 60 25.12 5.99 3.63
CA LEU J 60 23.73 6.15 3.22
C LEU J 60 22.80 6.13 4.42
N ALA J 61 22.92 5.09 5.26
CA ALA J 61 22.08 5.00 6.45
C ALA J 61 22.13 6.29 7.25
N ASN J 62 23.36 6.76 7.53
CA ASN J 62 23.53 8.03 8.22
C ASN J 62 22.73 9.12 7.54
N GLU J 63 23.00 9.34 6.25
CA GLU J 63 22.33 10.41 5.52
C GLU J 63 20.83 10.18 5.42
N THR J 64 20.37 8.94 5.60
CA THR J 64 18.94 8.69 5.59
C THR J 64 18.29 9.12 6.89
N THR J 65 19.00 8.92 8.01
CA THR J 65 18.42 8.98 9.35
C THR J 65 17.52 10.21 9.52
N GLN J 66 18.10 11.40 9.36
CA GLN J 66 17.37 12.65 9.48
C GLN J 66 16.02 12.58 8.80
N ALA J 67 16.02 12.34 7.48
CA ALA J 67 14.77 12.27 6.74
C ALA J 67 13.80 11.29 7.37
N LEU J 68 14.27 10.07 7.65
CA LEU J 68 13.42 9.07 8.28
C LEU J 68 12.80 9.60 9.56
N GLN J 69 13.63 10.24 10.41
CA GLN J 69 13.11 10.80 11.66
C GLN J 69 11.96 11.74 11.39
N LEU J 70 12.12 12.64 10.41
CA LEU J 70 11.06 13.58 10.08
C LEU J 70 9.77 12.84 9.75
N PHE J 71 9.87 11.77 8.97
CA PHE J 71 8.68 10.98 8.65
C PHE J 71 8.02 10.48 9.93
N LEU J 72 8.81 9.92 10.84
CA LEU J 72 8.26 9.42 12.09
C LEU J 72 7.65 10.53 12.93
N ARG J 73 8.09 11.78 12.73
CA ARG J 73 7.45 12.89 13.43
C ARG J 73 6.10 13.21 12.81
N ALA J 74 5.98 13.08 11.48
CA ALA J 74 4.74 13.47 10.82
C ALA J 74 3.65 12.44 11.05
N THR J 75 3.97 11.16 10.90
CA THR J 75 2.98 10.11 11.05
C THR J 75 2.63 9.93 12.53
N THR J 76 1.44 9.38 12.78
CA THR J 76 1.02 9.02 14.12
C THR J 76 0.97 7.52 14.35
N GLU J 77 1.38 6.71 13.36
CA GLU J 77 1.48 5.28 13.57
C GLU J 77 2.50 4.99 14.66
N LEU J 78 2.09 4.20 15.65
CA LEU J 78 3.04 3.74 16.67
C LEU J 78 4.12 2.87 16.04
N ARG J 79 3.74 2.07 15.04
CA ARG J 79 4.68 1.25 14.28
C ARG J 79 4.37 1.41 12.81
N THR J 80 5.37 1.75 12.01
CA THR J 80 5.22 2.02 10.59
C THR J 80 5.86 0.90 9.80
N PHE J 81 5.04 0.11 9.11
CA PHE J 81 5.51 -0.98 8.28
C PHE J 81 5.40 -0.71 6.78
N SER J 82 4.62 0.29 6.38
CA SER J 82 4.31 0.54 4.98
C SER J 82 5.32 1.46 4.30
N ILE J 83 6.59 1.43 4.70
CA ILE J 83 7.57 2.31 4.09
C ILE J 83 8.04 1.77 2.75
N LEU J 84 8.48 0.51 2.71
CA LEU J 84 8.96 -0.08 1.47
C LEU J 84 7.85 -0.13 0.42
N ASN J 85 6.63 -0.51 0.82
CA ASN J 85 5.51 -0.54 -0.10
C ASN J 85 5.23 0.85 -0.67
N ARG J 86 5.32 1.88 0.17
CA ARG J 86 5.13 3.25 -0.31
C ARG J 86 6.23 3.63 -1.30
N LYS J 87 7.46 3.21 -1.03
CA LYS J 87 8.54 3.48 -1.98
C LYS J 87 8.28 2.79 -3.32
N ALA J 88 7.73 1.57 -3.30
CA ALA J 88 7.36 0.91 -4.54
C ALA J 88 6.25 1.65 -5.26
N ILE J 89 5.25 2.12 -4.52
CA ILE J 89 4.14 2.87 -5.13
C ILE J 89 4.67 4.13 -5.80
N ASP J 90 5.55 4.86 -5.12
CA ASP J 90 6.17 6.04 -5.73
C ASP J 90 7.01 5.67 -6.94
N PHE J 91 7.66 4.50 -6.89
CA PHE J 91 8.43 4.02 -8.04
C PHE J 91 7.52 3.82 -9.25
N LEU J 92 6.32 3.26 -9.05
CA LEU J 92 5.41 3.05 -10.16
C LEU J 92 4.79 4.36 -10.63
N LEU J 93 4.42 5.24 -9.70
CA LEU J 93 3.83 6.52 -10.07
C LEU J 93 4.81 7.42 -10.82
N GLN J 94 6.12 7.27 -10.52
CA GLN J 94 7.11 8.11 -11.18
C GLN J 94 7.19 7.82 -12.68
N ARG J 95 6.96 6.57 -13.08
CA ARG J 95 7.03 6.18 -14.49
C ARG J 95 5.68 6.17 -15.19
N TRP J 96 4.63 5.71 -14.51
CA TRP J 96 3.35 5.48 -15.16
C TRP J 96 2.23 6.28 -14.51
N GLY J 97 2.58 7.34 -13.76
CA GLY J 97 1.55 8.15 -13.14
C GLY J 97 0.75 8.95 -14.15
N GLY J 98 1.40 9.43 -15.20
CA GLY J 98 0.75 10.16 -16.26
C GLY J 98 0.85 9.43 -17.59
N THR J 99 0.35 10.11 -18.62
CA THR J 99 0.39 9.56 -19.97
C THR J 99 1.82 9.44 -20.47
N CYS J 100 2.15 8.27 -21.03
CA CYS J 100 3.52 7.90 -21.42
C CYS J 100 3.69 8.18 -22.90
N HIS J 101 4.39 9.27 -23.23
CA HIS J 101 4.63 9.65 -24.62
C HIS J 101 5.71 8.75 -25.20
N ILE J 102 5.45 8.22 -26.40
CA ILE J 102 6.31 7.20 -27.00
C ILE J 102 7.74 7.71 -27.11
N LEU J 103 8.68 6.96 -26.52
CA LEU J 103 10.10 7.29 -26.51
C LEU J 103 10.37 8.67 -25.90
N GLY J 104 9.57 9.06 -24.93
CA GLY J 104 9.75 10.30 -24.22
C GLY J 104 10.77 10.17 -23.11
N PRO J 105 11.23 11.33 -22.60
CA PRO J 105 12.21 11.28 -21.51
C PRO J 105 11.63 10.77 -20.21
N ASP J 106 10.37 11.06 -19.93
CA ASP J 106 9.68 10.56 -18.74
C ASP J 106 8.89 9.29 -19.03
N CYS J 107 9.17 8.64 -20.15
CA CYS J 107 8.47 7.43 -20.56
C CYS J 107 9.48 6.31 -20.82
N CYS J 108 9.29 5.17 -20.17
CA CYS J 108 10.18 4.02 -20.27
C CYS J 108 9.58 3.01 -21.24
N ILE J 109 9.99 3.10 -22.51
CA ILE J 109 9.52 2.18 -23.53
C ILE J 109 10.70 1.71 -24.39
N SER K 1 -17.68 3.08 -3.70
CA SER K 1 -16.27 3.40 -3.61
C SER K 1 -16.07 4.76 -2.96
N ILE K 2 -15.00 4.87 -2.16
CA ILE K 2 -14.76 6.12 -1.42
C ILE K 2 -14.49 7.25 -2.41
N PRO K 3 -15.21 8.38 -2.33
CA PRO K 3 -14.99 9.46 -3.30
C PRO K 3 -13.59 10.05 -3.18
N LEU K 4 -12.95 10.21 -4.34
CA LEU K 4 -11.61 10.78 -4.42
C LEU K 4 -11.69 12.17 -5.03
N GLY K 5 -11.09 13.15 -4.35
CA GLY K 5 -11.12 14.52 -4.82
C GLY K 5 -10.17 14.74 -5.98
N VAL K 6 -10.69 15.28 -7.08
CA VAL K 6 -9.91 15.61 -8.26
C VAL K 6 -9.76 17.12 -8.31
N ILE K 7 -8.51 17.58 -8.15
CA ILE K 7 -8.18 19.00 -8.11
C ILE K 7 -7.57 19.40 -9.44
N HIS K 8 -8.07 20.48 -10.03
CA HIS K 8 -7.46 21.13 -11.17
C HIS K 8 -7.28 22.60 -10.84
N ASN K 9 -6.78 23.37 -11.80
CA ASN K 9 -6.65 24.80 -11.61
C ASN K 9 -8.03 25.43 -11.44
N SER K 10 -8.40 25.69 -10.18
CA SER K 10 -9.69 26.26 -9.80
C SER K 10 -10.85 25.34 -10.18
N THR K 11 -10.65 24.03 -10.04
CA THR K 11 -11.72 23.06 -10.29
C THR K 11 -11.63 21.92 -9.30
N LEU K 12 -12.79 21.48 -8.81
CA LEU K 12 -12.88 20.30 -7.96
C LEU K 12 -13.98 19.39 -8.47
N GLN K 13 -13.67 18.12 -8.68
CA GLN K 13 -14.68 17.16 -9.13
C GLN K 13 -14.50 15.86 -8.37
N VAL K 14 -15.57 15.07 -8.32
CA VAL K 14 -15.44 13.69 -7.82
C VAL K 14 -14.79 12.85 -8.91
N SER K 15 -13.80 12.05 -8.54
CA SER K 15 -13.17 11.19 -9.54
C SER K 15 -14.16 10.09 -9.94
N ASP K 16 -14.36 9.91 -11.25
CA ASP K 16 -15.27 8.89 -11.73
C ASP K 16 -14.52 7.57 -11.85
N VAL K 17 -14.94 6.55 -11.09
CA VAL K 17 -14.18 5.31 -11.09
C VAL K 17 -14.43 4.55 -12.39
N ASP K 18 -15.60 4.73 -12.99
CA ASP K 18 -15.89 4.14 -14.30
C ASP K 18 -15.03 4.78 -15.39
N LYS K 19 -14.94 6.11 -15.39
CA LYS K 19 -14.17 6.81 -16.40
C LYS K 19 -12.68 6.70 -16.11
N LEU K 20 -11.88 6.96 -17.14
CA LEU K 20 -10.43 7.08 -17.01
C LEU K 20 -9.97 8.33 -17.76
N VAL K 21 -9.45 9.30 -17.02
CA VAL K 21 -8.92 10.53 -17.62
C VAL K 21 -7.40 10.40 -17.65
N CYS K 22 -6.85 10.16 -18.85
CA CYS K 22 -5.41 10.02 -19.02
C CYS K 22 -4.64 11.32 -18.79
N ARG K 23 -5.29 12.47 -18.84
CA ARG K 23 -4.58 13.71 -18.58
C ARG K 23 -4.34 13.96 -17.09
N ASP K 24 -5.14 13.35 -16.22
CA ASP K 24 -4.83 13.36 -14.79
C ASP K 24 -3.48 12.69 -14.54
N LYS K 25 -2.64 13.35 -13.74
CA LYS K 25 -1.28 12.89 -13.46
C LYS K 25 -1.09 12.78 -11.96
N LEU K 26 -0.73 11.59 -11.49
CA LEU K 26 -0.35 11.34 -10.10
C LEU K 26 1.08 10.80 -10.10
N SER K 27 2.05 11.70 -9.93
CA SER K 27 3.46 11.31 -10.00
C SER K 27 4.09 11.02 -8.64
N SER K 28 3.34 11.15 -7.55
CA SER K 28 3.90 10.88 -6.23
C SER K 28 2.79 10.79 -5.20
N THR K 29 3.04 10.00 -4.15
CA THR K 29 2.15 9.94 -3.00
C THR K 29 2.08 11.24 -2.21
N ASN K 30 3.03 12.15 -2.40
CA ASN K 30 2.92 13.48 -1.80
C ASN K 30 1.72 14.24 -2.35
N GLN K 31 1.29 13.94 -3.57
CA GLN K 31 0.10 14.55 -4.14
C GLN K 31 -1.19 14.07 -3.50
N LEU K 32 -1.16 12.97 -2.73
CA LEU K 32 -2.34 12.48 -2.04
C LEU K 32 -2.42 13.06 -0.63
N ARG K 33 -3.58 13.61 -0.29
CA ARG K 33 -3.82 14.24 1.00
C ARG K 33 -5.18 13.81 1.55
N SER K 34 -5.23 13.55 2.85
CA SER K 34 -6.48 13.37 3.58
C SER K 34 -6.67 14.59 4.47
N VAL K 35 -7.88 15.12 4.52
CA VAL K 35 -8.14 16.37 5.21
C VAL K 35 -9.38 16.26 6.08
N GLY K 36 -9.27 16.75 7.31
CA GLY K 36 -10.38 16.83 8.24
C GLY K 36 -10.98 18.23 8.21
N LEU K 37 -12.29 18.28 8.04
CA LEU K 37 -13.03 19.54 8.02
C LEU K 37 -14.03 19.57 9.16
N ASN K 38 -14.13 20.73 9.82
CA ASN K 38 -14.90 20.87 11.04
C ASN K 38 -16.35 21.19 10.71
N LEU K 39 -17.27 20.50 11.41
CA LEU K 39 -18.69 20.78 11.25
C LEU K 39 -19.00 22.25 11.51
N GLU K 40 -18.27 22.88 12.43
CA GLU K 40 -18.25 24.34 12.56
C GLU K 40 -18.34 25.04 11.21
N GLY K 41 -17.49 24.64 10.27
CA GLY K 41 -17.45 25.29 8.97
C GLY K 41 -18.70 25.10 8.12
N ASN K 42 -19.59 24.20 8.51
CA ASN K 42 -20.88 24.05 7.83
C ASN K 42 -22.03 24.75 8.55
N GLY K 43 -21.75 25.46 9.63
CA GLY K 43 -22.79 26.26 10.27
C GLY K 43 -23.56 25.54 11.35
N VAL K 44 -23.07 24.42 11.86
CA VAL K 44 -23.78 23.68 12.89
C VAL K 44 -23.71 24.43 14.22
N ALA K 45 -24.77 24.28 15.02
CA ALA K 45 -24.84 24.87 16.34
C ALA K 45 -23.74 24.31 17.24
N THR K 46 -23.00 25.21 17.88
CA THR K 46 -21.84 24.83 18.69
C THR K 46 -22.10 24.93 20.19
N ASP K 47 -23.21 25.54 20.61
CA ASP K 47 -23.60 25.51 22.00
C ASP K 47 -23.68 24.08 22.52
N VAL K 48 -23.31 23.91 23.79
CA VAL K 48 -23.23 22.61 24.45
C VAL K 48 -24.53 21.80 24.38
N PRO K 49 -25.72 22.39 24.61
CA PRO K 49 -26.94 21.57 24.50
C PRO K 49 -27.20 20.96 23.12
N SER K 50 -26.96 21.72 22.04
CA SER K 50 -27.17 21.15 20.71
C SER K 50 -26.11 20.10 20.40
N ALA K 51 -24.85 20.38 20.72
CA ALA K 51 -23.79 19.43 20.42
C ALA K 51 -24.06 18.13 21.15
N THR K 52 -24.39 18.21 22.44
CA THR K 52 -24.60 16.98 23.18
C THR K 52 -25.86 16.27 22.71
N LYS K 53 -26.82 17.03 22.16
CA LYS K 53 -27.98 16.38 21.56
C LYS K 53 -27.63 15.65 20.26
N ARG K 54 -26.50 16.00 19.63
CA ARG K 54 -26.05 15.25 18.46
C ARG K 54 -25.35 13.94 18.79
N TRP K 55 -25.03 13.66 20.05
CA TRP K 55 -24.34 12.45 20.45
C TRP K 55 -25.24 11.54 21.27
N GLY K 56 -24.99 10.23 21.18
CA GLY K 56 -25.83 9.25 21.85
C GLY K 56 -25.07 7.97 22.09
N PHE K 57 -25.48 7.24 23.12
CA PHE K 57 -24.82 6.00 23.52
C PHE K 57 -25.42 4.76 22.86
N ARG K 58 -24.54 3.81 22.55
CA ARG K 58 -24.90 2.59 21.85
C ARG K 58 -23.87 1.52 22.17
N SER K 59 -24.35 0.28 22.35
CA SER K 59 -23.53 -0.89 22.53
C SER K 59 -23.59 -1.78 21.29
N GLY K 60 -22.64 -2.71 21.20
CA GLY K 60 -22.63 -3.67 20.12
C GLY K 60 -21.87 -3.27 18.87
N VAL K 61 -21.45 -2.02 18.75
CA VAL K 61 -20.76 -1.54 17.55
C VAL K 61 -19.30 -1.27 17.94
N PRO K 62 -18.36 -2.06 17.45
CA PRO K 62 -16.94 -1.81 17.76
C PRO K 62 -16.50 -0.48 17.19
N PRO K 63 -15.71 0.28 17.94
CA PRO K 63 -15.21 1.56 17.43
C PRO K 63 -14.22 1.33 16.28
N LYS K 64 -14.06 2.38 15.48
CA LYS K 64 -13.19 2.33 14.32
C LYS K 64 -12.48 3.67 14.20
N VAL K 65 -11.22 3.63 13.77
CA VAL K 65 -10.37 4.80 13.69
C VAL K 65 -9.73 4.87 12.31
N VAL K 66 -9.66 6.06 11.74
CA VAL K 66 -9.04 6.29 10.45
C VAL K 66 -8.20 7.55 10.56
N ASN K 67 -7.01 7.54 9.97
CA ASN K 67 -6.12 8.68 10.09
C ASN K 67 -6.47 9.75 9.06
N TYR K 68 -6.01 10.96 9.36
CA TYR K 68 -6.07 12.09 8.43
C TYR K 68 -4.84 12.96 8.65
N GLU K 69 -4.36 13.55 7.56
CA GLU K 69 -3.04 14.17 7.57
C GLU K 69 -3.09 15.65 7.91
N ALA K 70 -4.20 16.33 7.64
CA ALA K 70 -4.31 17.77 7.82
C ALA K 70 -5.71 18.10 8.30
N GLY K 71 -5.82 19.16 9.11
CA GLY K 71 -7.10 19.54 9.69
C GLY K 71 -7.27 21.04 9.71
N GLU K 72 -8.40 21.46 10.28
CA GLU K 72 -8.81 22.86 10.33
C GLU K 72 -8.76 23.38 11.76
N TRP K 73 -8.32 24.62 11.93
CA TRP K 73 -8.34 25.25 13.25
C TRP K 73 -9.79 25.42 13.70
N ALA K 74 -10.08 24.98 14.92
CA ALA K 74 -11.44 25.06 15.44
C ALA K 74 -11.55 26.25 16.37
N GLU K 75 -12.70 26.94 16.30
CA GLU K 75 -13.07 27.88 17.34
C GLU K 75 -13.53 27.17 18.61
N ASN K 76 -14.30 26.09 18.46
CA ASN K 76 -14.96 25.41 19.57
C ASN K 76 -14.56 23.95 19.55
N CYS K 77 -14.00 23.47 20.67
CA CYS K 77 -13.75 22.05 20.90
C CYS K 77 -14.38 21.65 22.23
N TYR K 78 -14.49 20.34 22.43
CA TYR K 78 -15.17 19.79 23.60
C TYR K 78 -14.32 18.70 24.25
N ASN K 79 -14.49 18.55 25.56
CA ASN K 79 -13.71 17.62 26.37
C ASN K 79 -14.60 17.13 27.49
N LEU K 80 -14.92 15.84 27.50
CA LEU K 80 -15.97 15.29 28.34
C LEU K 80 -15.38 14.37 29.41
N GLU K 81 -15.80 14.59 30.66
CA GLU K 81 -15.51 13.75 31.81
C GLU K 81 -16.85 13.37 32.43
N ILE K 82 -17.52 12.38 31.86
CA ILE K 82 -18.85 11.97 32.27
C ILE K 82 -18.77 10.65 33.03
N LYS K 83 -19.43 10.60 34.18
CA LYS K 83 -19.55 9.39 34.98
C LYS K 83 -21.03 9.01 35.10
N LYS K 84 -21.28 7.75 35.46
CA LYS K 84 -22.61 7.35 35.86
C LYS K 84 -22.88 7.79 37.30
N PRO K 85 -24.16 7.86 37.70
CA PRO K 85 -24.47 8.19 39.10
C PRO K 85 -23.76 7.32 40.13
N ASP K 86 -23.44 6.08 39.80
CA ASP K 86 -22.66 5.22 40.67
C ASP K 86 -21.16 5.53 40.66
N GLY K 87 -20.73 6.58 39.96
CA GLY K 87 -19.33 6.98 39.97
C GLY K 87 -18.46 6.30 38.93
N SER K 88 -18.98 5.29 38.23
CA SER K 88 -18.18 4.59 37.23
C SER K 88 -18.10 5.40 35.94
N GLU K 89 -17.02 5.18 35.20
CA GLU K 89 -16.75 5.99 34.02
C GLU K 89 -17.68 5.59 32.87
N CYS K 90 -18.22 6.60 32.19
CA CYS K 90 -19.05 6.38 31.02
C CYS K 90 -18.23 6.22 29.75
N LEU K 91 -17.06 6.85 29.69
CA LEU K 91 -16.26 6.86 28.48
C LEU K 91 -14.91 6.17 28.72
N PRO K 92 -14.40 5.46 27.73
CA PRO K 92 -13.10 4.78 27.92
C PRO K 92 -11.95 5.77 27.82
N ALA K 93 -10.84 5.39 28.45
CA ALA K 93 -9.62 6.19 28.35
C ALA K 93 -9.12 6.23 26.92
N ALA K 94 -8.48 7.34 26.56
CA ALA K 94 -7.88 7.50 25.24
C ALA K 94 -6.89 6.38 24.97
N PRO K 95 -7.03 5.64 23.87
CA PRO K 95 -5.99 4.70 23.46
C PRO K 95 -4.63 5.38 23.30
N ASP K 96 -3.59 4.55 23.36
CA ASP K 96 -2.21 5.01 23.15
C ASP K 96 -2.08 5.78 21.84
N GLY K 97 -1.53 6.99 21.93
CA GLY K 97 -1.29 7.79 20.74
C GLY K 97 -2.48 8.57 20.22
N ILE K 98 -3.57 8.65 20.97
CA ILE K 98 -4.70 9.50 20.64
C ILE K 98 -4.64 10.70 21.58
N ARG K 99 -4.16 11.82 21.05
CA ARG K 99 -4.05 13.09 21.76
C ARG K 99 -5.16 14.04 21.34
N GLY K 100 -5.30 15.14 22.09
CA GLY K 100 -6.36 16.09 21.82
C GLY K 100 -6.18 16.82 20.50
N PHE K 101 -7.30 17.37 20.02
CA PHE K 101 -7.28 18.17 18.81
C PHE K 101 -6.31 19.35 18.98
N PRO K 102 -5.39 19.55 18.04
CA PRO K 102 -4.24 20.44 18.32
C PRO K 102 -4.54 21.94 18.27
N ARG K 103 -5.66 22.39 17.70
CA ARG K 103 -5.90 23.83 17.57
C ARG K 103 -7.35 24.16 17.93
N CYS K 104 -7.55 24.59 19.17
CA CYS K 104 -8.87 24.98 19.67
C CYS K 104 -8.78 26.36 20.31
N ARG K 105 -9.63 27.28 19.87
CA ARG K 105 -9.70 28.59 20.51
C ARG K 105 -10.43 28.51 21.85
N TYR K 106 -11.57 27.82 21.89
CA TYR K 106 -12.34 27.60 23.10
C TYR K 106 -12.53 26.10 23.31
N VAL K 107 -12.15 25.61 24.49
CA VAL K 107 -12.41 24.23 24.89
C VAL K 107 -13.57 24.21 25.86
N HIS K 108 -14.70 23.65 25.43
CA HIS K 108 -15.91 23.53 26.25
C HIS K 108 -15.81 22.23 27.05
N LYS K 109 -15.44 22.35 28.32
CA LYS K 109 -15.22 21.20 29.20
C LYS K 109 -16.48 20.95 30.03
N VAL K 110 -17.17 19.85 29.76
CA VAL K 110 -18.45 19.53 30.40
C VAL K 110 -18.22 18.40 31.39
N SER K 111 -18.63 18.63 32.63
CA SER K 111 -18.64 17.64 33.70
C SER K 111 -20.04 17.39 34.22
N GLY K 112 -20.29 16.15 34.66
CA GLY K 112 -21.60 15.82 35.22
C GLY K 112 -21.87 14.33 35.14
N THR K 113 -23.16 14.00 35.14
CA THR K 113 -23.64 12.63 35.26
C THR K 113 -24.71 12.33 34.22
N GLY K 114 -24.81 11.06 33.84
CA GLY K 114 -25.87 10.60 32.99
C GLY K 114 -26.08 9.10 33.09
N PRO K 115 -27.16 8.60 32.47
CA PRO K 115 -27.37 7.14 32.46
C PRO K 115 -26.41 6.36 31.58
N CYS K 116 -25.87 6.97 30.54
CA CYS K 116 -24.84 6.35 29.70
C CYS K 116 -25.21 4.93 29.29
N ALA K 117 -26.36 4.83 28.62
CA ALA K 117 -26.98 3.54 28.32
C ALA K 117 -26.36 2.93 27.06
N GLY K 118 -25.09 2.54 27.18
CA GLY K 118 -24.37 2.00 26.05
C GLY K 118 -22.86 1.97 26.24
N ASP K 119 -22.20 1.02 25.56
CA ASP K 119 -20.77 0.84 25.78
C ASP K 119 -19.93 1.94 25.16
N PHE K 120 -20.39 2.53 24.05
CA PHE K 120 -19.65 3.61 23.41
C PHE K 120 -20.60 4.72 23.00
N ALA K 121 -20.06 5.94 22.93
CA ALA K 121 -20.83 7.10 22.51
C ALA K 121 -20.52 7.42 21.06
N PHE K 122 -21.55 7.41 20.21
CA PHE K 122 -21.41 7.66 18.78
C PHE K 122 -22.11 8.96 18.39
N HIS K 123 -21.78 9.40 17.18
CA HIS K 123 -22.41 10.57 16.56
C HIS K 123 -23.69 10.15 15.84
N LYS K 124 -24.81 10.77 16.19
CA LYS K 124 -26.09 10.37 15.61
C LYS K 124 -26.22 10.72 14.13
N GLU K 125 -25.45 11.68 13.62
CA GLU K 125 -25.47 12.01 12.21
C GLU K 125 -24.38 11.31 11.40
N GLY K 126 -23.63 10.40 12.01
CA GLY K 126 -22.62 9.68 11.26
C GLY K 126 -21.34 10.44 11.03
N ALA K 127 -21.17 11.61 11.65
CA ALA K 127 -19.93 12.35 11.53
C ALA K 127 -18.84 11.68 12.37
N PHE K 128 -17.64 12.24 12.30
CA PHE K 128 -16.51 11.70 13.04
C PHE K 128 -16.14 12.65 14.18
N PHE K 129 -15.42 12.09 15.15
CA PHE K 129 -14.76 12.87 16.19
C PHE K 129 -13.29 13.00 15.82
N LEU K 130 -12.83 14.23 15.59
CA LEU K 130 -11.48 14.47 15.12
C LEU K 130 -10.55 14.73 16.30
N TYR K 131 -9.48 13.95 16.40
CA TYR K 131 -8.48 14.10 17.43
C TYR K 131 -7.16 14.52 16.80
N ASP K 132 -6.06 14.29 17.52
CA ASP K 132 -4.73 14.61 17.03
C ASP K 132 -4.33 13.62 15.94
N ARG K 133 -4.65 13.92 14.68
CA ARG K 133 -4.27 13.10 13.54
C ARG K 133 -4.89 11.70 13.58
N LEU K 134 -5.98 11.54 14.34
CA LEU K 134 -6.78 10.33 14.39
C LEU K 134 -8.24 10.69 14.44
N ALA K 135 -9.05 10.12 13.54
CA ALA K 135 -10.49 10.36 13.56
C ALA K 135 -11.15 9.09 14.07
N SER K 136 -12.06 9.24 15.03
CA SER K 136 -12.76 8.11 15.62
C SER K 136 -14.26 8.23 15.46
N THR K 137 -14.92 7.07 15.42
CA THR K 137 -16.38 7.01 15.48
C THR K 137 -16.94 7.24 16.88
N VAL K 138 -16.10 7.19 17.92
CA VAL K 138 -16.58 7.28 19.30
C VAL K 138 -15.81 8.34 20.09
N ILE K 139 -16.41 8.74 21.20
CA ILE K 139 -15.84 9.73 22.12
C ILE K 139 -15.01 9.00 23.17
N TYR K 140 -13.78 9.46 23.37
CA TYR K 140 -12.93 8.99 24.45
C TYR K 140 -12.96 9.95 25.63
N ARG K 141 -12.72 9.40 26.82
CA ARG K 141 -12.80 10.17 28.06
C ARG K 141 -11.70 11.22 28.14
N GLY K 142 -12.08 12.41 28.58
CA GLY K 142 -11.11 13.43 28.95
C GLY K 142 -10.20 13.88 27.82
N THR K 143 -10.66 13.75 26.58
CA THR K 143 -9.80 13.96 25.41
C THR K 143 -10.49 14.94 24.47
N THR K 144 -9.83 16.08 24.23
CA THR K 144 -10.45 17.16 23.48
C THR K 144 -10.62 16.73 22.02
N PHE K 145 -11.83 16.92 21.48
CA PHE K 145 -12.11 16.59 20.09
C PHE K 145 -12.89 17.71 19.41
N ALA K 146 -12.83 17.70 18.08
CA ALA K 146 -13.68 18.51 17.23
C ALA K 146 -14.59 17.61 16.40
N GLU K 147 -15.80 18.08 16.13
CA GLU K 147 -16.70 17.38 15.23
C GLU K 147 -16.34 17.69 13.78
N GLY K 148 -16.25 16.67 12.95
CA GLY K 148 -15.85 16.90 11.57
C GLY K 148 -16.09 15.69 10.70
N VAL K 149 -15.65 15.83 9.44
CA VAL K 149 -15.79 14.83 8.40
C VAL K 149 -14.52 14.86 7.57
N VAL K 150 -14.26 13.78 6.84
CA VAL K 150 -12.98 13.61 6.15
C VAL K 150 -13.19 13.62 4.64
N ALA K 151 -12.30 14.31 3.94
CA ALA K 151 -12.22 14.34 2.49
C ALA K 151 -10.86 13.82 2.05
N PHE K 152 -10.79 13.30 0.83
CA PHE K 152 -9.54 12.86 0.22
C PHE K 152 -9.33 13.58 -1.09
N LEU K 153 -8.11 14.08 -1.30
CA LEU K 153 -7.77 14.93 -2.44
C LEU K 153 -6.47 14.44 -3.07
N ILE K 154 -6.38 14.55 -4.39
CA ILE K 154 -5.11 14.60 -5.10
C ILE K 154 -4.74 16.06 -5.36
N LEU K 155 -3.64 16.52 -4.76
CA LEU K 155 -3.12 17.85 -5.04
C LEU K 155 -2.28 17.84 -6.32
N PRO K 156 -2.34 18.90 -7.12
CA PRO K 156 -1.40 19.05 -8.24
C PRO K 156 0.00 19.43 -7.78
N ILE L 3 -19.82 19.75 -8.24
CA ILE L 3 -20.07 19.67 -6.80
C ILE L 3 -20.65 20.98 -6.30
N VAL L 4 -21.93 20.93 -5.90
CA VAL L 4 -22.65 22.10 -5.41
C VAL L 4 -22.85 21.93 -3.90
N ASN L 5 -22.31 22.86 -3.13
CA ASN L 5 -22.44 22.82 -1.68
C ASN L 5 -23.88 23.11 -1.29
N ALA L 6 -24.53 22.16 -0.63
CA ALA L 6 -25.93 22.26 -0.24
C ALA L 6 -26.09 22.32 1.27
N GLN L 7 -25.06 22.81 1.96
CA GLN L 7 -25.09 22.96 3.40
C GLN L 7 -25.77 24.27 3.77
N PRO L 8 -26.29 24.39 5.00
CA PRO L 8 -26.91 25.67 5.39
C PRO L 8 -25.96 26.84 5.29
N LYS L 9 -24.72 26.68 5.76
CA LYS L 9 -23.71 27.72 5.67
C LYS L 9 -22.36 27.07 5.38
N CYS L 10 -21.41 27.90 4.94
CA CYS L 10 -20.08 27.44 4.60
C CYS L 10 -19.05 28.41 5.13
N ASN L 11 -17.94 27.86 5.64
CA ASN L 11 -16.78 28.67 6.02
C ASN L 11 -15.91 28.87 4.78
N PRO L 12 -15.84 30.07 4.21
CA PRO L 12 -15.03 30.25 3.00
C PRO L 12 -13.54 30.19 3.25
N ASN L 13 -13.10 30.36 4.49
CA ASN L 13 -11.68 30.38 4.82
C ASN L 13 -11.27 29.05 5.44
N LEU L 14 -10.12 28.54 5.00
CA LEU L 14 -9.56 27.29 5.51
C LEU L 14 -8.26 27.63 6.22
N HIS L 15 -8.32 27.69 7.55
CA HIS L 15 -7.13 27.85 8.38
C HIS L 15 -6.64 26.46 8.72
N TYR L 16 -5.72 25.95 7.91
CA TYR L 16 -5.29 24.57 7.99
C TYR L 16 -3.99 24.43 8.79
N TRP L 17 -3.89 23.30 9.51
CA TRP L 17 -2.70 22.91 10.23
C TRP L 17 -2.29 21.52 9.77
N THR L 18 -0.98 21.28 9.67
CA THR L 18 -0.49 19.98 9.22
C THR L 18 0.87 19.70 9.84
N THR L 19 1.32 18.46 9.67
CA THR L 19 2.62 18.01 10.15
C THR L 19 3.62 17.85 9.02
N GLN L 20 3.25 18.23 7.80
CA GLN L 20 4.14 18.11 6.66
C GLN L 20 5.39 18.97 6.83
N ASP L 21 6.54 18.39 6.48
CA ASP L 21 7.82 19.07 6.62
C ASP L 21 7.90 20.27 5.68
N GLU L 22 8.62 21.30 6.14
CA GLU L 22 8.81 22.53 5.38
C GLU L 22 10.00 22.43 4.44
N ALA L 25 14.43 21.82 6.64
CA ALA L 25 15.32 21.45 7.74
C ALA L 25 16.04 22.68 8.29
N ILE L 26 15.83 22.95 9.57
CA ILE L 26 16.40 24.12 10.23
C ILE L 26 17.28 23.63 11.37
N GLY L 27 18.59 23.81 11.23
CA GLY L 27 19.55 23.37 12.23
C GLY L 27 19.50 21.88 12.47
N LEU L 28 19.63 21.50 13.75
CA LEU L 28 19.57 20.09 14.15
C LEU L 28 18.34 19.80 14.99
N ALA L 29 17.26 20.56 14.79
CA ALA L 29 16.03 20.38 15.54
C ALA L 29 15.28 19.11 15.17
N TRP L 30 15.74 18.38 14.14
CA TRP L 30 15.07 17.16 13.74
C TRP L 30 15.30 16.01 14.71
N ILE L 31 16.35 16.07 15.52
CA ILE L 31 16.60 15.03 16.51
C ILE L 31 15.48 15.05 17.54
N PRO L 32 14.87 13.89 17.87
CA PRO L 32 13.76 13.91 18.83
C PRO L 32 14.13 14.46 20.20
N TYR L 33 15.38 14.31 20.62
CA TYR L 33 15.79 14.84 21.92
C TYR L 33 15.71 16.36 21.94
N PHE L 34 16.20 17.01 20.88
CA PHE L 34 16.16 18.46 20.78
C PHE L 34 14.93 18.98 20.04
N GLY L 35 14.09 18.09 19.52
CA GLY L 35 12.93 18.49 18.77
C GLY L 35 11.84 19.09 19.62
N PRO L 36 10.82 19.65 18.98
CA PRO L 36 9.70 20.23 19.73
C PRO L 36 8.82 19.14 20.33
N ALA L 37 7.93 19.57 21.23
CA ALA L 37 6.97 18.68 21.84
C ALA L 37 5.84 18.37 20.85
N ALA L 38 4.85 17.60 21.30
CA ALA L 38 3.72 17.24 20.45
C ALA L 38 2.87 18.43 20.07
N GLU L 39 2.98 19.54 20.81
CA GLU L 39 2.17 20.72 20.53
C GLU L 39 2.80 21.66 19.50
N GLY L 40 4.08 21.50 19.20
CA GLY L 40 4.76 22.43 18.32
C GLY L 40 5.32 21.79 17.06
N ILE L 41 4.74 20.66 16.65
CA ILE L 41 5.17 19.99 15.43
C ILE L 41 4.34 20.38 14.22
N TYR L 42 3.38 21.28 14.38
CA TYR L 42 2.47 21.65 13.31
C TYR L 42 2.89 22.94 12.64
N ILE L 43 2.57 23.06 11.35
CA ILE L 43 2.69 24.28 10.59
C ILE L 43 1.30 24.69 10.15
N GLU L 44 1.08 25.99 10.02
CA GLU L 44 -0.24 26.53 9.70
C GLU L 44 -0.22 27.19 8.33
N GLY L 45 -1.42 27.49 7.86
CA GLY L 45 -1.58 28.23 6.62
C GLY L 45 -3.03 28.64 6.46
N LEU L 46 -3.22 29.69 5.65
CA LEU L 46 -4.54 30.24 5.38
C LEU L 46 -4.82 30.14 3.89
N MET L 47 -5.89 29.44 3.54
CA MET L 47 -6.32 29.32 2.15
C MET L 47 -7.74 29.85 2.03
N HIS L 48 -7.90 30.91 1.25
CA HIS L 48 -9.19 31.57 1.09
C HIS L 48 -10.05 30.82 0.08
N ASN L 49 -11.34 31.14 0.10
CA ASN L 49 -12.27 30.57 -0.89
C ASN L 49 -11.95 31.17 -2.25
N GLN L 50 -11.35 30.37 -3.12
CA GLN L 50 -10.98 30.80 -4.46
C GLN L 50 -11.78 29.98 -5.46
N ASP L 51 -12.51 30.67 -6.33
CA ASP L 51 -13.30 30.03 -7.39
C ASP L 51 -14.26 28.99 -6.83
N GLY L 52 -14.74 29.23 -5.61
CA GLY L 52 -15.66 28.31 -4.96
C GLY L 52 -15.08 26.96 -4.59
N LEU L 53 -13.76 26.88 -4.38
CA LEU L 53 -13.14 25.61 -4.04
C LEU L 53 -13.49 25.17 -2.62
N ILE L 54 -13.19 26.01 -1.64
CA ILE L 54 -13.24 25.62 -0.23
C ILE L 54 -14.57 24.98 0.12
N CYS L 55 -15.66 25.74 -0.08
CA CYS L 55 -17.00 25.22 0.21
C CYS L 55 -17.21 23.86 -0.44
N GLY L 56 -16.91 23.76 -1.74
CA GLY L 56 -17.05 22.48 -2.42
C GLY L 56 -16.33 21.36 -1.71
N LEU L 57 -15.07 21.61 -1.31
CA LEU L 57 -14.32 20.62 -0.56
C LEU L 57 -15.12 20.12 0.65
N ARG L 58 -15.66 21.06 1.42
CA ARG L 58 -16.48 20.68 2.57
C ARG L 58 -17.58 19.72 2.15
N GLN L 59 -18.33 20.09 1.11
CA GLN L 59 -19.38 19.22 0.58
C GLN L 59 -18.83 17.83 0.30
N LEU L 60 -17.68 17.77 -0.38
CA LEU L 60 -17.04 16.49 -0.67
C LEU L 60 -16.92 15.65 0.59
N ALA L 61 -16.37 16.24 1.66
CA ALA L 61 -16.23 15.52 2.92
C ALA L 61 -17.55 14.91 3.34
N ASN L 62 -18.61 15.71 3.33
CA ASN L 62 -19.95 15.19 3.63
C ASN L 62 -20.24 13.98 2.77
N GLU L 63 -20.17 14.16 1.44
CA GLU L 63 -20.49 13.06 0.53
C GLU L 63 -19.52 11.90 0.66
N THR L 64 -18.34 12.14 1.23
CA THR L 64 -17.41 11.03 1.45
C THR L 64 -17.84 10.20 2.66
N THR L 65 -18.36 10.88 3.69
CA THR L 65 -18.51 10.27 5.02
C THR L 65 -19.12 8.88 4.94
N GLN L 66 -20.34 8.78 4.40
CA GLN L 66 -21.03 7.51 4.25
C GLN L 66 -20.09 6.42 3.76
N ALA L 67 -19.53 6.62 2.56
CA ALA L 67 -18.63 5.61 1.99
C ALA L 67 -17.55 5.24 2.98
N LEU L 68 -16.85 6.25 3.52
CA LEU L 68 -15.79 5.99 4.49
C LEU L 68 -16.32 5.14 5.64
N GLN L 69 -17.47 5.54 6.20
CA GLN L 69 -18.06 4.77 7.29
C GLN L 69 -18.24 3.32 6.89
N LEU L 70 -18.82 3.08 5.70
CA LEU L 70 -19.01 1.72 5.23
C LEU L 70 -17.70 0.97 5.21
N PHE L 71 -16.64 1.61 4.69
CA PHE L 71 -15.33 0.97 4.69
C PHE L 71 -14.92 0.59 6.11
N LEU L 72 -15.07 1.54 7.04
CA LEU L 72 -14.70 1.26 8.42
C LEU L 72 -15.56 0.16 9.03
N ARG L 73 -16.77 -0.06 8.50
CA ARG L 73 -17.58 -1.18 8.98
C ARG L 73 -17.03 -2.51 8.47
N ALA L 74 -16.53 -2.53 7.24
CA ALA L 74 -16.10 -3.79 6.65
C ALA L 74 -14.78 -4.27 7.26
N THR L 75 -13.81 -3.37 7.39
CA THR L 75 -12.51 -3.75 7.93
C THR L 75 -12.59 -4.00 9.43
N THR L 76 -11.63 -4.78 9.92
CA THR L 76 -11.47 -5.02 11.34
C THR L 76 -10.24 -4.31 11.90
N GLU L 77 -9.54 -3.52 11.09
CA GLU L 77 -8.44 -2.72 11.57
C GLU L 77 -8.92 -1.72 12.62
N LEU L 78 -8.26 -1.72 13.78
CA LEU L 78 -8.56 -0.70 14.77
C LEU L 78 -8.20 0.69 14.27
N ARG L 79 -7.12 0.80 13.50
CA ARG L 79 -6.70 2.05 12.89
C ARG L 79 -6.32 1.77 11.43
N THR L 80 -6.89 2.53 10.51
CA THR L 80 -6.70 2.32 9.08
C THR L 80 -5.85 3.45 8.53
N PHE L 81 -4.61 3.12 8.13
CA PHE L 81 -3.70 4.09 7.54
C PHE L 81 -3.48 3.87 6.05
N SER L 82 -3.83 2.71 5.51
CA SER L 82 -3.53 2.34 4.13
C SER L 82 -4.62 2.75 3.15
N ILE L 83 -5.32 3.86 3.41
CA ILE L 83 -6.38 4.29 2.50
C ILE L 83 -5.79 4.99 1.29
N LEU L 84 -4.92 5.98 1.52
CA LEU L 84 -4.29 6.68 0.40
C LEU L 84 -3.48 5.73 -0.47
N ASN L 85 -2.76 4.80 0.17
CA ASN L 85 -1.99 3.82 -0.59
C ASN L 85 -2.89 2.96 -1.46
N ARG L 86 -4.02 2.52 -0.91
CA ARG L 86 -4.94 1.69 -1.70
C ARG L 86 -5.55 2.48 -2.85
N LYS L 87 -5.85 3.75 -2.61
CA LYS L 87 -6.37 4.58 -3.70
C LYS L 87 -5.34 4.78 -4.79
N ALA L 88 -4.07 4.92 -4.42
CA ALA L 88 -3.01 4.99 -5.42
C ALA L 88 -2.90 3.69 -6.20
N ILE L 89 -2.99 2.55 -5.49
CA ILE L 89 -2.93 1.25 -6.16
C ILE L 89 -4.07 1.10 -7.16
N ASP L 90 -5.29 1.49 -6.75
CA ASP L 90 -6.40 1.45 -7.69
C ASP L 90 -6.19 2.42 -8.85
N PHE L 91 -5.55 3.55 -8.58
CA PHE L 91 -5.24 4.51 -9.65
C PHE L 91 -4.32 3.87 -10.69
N LEU L 92 -3.33 3.10 -10.23
CA LEU L 92 -2.41 2.45 -11.17
C LEU L 92 -3.09 1.28 -11.89
N LEU L 93 -3.89 0.49 -11.16
CA LEU L 93 -4.58 -0.64 -11.76
C LEU L 93 -5.59 -0.19 -12.80
N GLN L 94 -6.17 1.01 -12.64
CA GLN L 94 -7.15 1.50 -13.59
C GLN L 94 -6.56 1.72 -14.97
N ARG L 95 -5.28 2.12 -15.03
CA ARG L 95 -4.61 2.40 -16.29
C ARG L 95 -3.79 1.22 -16.81
N TRP L 96 -3.08 0.51 -15.93
CA TRP L 96 -2.12 -0.50 -16.34
C TRP L 96 -2.45 -1.87 -15.79
N GLY L 97 -3.68 -2.09 -15.32
CA GLY L 97 -4.04 -3.40 -14.80
C GLY L 97 -4.13 -4.46 -15.89
N GLY L 98 -4.59 -4.07 -17.07
CA GLY L 98 -4.70 -4.98 -18.19
C GLY L 98 -3.82 -4.58 -19.35
N THR L 99 -3.98 -5.27 -20.49
CA THR L 99 -3.19 -4.95 -21.67
C THR L 99 -3.54 -3.55 -22.18
N CYS L 100 -2.49 -2.76 -22.44
CA CYS L 100 -2.63 -1.35 -22.79
C CYS L 100 -2.57 -1.24 -24.31
N HIS L 101 -3.73 -1.13 -24.95
CA HIS L 101 -3.80 -1.02 -26.40
C HIS L 101 -3.51 0.41 -26.84
N ILE L 102 -2.57 0.56 -27.77
CA ILE L 102 -2.13 1.90 -28.18
C ILE L 102 -3.31 2.67 -28.78
N LEU L 103 -3.42 3.94 -28.38
CA LEU L 103 -4.50 4.82 -28.83
C LEU L 103 -5.88 4.27 -28.46
N GLY L 104 -6.02 3.95 -27.17
CA GLY L 104 -7.29 3.51 -26.64
C GLY L 104 -7.74 4.37 -25.49
N PRO L 105 -9.03 4.28 -25.12
CA PRO L 105 -9.52 5.11 -24.02
C PRO L 105 -8.99 4.69 -22.66
N ASP L 106 -8.79 3.39 -22.44
CA ASP L 106 -8.25 2.90 -21.17
C ASP L 106 -6.75 2.70 -21.20
N CYS L 107 -6.06 3.26 -22.20
CA CYS L 107 -4.61 3.18 -22.30
C CYS L 107 -4.07 4.59 -22.45
N CYS L 108 -3.16 4.97 -21.56
CA CYS L 108 -2.59 6.32 -21.56
C CYS L 108 -1.20 6.25 -22.19
N ILE L 109 -1.13 6.43 -23.49
CA ILE L 109 0.15 6.43 -24.21
C ILE L 109 0.20 7.53 -25.26
#